data_1XJR
# 
_entry.id   1XJR 
# 
_audit_conform.dict_name       mmcif_pdbx.dic 
_audit_conform.dict_version    5.386 
_audit_conform.dict_location   http://mmcif.pdb.org/dictionaries/ascii/mmcif_pdbx.dic 
# 
loop_
_database_2.database_id 
_database_2.database_code 
_database_2.pdbx_database_accession 
_database_2.pdbx_DOI 
PDB   1XJR         pdb_00001xjr 10.2210/pdb1xjr/pdb 
NDB   UR0044       ?            ?                   
RCSB  RCSB030433   ?            ?                   
WWPDB D_1000030433 ?            ?                   
# 
loop_
_pdbx_audit_revision_history.ordinal 
_pdbx_audit_revision_history.data_content_type 
_pdbx_audit_revision_history.major_revision 
_pdbx_audit_revision_history.minor_revision 
_pdbx_audit_revision_history.revision_date 
1 'Structure model' 1 0 2005-02-01 
2 'Structure model' 1 1 2008-04-30 
3 'Structure model' 1 2 2011-07-13 
4 'Structure model' 1 3 2024-02-14 
# 
_pdbx_audit_revision_details.ordinal             1 
_pdbx_audit_revision_details.revision_ordinal    1 
_pdbx_audit_revision_details.data_content_type   'Structure model' 
_pdbx_audit_revision_details.provider            repository 
_pdbx_audit_revision_details.type                'Initial release' 
_pdbx_audit_revision_details.description         ? 
_pdbx_audit_revision_details.details             ? 
# 
loop_
_pdbx_audit_revision_group.ordinal 
_pdbx_audit_revision_group.revision_ordinal 
_pdbx_audit_revision_group.data_content_type 
_pdbx_audit_revision_group.group 
1 2 'Structure model' 'Version format compliance' 
2 3 'Structure model' 'Version format compliance' 
3 4 'Structure model' 'Data collection'           
4 4 'Structure model' 'Database references'       
5 4 'Structure model' 'Derived calculations'      
# 
loop_
_pdbx_audit_revision_category.ordinal 
_pdbx_audit_revision_category.revision_ordinal 
_pdbx_audit_revision_category.data_content_type 
_pdbx_audit_revision_category.category 
1 4 'Structure model' chem_comp_atom         
2 4 'Structure model' chem_comp_bond         
3 4 'Structure model' database_2             
4 4 'Structure model' pdbx_struct_conn_angle 
5 4 'Structure model' struct_conn            
6 4 'Structure model' struct_site            
# 
loop_
_pdbx_audit_revision_item.ordinal 
_pdbx_audit_revision_item.revision_ordinal 
_pdbx_audit_revision_item.data_content_type 
_pdbx_audit_revision_item.item 
1  4 'Structure model' '_database_2.pdbx_DOI'                        
2  4 'Structure model' '_database_2.pdbx_database_accession'         
3  4 'Structure model' '_pdbx_struct_conn_angle.ptnr1_auth_comp_id'  
4  4 'Structure model' '_pdbx_struct_conn_angle.ptnr1_auth_seq_id'   
5  4 'Structure model' '_pdbx_struct_conn_angle.ptnr1_label_asym_id' 
6  4 'Structure model' '_pdbx_struct_conn_angle.ptnr1_label_atom_id' 
7  4 'Structure model' '_pdbx_struct_conn_angle.ptnr1_label_comp_id' 
8  4 'Structure model' '_pdbx_struct_conn_angle.ptnr1_label_seq_id'  
9  4 'Structure model' '_pdbx_struct_conn_angle.ptnr3_auth_comp_id'  
10 4 'Structure model' '_pdbx_struct_conn_angle.ptnr3_auth_seq_id'   
11 4 'Structure model' '_pdbx_struct_conn_angle.ptnr3_label_asym_id' 
12 4 'Structure model' '_pdbx_struct_conn_angle.ptnr3_label_atom_id' 
13 4 'Structure model' '_pdbx_struct_conn_angle.ptnr3_label_comp_id' 
14 4 'Structure model' '_pdbx_struct_conn_angle.ptnr3_label_seq_id'  
15 4 'Structure model' '_pdbx_struct_conn_angle.value'               
16 4 'Structure model' '_struct_conn.pdbx_dist_value'                
17 4 'Structure model' '_struct_conn.pdbx_leaving_atom_flag'         
18 4 'Structure model' '_struct_conn.ptnr1_auth_comp_id'             
19 4 'Structure model' '_struct_conn.ptnr1_auth_seq_id'              
20 4 'Structure model' '_struct_conn.ptnr1_label_asym_id'            
21 4 'Structure model' '_struct_conn.ptnr1_label_atom_id'            
22 4 'Structure model' '_struct_conn.ptnr1_label_comp_id'            
23 4 'Structure model' '_struct_conn.ptnr1_label_seq_id'             
24 4 'Structure model' '_struct_conn.ptnr2_auth_comp_id'             
25 4 'Structure model' '_struct_conn.ptnr2_auth_seq_id'              
26 4 'Structure model' '_struct_conn.ptnr2_label_asym_id'            
27 4 'Structure model' '_struct_conn.ptnr2_label_atom_id'            
28 4 'Structure model' '_struct_conn.ptnr2_label_comp_id'            
29 4 'Structure model' '_struct_conn.ptnr2_label_seq_id'             
30 4 'Structure model' '_struct_site.pdbx_auth_asym_id'              
31 4 'Structure model' '_struct_site.pdbx_auth_comp_id'              
32 4 'Structure model' '_struct_site.pdbx_auth_seq_id'               
# 
_pdbx_database_status.status_code                     REL 
_pdbx_database_status.entry_id                        1XJR 
_pdbx_database_status.recvd_initial_deposition_date   2004-09-24 
_pdbx_database_status.deposit_site                    RCSB 
_pdbx_database_status.process_site                    RCSB 
_pdbx_database_status.status_code_sf                  REL 
_pdbx_database_status.status_code_mr                  ? 
_pdbx_database_status.SG_entry                        ? 
_pdbx_database_status.pdb_format_compatible           Y 
_pdbx_database_status.status_code_cs                  ? 
_pdbx_database_status.status_code_nmr_data            ? 
_pdbx_database_status.methods_development_category    ? 
# 
loop_
_audit_author.name 
_audit_author.pdbx_ordinal 
'Robertson, M.P.' 1 
'Igel, H.'        2 
'Baertsch, R.'    3 
'Haussler, D.'    4 
'Ares Jr., M.'    5 
'Scott, W.G.'     6 
# 
_citation.id                        primary 
_citation.title                     'The structure of a rigorously conserved RNA element within the SARS virus genome' 
_citation.journal_abbrev            'Plos Biol.' 
_citation.journal_volume            3 
_citation.page_first                86 
_citation.page_last                 94 
_citation.year                      2005 
_citation.journal_id_ASTM           ? 
_citation.country                   US 
_citation.journal_id_ISSN           1544-9173 
_citation.journal_id_CSD            ? 
_citation.book_publisher            ? 
_citation.pdbx_database_id_PubMed   15630477 
_citation.pdbx_database_id_DOI      10.1371/journal.pbio.0030005 
# 
loop_
_citation_author.citation_id 
_citation_author.name 
_citation_author.ordinal 
_citation_author.identifier_ORCID 
primary 'Robertson, M.P.' 1 ? 
primary 'Igel, H.'        2 ? 
primary 'Baertsch, R.'    3 ? 
primary 'Haussler, D.'    4 ? 
primary 'Ares Jr., M.'    5 ? 
primary 'Scott, W.G.'     6 ? 
# 
loop_
_entity.id 
_entity.type 
_entity.src_method 
_entity.pdbx_description 
_entity.formula_weight 
_entity.pdbx_number_of_molecules 
_entity.pdbx_ec 
_entity.pdbx_mutation 
_entity.pdbx_fragment 
_entity.details 
1 polymer     syn 's2m RNA'       15435.109 1  ? ? ? ? 
2 non-polymer syn 'MAGNESIUM ION' 24.305    2  ? ? ? ? 
3 water       nat water           18.015    11 ? ? ? ? 
# 
_entity_poly.entity_id                      1 
_entity_poly.type                           polyribonucleotide 
_entity_poly.nstd_linkage                   no 
_entity_poly.nstd_monomer                   yes 
_entity_poly.pdbx_seq_one_letter_code       '(GTP)GAGUUCACCGAGGCCACGCGGAGUACGAUCGAGGGUACAGUGAAUU' 
_entity_poly.pdbx_seq_one_letter_code_can   GGAGUUCACCGAGGCCACGCGGAGUACGAUCGAGGGUACAGUGAAUU 
_entity_poly.pdbx_strand_id                 A 
_entity_poly.pdbx_target_identifier         ? 
# 
loop_
_pdbx_entity_nonpoly.entity_id 
_pdbx_entity_nonpoly.name 
_pdbx_entity_nonpoly.comp_id 
2 'MAGNESIUM ION' MG  
3 water           HOH 
# 
loop_
_entity_poly_seq.entity_id 
_entity_poly_seq.num 
_entity_poly_seq.mon_id 
_entity_poly_seq.hetero 
1 1  GTP n 
1 2  G   n 
1 3  A   n 
1 4  G   n 
1 5  U   n 
1 6  U   n 
1 7  C   n 
1 8  A   n 
1 9  C   n 
1 10 C   n 
1 11 G   n 
1 12 A   n 
1 13 G   n 
1 14 G   n 
1 15 C   n 
1 16 C   n 
1 17 A   n 
1 18 C   n 
1 19 G   n 
1 20 C   n 
1 21 G   n 
1 22 G   n 
1 23 A   n 
1 24 G   n 
1 25 U   n 
1 26 A   n 
1 27 C   n 
1 28 G   n 
1 29 A   n 
1 30 U   n 
1 31 C   n 
1 32 G   n 
1 33 A   n 
1 34 G   n 
1 35 G   n 
1 36 G   n 
1 37 U   n 
1 38 A   n 
1 39 C   n 
1 40 A   n 
1 41 G   n 
1 42 U   n 
1 43 G   n 
1 44 A   n 
1 45 A   n 
1 46 U   n 
1 47 U   n 
# 
_pdbx_entity_src_syn.entity_id              1 
_pdbx_entity_src_syn.pdbx_src_id            1 
_pdbx_entity_src_syn.pdbx_alt_source_flag   sample 
_pdbx_entity_src_syn.pdbx_beg_seq_num       ? 
_pdbx_entity_src_syn.pdbx_end_seq_num       ? 
_pdbx_entity_src_syn.organism_scientific    ? 
_pdbx_entity_src_syn.organism_common_name   ? 
_pdbx_entity_src_syn.ncbi_taxonomy_id       ? 
_pdbx_entity_src_syn.details                'In vitro transcription from T7 RNA polymerase and DNA template' 
# 
loop_
_chem_comp.id 
_chem_comp.type 
_chem_comp.mon_nstd_flag 
_chem_comp.name 
_chem_comp.pdbx_synonyms 
_chem_comp.formula 
_chem_comp.formula_weight 
A   'RNA linking' y "ADENOSINE-5'-MONOPHOSPHATE" ? 'C10 H14 N5 O7 P'   347.221 
C   'RNA linking' y "CYTIDINE-5'-MONOPHOSPHATE"  ? 'C9 H14 N3 O8 P'    323.197 
G   'RNA linking' y "GUANOSINE-5'-MONOPHOSPHATE" ? 'C10 H14 N5 O8 P'   363.221 
GTP non-polymer   n "GUANOSINE-5'-TRIPHOSPHATE"  ? 'C10 H16 N5 O14 P3' 523.180 
HOH non-polymer   . WATER                        ? 'H2 O'              18.015  
MG  non-polymer   . 'MAGNESIUM ION'              ? 'Mg 2'              24.305  
U   'RNA linking' y "URIDINE-5'-MONOPHOSPHATE"   ? 'C9 H13 N2 O9 P'    324.181 
# 
loop_
_pdbx_poly_seq_scheme.asym_id 
_pdbx_poly_seq_scheme.entity_id 
_pdbx_poly_seq_scheme.seq_id 
_pdbx_poly_seq_scheme.mon_id 
_pdbx_poly_seq_scheme.ndb_seq_num 
_pdbx_poly_seq_scheme.pdb_seq_num 
_pdbx_poly_seq_scheme.auth_seq_num 
_pdbx_poly_seq_scheme.pdb_mon_id 
_pdbx_poly_seq_scheme.auth_mon_id 
_pdbx_poly_seq_scheme.pdb_strand_id 
_pdbx_poly_seq_scheme.pdb_ins_code 
_pdbx_poly_seq_scheme.hetero 
A 1 1  GTP 1  1  1  GTP GTP A . n 
A 1 2  G   2  2  2  G   G   A . n 
A 1 3  A   3  3  3  A   A   A . n 
A 1 4  G   4  4  4  G   G   A . n 
A 1 5  U   5  5  5  U   U   A . n 
A 1 6  U   6  6  6  U   U   A . n 
A 1 7  C   7  7  7  C   C   A . n 
A 1 8  A   8  8  8  A   A   A . n 
A 1 9  C   9  9  9  C   C   A . n 
A 1 10 C   10 10 10 C   C   A . n 
A 1 11 G   11 11 11 G   G   A . n 
A 1 12 A   12 12 12 A   A   A . n 
A 1 13 G   13 13 13 G   G   A . n 
A 1 14 G   14 14 14 G   G   A . n 
A 1 15 C   15 15 15 C   C   A . n 
A 1 16 C   16 16 16 C   C   A . n 
A 1 17 A   17 17 17 A   A   A . n 
A 1 18 C   18 18 18 C   C   A . n 
A 1 19 G   19 19 19 G   G   A . n 
A 1 20 C   20 20 20 C   C   A . n 
A 1 21 G   21 21 21 G   G   A . n 
A 1 22 G   22 22 22 G   G   A . n 
A 1 23 A   23 23 23 A   A   A . n 
A 1 24 G   24 24 24 G   G   A . n 
A 1 25 U   25 25 25 U   U   A . n 
A 1 26 A   26 26 26 A   A   A . n 
A 1 27 C   27 27 27 C   C   A . n 
A 1 28 G   28 28 28 G   G   A . n 
A 1 29 A   29 29 29 A   A   A . n 
A 1 30 U   30 30 30 U   U   A . n 
A 1 31 C   31 31 31 C   C   A . n 
A 1 32 G   32 32 32 G   G   A . n 
A 1 33 A   33 33 33 A   A   A . n 
A 1 34 G   34 34 34 G   G   A . n 
A 1 35 G   35 35 35 G   G   A . n 
A 1 36 G   36 36 36 G   G   A . n 
A 1 37 U   37 37 37 U   U   A . n 
A 1 38 A   38 38 38 A   A   A . n 
A 1 39 C   39 39 39 C   C   A . n 
A 1 40 A   40 40 40 A   A   A . n 
A 1 41 G   41 41 41 G   G   A . n 
A 1 42 U   42 42 42 U   U   A . n 
A 1 43 G   43 43 43 G   G   A . n 
A 1 44 A   44 44 44 A   A   A . n 
A 1 45 A   45 45 45 A   A   A . n 
A 1 46 U   46 46 46 U   U   A . n 
A 1 47 U   47 47 47 U   U   A . n 
# 
loop_
_pdbx_nonpoly_scheme.asym_id 
_pdbx_nonpoly_scheme.entity_id 
_pdbx_nonpoly_scheme.mon_id 
_pdbx_nonpoly_scheme.ndb_seq_num 
_pdbx_nonpoly_scheme.pdb_seq_num 
_pdbx_nonpoly_scheme.auth_seq_num 
_pdbx_nonpoly_scheme.pdb_mon_id 
_pdbx_nonpoly_scheme.auth_mon_id 
_pdbx_nonpoly_scheme.pdb_strand_id 
_pdbx_nonpoly_scheme.pdb_ins_code 
B 2 MG  1  101 101 MG  MO5 A . 
C 2 MG  1  201 201 MG  MO5 A . 
D 3 HOH 1  202 100 HOH HOH A . 
D 3 HOH 2  203 101 HOH MO5 A . 
D 3 HOH 3  204 101 HOH MO5 A . 
D 3 HOH 4  205 101 HOH MO5 A . 
D 3 HOH 5  206 101 HOH MO5 A . 
D 3 HOH 6  207 101 HOH MO5 A . 
D 3 HOH 7  208 201 HOH MO5 A . 
D 3 HOH 8  209 201 HOH MO5 A . 
D 3 HOH 9  210 201 HOH MO5 A . 
D 3 HOH 10 211 201 HOH MO5 A . 
D 3 HOH 11 212 201 HOH MO5 A . 
# 
loop_
_software.name 
_software.classification 
_software.version 
_software.citation_id 
_software.pdbx_ordinal 
REFMAC refinement       5.2.0003  ? 1 
MOSFLM 'data reduction' .         ? 2 
CCP4   'data scaling'   '(SCALA)' ? 3 
CNS    phasing          .         ? 4 
# 
_cell.entry_id           1XJR 
_cell.length_a           93.218 
_cell.length_b           93.218 
_cell.length_c           128.109 
_cell.angle_alpha        90.00 
_cell.angle_beta         90.00 
_cell.angle_gamma        120.00 
_cell.Z_PDB              12 
_cell.pdbx_unique_axis   ? 
_cell.length_a_esd       ? 
_cell.length_b_esd       ? 
_cell.length_c_esd       ? 
_cell.angle_alpha_esd    ? 
_cell.angle_beta_esd     ? 
_cell.angle_gamma_esd    ? 
# 
_symmetry.entry_id                         1XJR 
_symmetry.space_group_name_H-M             'P 65 2 2' 
_symmetry.pdbx_full_space_group_name_H-M   ? 
_symmetry.cell_setting                     ? 
_symmetry.Int_Tables_number                179 
_symmetry.space_group_name_Hall            ? 
# 
_exptl.entry_id          1XJR 
_exptl.method            'X-RAY DIFFRACTION' 
_exptl.crystals_number   1 
# 
_exptl_crystal.id                    1 
_exptl_crystal.density_meas          ? 
_exptl_crystal.density_Matthews      5.20 
_exptl_crystal.density_percent_sol   73 
_exptl_crystal.description           ? 
_exptl_crystal.F_000                 ? 
_exptl_crystal.preparation           ? 
# 
_exptl_crystal_grow.crystal_id      1 
_exptl_crystal_grow.method          'VAPOR DIFFUSION, HANGING DROP' 
_exptl_crystal_grow.temp            293 
_exptl_crystal_grow.temp_details    ? 
_exptl_crystal_grow.pH              7 
_exptl_crystal_grow.pdbx_details    
;4.5 mg/ml s2m RNA in 30 mM Tris, pH 7.6, 100 mM NaCl and 60 mM MgCl2  and 50 mM MES, pH 5.6, 100 mM Mg(OAc)-2 and 20% MPD , VAPOR DIFFUSION, HANGING DROP, temperature 293K
;
_exptl_crystal_grow.pdbx_pH_range   . 
# 
loop_
_exptl_crystal_grow_comp.crystal_id 
_exptl_crystal_grow_comp.id 
_exptl_crystal_grow_comp.sol_id 
_exptl_crystal_grow_comp.name 
_exptl_crystal_grow_comp.volume 
_exptl_crystal_grow_comp.conc 
_exptl_crystal_grow_comp.details 
1 1  1 Tris        ? ? ? 
1 2  1 NaCl        ? ? ? 
1 3  1 MgCl2       ? ? ? 
1 4  1 MES         ? ? ? 
1 5  1 'Mg(OAc)-2' ? ? ? 
1 6  1 MPD         ? ? ? 
1 7  2 NaCl        ? ? ? 
1 8  2 MgCl2       ? ? ? 
1 9  2 MES         ? ? ? 
1 10 2 MPD         ? ? ? 
# 
_diffrn.id                     1 
_diffrn.ambient_temp           100 
_diffrn.ambient_temp_details   ? 
_diffrn.crystal_id             1 
# 
_diffrn_detector.diffrn_id              1 
_diffrn_detector.detector               CCD 
_diffrn_detector.type                   'ADSC QUANTUM 4' 
_diffrn_detector.pdbx_collection_date   2004-05-05 
_diffrn_detector.details                ? 
# 
_diffrn_radiation.diffrn_id                        1 
_diffrn_radiation.wavelength_id                    1 
_diffrn_radiation.pdbx_monochromatic_or_laue_m_l   M 
_diffrn_radiation.monochromator                    ? 
_diffrn_radiation.pdbx_diffrn_protocol             'SINGLE WAVELENGTH' 
_diffrn_radiation.pdbx_scattering_type             x-ray 
# 
_diffrn_radiation_wavelength.id           1 
_diffrn_radiation_wavelength.wavelength   0.98 
_diffrn_radiation_wavelength.wt           1.0 
# 
_diffrn_source.diffrn_id                   1 
_diffrn_source.source                      SYNCHROTRON 
_diffrn_source.type                        'SSRL BEAMLINE BL9-1' 
_diffrn_source.pdbx_synchrotron_site       SSRL 
_diffrn_source.pdbx_synchrotron_beamline   BL9-1 
_diffrn_source.pdbx_wavelength             ? 
_diffrn_source.pdbx_wavelength_list        0.98 
# 
_reflns.entry_id                     1XJR 
_reflns.observed_criterion_sigma_F   0.0 
_reflns.observed_criterion_sigma_I   -999. 
_reflns.d_resolution_high            2.7 
_reflns.d_resolution_low             80.85 
_reflns.number_all                   9554 
_reflns.number_obs                   9497 
_reflns.percent_possible_obs         99.4 
_reflns.pdbx_Rmerge_I_obs            0.056 
_reflns.pdbx_Rsym_value              0.052 
_reflns.pdbx_netI_over_sigmaI        31.3 
_reflns.B_iso_Wilson_estimate        ? 
_reflns.pdbx_redundancy              13.4 
_reflns.R_free_details               ? 
_reflns.pdbx_chi_squared             ? 
_reflns.pdbx_scaling_rejects         ? 
_reflns.pdbx_diffrn_id               1 
_reflns.pdbx_ordinal                 1 
# 
_reflns_shell.d_res_high             2.7 
_reflns_shell.d_res_low              2.85 
_reflns_shell.percent_possible_all   99.7 
_reflns_shell.Rmerge_I_obs           0.465 
_reflns_shell.pdbx_Rsym_value        0.434 
_reflns_shell.meanI_over_sigI_obs    6.5 
_reflns_shell.pdbx_redundancy        13.8 
_reflns_shell.percent_possible_obs   ? 
_reflns_shell.number_unique_all      1352 
_reflns_shell.number_measured_all    ? 
_reflns_shell.number_measured_obs    ? 
_reflns_shell.number_unique_obs      ? 
_reflns_shell.pdbx_chi_squared       ? 
_reflns_shell.pdbx_diffrn_id         ? 
_reflns_shell.pdbx_ordinal           1 
# 
_refine.entry_id                                 1XJR 
_refine.ls_number_reflns_obs                     8516 
_refine.ls_number_reflns_all                     8516 
_refine.pdbx_ls_sigma_I                          0.0 
_refine.pdbx_ls_sigma_F                          0.0 
_refine.pdbx_data_cutoff_high_absF               ? 
_refine.pdbx_data_cutoff_low_absF                ? 
_refine.pdbx_data_cutoff_high_rms_absF           ? 
_refine.ls_d_res_low                             80.85 
_refine.ls_d_res_high                            2.70 
_refine.ls_percent_reflns_obs                    98.97 
_refine.ls_R_factor_obs                          0.2325 
_refine.ls_R_factor_all                          0.2325 
_refine.ls_R_factor_R_work                       0.23136 
_refine.ls_R_factor_R_free                       0.24326 
_refine.ls_R_factor_R_free_error                 ? 
_refine.ls_R_factor_R_free_error_details         ? 
_refine.ls_percent_reflns_R_free                 10.0 
_refine.ls_number_reflns_R_free                  943 
_refine.ls_number_parameters                     ? 
_refine.ls_number_restraints                     ? 
_refine.occupancy_min                            ? 
_refine.occupancy_max                            ? 
_refine.correlation_coeff_Fo_to_Fc               0.913 
_refine.correlation_coeff_Fo_to_Fc_free          0.911 
_refine.B_iso_mean                               75.177 
_refine.aniso_B[1][1]                            0.06 
_refine.aniso_B[2][2]                            0.06 
_refine.aniso_B[3][3]                            -0.10 
_refine.aniso_B[1][2]                            0.03 
_refine.aniso_B[1][3]                            0.00 
_refine.aniso_B[2][3]                            0.00 
_refine.solvent_model_details                    'BABINET MODEL WITH MASK' 
_refine.solvent_model_param_ksol                 ? 
_refine.solvent_model_param_bsol                 ? 
_refine.pdbx_solvent_vdw_probe_radii             1.40 
_refine.pdbx_solvent_ion_probe_radii             0.80 
_refine.pdbx_solvent_shrinkage_radii             0.80 
_refine.pdbx_ls_cross_valid_method               THROUGHOUT 
_refine.details                                  ? 
_refine.pdbx_starting_model                      ? 
_refine.pdbx_method_to_determine_struct          'MOLECULAR REPLACEMENT' 
_refine.pdbx_isotropic_thermal_model             Isotropic 
_refine.pdbx_stereochemistry_target_values       ? 
_refine.pdbx_stereochem_target_val_spec_case     ? 
_refine.pdbx_R_Free_selection_details            RANDOM 
_refine.pdbx_overall_ESU_R                       0.316 
_refine.pdbx_overall_ESU_R_Free                  0.238 
_refine.overall_SU_ML                            0.155 
_refine.overall_SU_B                             16.978 
_refine.ls_redundancy_reflns_obs                 ? 
_refine.overall_SU_R_Cruickshank_DPI             ? 
_refine.overall_SU_R_free                        ? 
_refine.ls_wR_factor_R_free                      ? 
_refine.ls_wR_factor_R_work                      ? 
_refine.overall_FOM_free_R_set                   ? 
_refine.overall_FOM_work_R_set                   ? 
_refine.pdbx_refine_id                           'X-RAY DIFFRACTION' 
_refine.pdbx_diffrn_id                           1 
_refine.pdbx_TLS_residual_ADP_flag               ? 
_refine.pdbx_overall_phase_error                 ? 
_refine.pdbx_overall_SU_R_free_Cruickshank_DPI   ? 
_refine.pdbx_overall_SU_R_Blow_DPI               ? 
_refine.pdbx_overall_SU_R_free_Blow_DPI          ? 
# 
_refine_analyze.entry_id                        1XJR 
_refine_analyze.Luzzati_coordinate_error_obs    0.316 
_refine_analyze.Luzzati_sigma_a_obs             0.155 
_refine_analyze.Luzzati_d_res_low_obs           ? 
_refine_analyze.Luzzati_coordinate_error_free   0.238 
_refine_analyze.Luzzati_sigma_a_free            ? 
_refine_analyze.Luzzati_d_res_low_free          ? 
_refine_analyze.number_disordered_residues      ? 
_refine_analyze.occupancy_sum_non_hydrogen      ? 
_refine_analyze.occupancy_sum_hydrogen          ? 
_refine_analyze.pdbx_refine_id                  'X-RAY DIFFRACTION' 
# 
_refine_hist.pdbx_refine_id                   'X-RAY DIFFRACTION' 
_refine_hist.cycle_id                         LAST 
_refine_hist.pdbx_number_atoms_protein        0 
_refine_hist.pdbx_number_atoms_nucleic_acid   1024 
_refine_hist.pdbx_number_atoms_ligand         12 
_refine_hist.number_atoms_solvent             1 
_refine_hist.number_atoms_total               1037 
_refine_hist.d_res_high                       2.70 
_refine_hist.d_res_low                        80.85 
# 
loop_
_refine_ls_restr.type 
_refine_ls_restr.dev_ideal 
_refine_ls_restr.dev_ideal_target 
_refine_ls_restr.weight 
_refine_ls_restr.number 
_refine_ls_restr.pdbx_refine_id 
_refine_ls_restr.pdbx_restraint_function 
r_bond_refined_d       0.010 0.021 ? 1157 'X-RAY DIFFRACTION' ? 
r_angle_refined_deg    1.924 3.000 ? 1806 'X-RAY DIFFRACTION' ? 
r_chiral_restr         0.078 0.200 ? 234  'X-RAY DIFFRACTION' ? 
r_gen_planes_refined   0.008 0.020 ? 498  'X-RAY DIFFRACTION' ? 
r_nbd_refined          0.169 0.200 ? 393  'X-RAY DIFFRACTION' ? 
r_nbtor_refined        0.277 0.200 ? 683  'X-RAY DIFFRACTION' ? 
r_xyhbond_nbd_refined  0.150 0.200 ? 40   'X-RAY DIFFRACTION' ? 
r_metal_ion_refined    0.019 0.200 ? 1    'X-RAY DIFFRACTION' ? 
r_symmetry_vdw_refined 0.136 0.200 ? 7    'X-RAY DIFFRACTION' ? 
r_scbond_it            1.075 3.000 ? 1672 'X-RAY DIFFRACTION' ? 
r_scangle_it           1.757 4.500 ? 1802 'X-RAY DIFFRACTION' ? 
# 
_refine_ls_shell.pdbx_total_number_of_bins_used   20 
_refine_ls_shell.d_res_high                       2.701 
_refine_ls_shell.d_res_low                        2.771 
_refine_ls_shell.number_reflns_R_work             614 
_refine_ls_shell.R_factor_R_work                  0.41 
_refine_ls_shell.percent_reflns_obs               99.42 
_refine_ls_shell.R_factor_R_free                  0.449 
_refine_ls_shell.R_factor_R_free_error            ? 
_refine_ls_shell.percent_reflns_R_free            ? 
_refine_ls_shell.number_reflns_R_free             72 
_refine_ls_shell.redundancy_reflns_obs            ? 
_refine_ls_shell.number_reflns_all                ? 
_refine_ls_shell.number_reflns_obs                ? 
_refine_ls_shell.R_factor_all                     ? 
_refine_ls_shell.pdbx_refine_id                   'X-RAY DIFFRACTION' 
# 
_struct.entry_id                  1XJR 
_struct.title                     'The Structure of a Rigorously Conserved RNA Element Within the SARS Virus Genome' 
_struct.pdbx_model_details        ? 
_struct.pdbx_CASP_flag            ? 
_struct.pdbx_model_type_details   ? 
# 
_struct_keywords.entry_id        1XJR 
_struct_keywords.pdbx_keywords   RNA 
_struct_keywords.text            'RNA, GNRA, 530-like loop, s2m, stem-loop, purine bulge, SARS' 
# 
loop_
_struct_asym.id 
_struct_asym.pdbx_blank_PDB_chainid_flag 
_struct_asym.pdbx_modified 
_struct_asym.entity_id 
_struct_asym.details 
A N N 1 ? 
B N N 2 ? 
C N N 2 ? 
D N N 3 ? 
# 
_struct_ref.id                         1 
_struct_ref.entity_id                  1 
_struct_ref.db_name                    PDB 
_struct_ref.db_code                    1XJR 
_struct_ref.pdbx_db_accession          1XJR 
_struct_ref.pdbx_db_isoform            ? 
_struct_ref.pdbx_seq_one_letter_code   ? 
_struct_ref.pdbx_align_begin           ? 
# 
_struct_ref_seq.align_id                      1 
_struct_ref_seq.ref_id                        1 
_struct_ref_seq.pdbx_PDB_id_code              1XJR 
_struct_ref_seq.pdbx_strand_id                A 
_struct_ref_seq.seq_align_beg                 1 
_struct_ref_seq.pdbx_seq_align_beg_ins_code   ? 
_struct_ref_seq.seq_align_end                 47 
_struct_ref_seq.pdbx_seq_align_end_ins_code   ? 
_struct_ref_seq.pdbx_db_accession             1XJR 
_struct_ref_seq.db_align_beg                  1 
_struct_ref_seq.pdbx_db_align_beg_ins_code    ? 
_struct_ref_seq.db_align_end                  47 
_struct_ref_seq.pdbx_db_align_end_ins_code    ? 
_struct_ref_seq.pdbx_auth_seq_align_beg       1 
_struct_ref_seq.pdbx_auth_seq_align_end       47 
# 
_pdbx_struct_assembly.id                   1 
_pdbx_struct_assembly.details              author_defined_assembly 
_pdbx_struct_assembly.method_details       ? 
_pdbx_struct_assembly.oligomeric_details   monomeric 
_pdbx_struct_assembly.oligomeric_count     1 
# 
_pdbx_struct_assembly_gen.assembly_id       1 
_pdbx_struct_assembly_gen.oper_expression   1 
_pdbx_struct_assembly_gen.asym_id_list      A,B,C,D 
# 
_pdbx_struct_oper_list.id                   1 
_pdbx_struct_oper_list.type                 'identity operation' 
_pdbx_struct_oper_list.name                 1_555 
_pdbx_struct_oper_list.symmetry_operation   x,y,z 
_pdbx_struct_oper_list.matrix[1][1]         1.0000000000 
_pdbx_struct_oper_list.matrix[1][2]         0.0000000000 
_pdbx_struct_oper_list.matrix[1][3]         0.0000000000 
_pdbx_struct_oper_list.vector[1]            0.0000000000 
_pdbx_struct_oper_list.matrix[2][1]         0.0000000000 
_pdbx_struct_oper_list.matrix[2][2]         1.0000000000 
_pdbx_struct_oper_list.matrix[2][3]         0.0000000000 
_pdbx_struct_oper_list.vector[2]            0.0000000000 
_pdbx_struct_oper_list.matrix[3][1]         0.0000000000 
_pdbx_struct_oper_list.matrix[3][2]         0.0000000000 
_pdbx_struct_oper_list.matrix[3][3]         1.0000000000 
_pdbx_struct_oper_list.vector[3]            0.0000000000 
# 
loop_
_struct_conn.id 
_struct_conn.conn_type_id 
_struct_conn.pdbx_leaving_atom_flag 
_struct_conn.pdbx_PDB_id 
_struct_conn.ptnr1_label_asym_id 
_struct_conn.ptnr1_label_comp_id 
_struct_conn.ptnr1_label_seq_id 
_struct_conn.ptnr1_label_atom_id 
_struct_conn.pdbx_ptnr1_label_alt_id 
_struct_conn.pdbx_ptnr1_PDB_ins_code 
_struct_conn.pdbx_ptnr1_standard_comp_id 
_struct_conn.ptnr1_symmetry 
_struct_conn.ptnr2_label_asym_id 
_struct_conn.ptnr2_label_comp_id 
_struct_conn.ptnr2_label_seq_id 
_struct_conn.ptnr2_label_atom_id 
_struct_conn.pdbx_ptnr2_label_alt_id 
_struct_conn.pdbx_ptnr2_PDB_ins_code 
_struct_conn.ptnr1_auth_asym_id 
_struct_conn.ptnr1_auth_comp_id 
_struct_conn.ptnr1_auth_seq_id 
_struct_conn.ptnr2_auth_asym_id 
_struct_conn.ptnr2_auth_comp_id 
_struct_conn.ptnr2_auth_seq_id 
_struct_conn.ptnr2_symmetry 
_struct_conn.pdbx_ptnr3_label_atom_id 
_struct_conn.pdbx_ptnr3_label_seq_id 
_struct_conn.pdbx_ptnr3_label_comp_id 
_struct_conn.pdbx_ptnr3_label_asym_id 
_struct_conn.pdbx_ptnr3_label_alt_id 
_struct_conn.pdbx_ptnr3_PDB_ins_code 
_struct_conn.details 
_struct_conn.pdbx_dist_value 
_struct_conn.pdbx_value_order 
_struct_conn.pdbx_role 
covale1  covale both ? A GTP 1  "O3'" ? ? ? 1_555 A G   2  P  ? ? A GTP 1   A G   2   1_555 ? ? ? ? ? ? ?             1.593 ? ? 
metalc1  metalc ?    ? A A   12 OP1   ? ? ? 1_555 B MG  .  MG ? ? A A   12  A MG  101 1_555 ? ? ? ? ? ? ?             2.205 ? ? 
metalc2  metalc ?    ? A A   12 OP2   ? ? ? 1_555 C MG  .  MG ? ? A A   12  A MG  201 1_555 ? ? ? ? ? ? ?             1.971 ? ? 
metalc3  metalc ?    ? B MG  .  MG    ? ? ? 1_555 D HOH .  O  ? ? A MG  101 A HOH 203 1_555 ? ? ? ? ? ? ?             2.101 ? ? 
metalc4  metalc ?    ? B MG  .  MG    ? ? ? 1_555 D HOH .  O  ? ? A MG  101 A HOH 204 1_555 ? ? ? ? ? ? ?             2.116 ? ? 
metalc5  metalc ?    ? B MG  .  MG    ? ? ? 1_555 D HOH .  O  ? ? A MG  101 A HOH 205 1_555 ? ? ? ? ? ? ?             2.103 ? ? 
metalc6  metalc ?    ? B MG  .  MG    ? ? ? 1_555 D HOH .  O  ? ? A MG  101 A HOH 206 1_555 ? ? ? ? ? ? ?             2.068 ? ? 
metalc7  metalc ?    ? B MG  .  MG    ? ? ? 1_555 D HOH .  O  ? ? A MG  101 A HOH 207 1_555 ? ? ? ? ? ? ?             2.094 ? ? 
metalc8  metalc ?    ? C MG  .  MG    ? ? ? 1_555 D HOH .  O  ? ? A MG  201 A HOH 208 1_555 ? ? ? ? ? ? ?             2.084 ? ? 
metalc9  metalc ?    ? C MG  .  MG    ? ? ? 1_555 D HOH .  O  ? ? A MG  201 A HOH 209 1_555 ? ? ? ? ? ? ?             2.100 ? ? 
metalc10 metalc ?    ? C MG  .  MG    ? ? ? 1_555 D HOH .  O  ? ? A MG  201 A HOH 210 1_555 ? ? ? ? ? ? ?             2.073 ? ? 
metalc11 metalc ?    ? C MG  .  MG    ? ? ? 1_555 D HOH .  O  ? ? A MG  201 A HOH 211 1_555 ? ? ? ? ? ? ?             2.088 ? ? 
metalc12 metalc ?    ? C MG  .  MG    ? ? ? 1_555 D HOH .  O  ? ? A MG  201 A HOH 212 1_555 ? ? ? ? ? ? ?             2.072 ? ? 
hydrog1  hydrog ?    ? A A   3  N1    ? ? ? 1_555 A U   47 N3 ? ? A A   3   A U   47  1_555 ? ? ? ? ? ? WATSON-CRICK  ?     ? ? 
hydrog2  hydrog ?    ? A A   3  N6    ? ? ? 1_555 A U   47 O4 ? ? A A   3   A U   47  1_555 ? ? ? ? ? ? WATSON-CRICK  ?     ? ? 
hydrog3  hydrog ?    ? A G   4  N1    ? ? ? 1_555 A U   46 O2 ? ? A G   4   A U   46  1_555 ? ? ? ? ? ? TYPE_28_PAIR  ?     ? ? 
hydrog4  hydrog ?    ? A G   4  O6    ? ? ? 1_555 A U   46 N3 ? ? A G   4   A U   46  1_555 ? ? ? ? ? ? TYPE_28_PAIR  ?     ? ? 
hydrog5  hydrog ?    ? A U   5  N3    ? ? ? 1_555 A A   45 N1 ? ? A U   5   A A   45  1_555 ? ? ? ? ? ? WATSON-CRICK  ?     ? ? 
hydrog6  hydrog ?    ? A U   5  O4    ? ? ? 1_555 A A   45 N6 ? ? A U   5   A A   45  1_555 ? ? ? ? ? ? WATSON-CRICK  ?     ? ? 
hydrog7  hydrog ?    ? A U   6  N3    ? ? ? 1_555 A A   44 N1 ? ? A U   6   A A   44  1_555 ? ? ? ? ? ? WATSON-CRICK  ?     ? ? 
hydrog8  hydrog ?    ? A U   6  O4    ? ? ? 1_555 A A   44 N6 ? ? A U   6   A A   44  1_555 ? ? ? ? ? ? WATSON-CRICK  ?     ? ? 
hydrog9  hydrog ?    ? A C   7  N3    ? ? ? 1_555 A G   43 N1 ? ? A C   7   A G   43  1_555 ? ? ? ? ? ? WATSON-CRICK  ?     ? ? 
hydrog10 hydrog ?    ? A C   7  N4    ? ? ? 1_555 A G   43 O6 ? ? A C   7   A G   43  1_555 ? ? ? ? ? ? WATSON-CRICK  ?     ? ? 
hydrog11 hydrog ?    ? A C   7  O2    ? ? ? 1_555 A G   43 N2 ? ? A C   7   A G   43  1_555 ? ? ? ? ? ? WATSON-CRICK  ?     ? ? 
hydrog12 hydrog ?    ? A A   8  N1    ? ? ? 1_555 A U   42 N3 ? ? A A   8   A U   42  1_555 ? ? ? ? ? ? WATSON-CRICK  ?     ? ? 
hydrog13 hydrog ?    ? A A   8  N6    ? ? ? 1_555 A U   42 O4 ? ? A A   8   A U   42  1_555 ? ? ? ? ? ? WATSON-CRICK  ?     ? ? 
hydrog14 hydrog ?    ? A C   9  N3    ? ? ? 1_555 A G   41 N1 ? ? A C   9   A G   41  1_555 ? ? ? ? ? ? WATSON-CRICK  ?     ? ? 
hydrog15 hydrog ?    ? A C   9  N4    ? ? ? 1_555 A G   41 O6 ? ? A C   9   A G   41  1_555 ? ? ? ? ? ? WATSON-CRICK  ?     ? ? 
hydrog16 hydrog ?    ? A C   9  O2    ? ? ? 1_555 A G   41 N2 ? ? A C   9   A G   41  1_555 ? ? ? ? ? ? WATSON-CRICK  ?     ? ? 
hydrog17 hydrog ?    ? A C   10 O2    ? ? ? 1_555 A A   40 N6 ? ? A C   10  A A   40  1_555 ? ? ? ? ? ? 'C-A MISPAIR' ?     ? ? 
hydrog18 hydrog ?    ? A G   11 N2    ? ? ? 1_555 A A   33 N1 ? ? A G   11  A A   33  1_555 ? ? ? ? ? ? 'G-A MISPAIR' ?     ? ? 
hydrog19 hydrog ?    ? A G   13 N1    ? ? ? 1_555 A C   39 N3 ? ? A G   13  A C   39  1_555 ? ? ? ? ? ? WATSON-CRICK  ?     ? ? 
hydrog20 hydrog ?    ? A G   13 N2    ? ? ? 1_555 A C   39 O2 ? ? A G   13  A C   39  1_555 ? ? ? ? ? ? WATSON-CRICK  ?     ? ? 
hydrog21 hydrog ?    ? A G   13 O6    ? ? ? 1_555 A C   39 N4 ? ? A G   13  A C   39  1_555 ? ? ? ? ? ? WATSON-CRICK  ?     ? ? 
hydrog22 hydrog ?    ? A G   14 N1    ? ? ? 1_555 A U   37 O2 ? ? A G   14  A U   37  1_555 ? ? ? ? ? ? TYPE_28_PAIR  ?     ? ? 
hydrog23 hydrog ?    ? A G   14 O6    ? ? ? 1_555 A U   37 N3 ? ? A G   14  A U   37  1_555 ? ? ? ? ? ? TYPE_28_PAIR  ?     ? ? 
hydrog24 hydrog ?    ? A C   15 N3    ? ? ? 1_555 A G   36 N1 ? ? A C   15  A G   36  1_555 ? ? ? ? ? ? WATSON-CRICK  ?     ? ? 
hydrog25 hydrog ?    ? A C   15 N4    ? ? ? 1_555 A G   36 O6 ? ? A C   15  A G   36  1_555 ? ? ? ? ? ? WATSON-CRICK  ?     ? ? 
hydrog26 hydrog ?    ? A C   15 O2    ? ? ? 1_555 A G   36 N2 ? ? A C   15  A G   36  1_555 ? ? ? ? ? ? WATSON-CRICK  ?     ? ? 
hydrog27 hydrog ?    ? A C   16 N3    ? ? ? 1_555 A G   35 N1 ? ? A C   16  A G   35  1_555 ? ? ? ? ? ? WATSON-CRICK  ?     ? ? 
hydrog28 hydrog ?    ? A C   16 N4    ? ? ? 1_555 A G   35 O6 ? ? A C   16  A G   35  1_555 ? ? ? ? ? ? WATSON-CRICK  ?     ? ? 
hydrog29 hydrog ?    ? A C   16 O2    ? ? ? 1_555 A G   35 N2 ? ? A C   16  A G   35  1_555 ? ? ? ? ? ? WATSON-CRICK  ?     ? ? 
hydrog30 hydrog ?    ? A A   17 N1    ? ? ? 1_555 A G   34 N1 ? ? A A   17  A G   34  1_555 ? ? ? ? ? ? TYPE_8_PAIR   ?     ? ? 
hydrog31 hydrog ?    ? A A   17 N6    ? ? ? 1_555 A G   34 O6 ? ? A A   17  A G   34  1_555 ? ? ? ? ? ? TYPE_8_PAIR   ?     ? ? 
hydrog32 hydrog ?    ? A C   18 N3    ? ? ? 1_555 A G   32 N1 ? ? A C   18  A G   32  1_555 ? ? ? ? ? ? WATSON-CRICK  ?     ? ? 
hydrog33 hydrog ?    ? A C   18 N4    ? ? ? 1_555 A G   32 O6 ? ? A C   18  A G   32  1_555 ? ? ? ? ? ? WATSON-CRICK  ?     ? ? 
hydrog34 hydrog ?    ? A C   18 O2    ? ? ? 1_555 A G   32 N2 ? ? A C   18  A G   32  1_555 ? ? ? ? ? ? WATSON-CRICK  ?     ? ? 
hydrog35 hydrog ?    ? A C   18 O2    ? ? ? 1_555 A G   34 N2 ? ? A C   18  A G   34  1_555 ? ? ? ? ? ? 'C-G PAIR'    ?     ? ? 
hydrog36 hydrog ?    ? A G   19 N2    ? ? ? 1_555 A C   20 O2 ? ? A G   19  A C   20  1_555 ? ? ? ? ? ? 'G-C PAIR'    ?     ? ? 
hydrog37 hydrog ?    ? A G   19 N1    ? ? ? 1_555 A C   31 N3 ? ? A G   19  A C   31  1_555 ? ? ? ? ? ? WATSON-CRICK  ?     ? ? 
hydrog38 hydrog ?    ? A G   19 N2    ? ? ? 1_555 A C   31 O2 ? ? A G   19  A C   31  1_555 ? ? ? ? ? ? WATSON-CRICK  ?     ? ? 
hydrog39 hydrog ?    ? A G   19 O6    ? ? ? 1_555 A C   31 N4 ? ? A G   19  A C   31  1_555 ? ? ? ? ? ? WATSON-CRICK  ?     ? ? 
hydrog40 hydrog ?    ? A C   20 N3    ? ? ? 1_555 A G   28 N1 ? ? A C   20  A G   28  1_555 ? ? ? ? ? ? WATSON-CRICK  ?     ? ? 
hydrog41 hydrog ?    ? A C   20 N4    ? ? ? 1_555 A G   28 O6 ? ? A C   20  A G   28  1_555 ? ? ? ? ? ? WATSON-CRICK  ?     ? ? 
hydrog42 hydrog ?    ? A C   20 O2    ? ? ? 1_555 A G   28 N2 ? ? A C   20  A G   28  1_555 ? ? ? ? ? ? WATSON-CRICK  ?     ? ? 
hydrog43 hydrog ?    ? A G   21 N1    ? ? ? 1_555 A C   27 N3 ? ? A G   21  A C   27  1_555 ? ? ? ? ? ? WATSON-CRICK  ?     ? ? 
hydrog44 hydrog ?    ? A G   21 N2    ? ? ? 1_555 A C   27 O2 ? ? A G   21  A C   27  1_555 ? ? ? ? ? ? WATSON-CRICK  ?     ? ? 
hydrog45 hydrog ?    ? A G   21 O6    ? ? ? 1_555 A C   27 N4 ? ? A G   21  A C   27  1_555 ? ? ? ? ? ? WATSON-CRICK  ?     ? ? 
hydrog46 hydrog ?    ? A G   22 N2    ? ? ? 1_555 A A   26 N7 ? ? A G   22  A A   26  1_555 ? ? ? ? ? ? TYPE_11_PAIR  ?     ? ? 
hydrog47 hydrog ?    ? A G   22 N3    ? ? ? 1_555 A A   26 N6 ? ? A G   22  A A   26  1_555 ? ? ? ? ? ? TYPE_11_PAIR  ?     ? ? 
hydrog48 hydrog ?    ? A G   28 N2    ? ? ? 1_555 A C   31 O2 ? ? A G   28  A C   31  1_555 ? ? ? ? ? ? 'G-C PAIR'    ?     ? ? 
hydrog49 hydrog ?    ? A A   38 N3    ? ? ? 1_555 A C   39 N4 ? ? A A   38  A C   39  1_555 ? ? ? ? ? ? 'A-C MISPAIR' ?     ? ? 
# 
loop_
_struct_conn_type.id 
_struct_conn_type.criteria 
_struct_conn_type.reference 
covale ? ? 
metalc ? ? 
hydrog ? ? 
# 
loop_
_pdbx_struct_conn_angle.id 
_pdbx_struct_conn_angle.ptnr1_label_atom_id 
_pdbx_struct_conn_angle.ptnr1_label_alt_id 
_pdbx_struct_conn_angle.ptnr1_label_asym_id 
_pdbx_struct_conn_angle.ptnr1_label_comp_id 
_pdbx_struct_conn_angle.ptnr1_label_seq_id 
_pdbx_struct_conn_angle.ptnr1_auth_atom_id 
_pdbx_struct_conn_angle.ptnr1_auth_asym_id 
_pdbx_struct_conn_angle.ptnr1_auth_comp_id 
_pdbx_struct_conn_angle.ptnr1_auth_seq_id 
_pdbx_struct_conn_angle.ptnr1_PDB_ins_code 
_pdbx_struct_conn_angle.ptnr1_symmetry 
_pdbx_struct_conn_angle.ptnr2_label_atom_id 
_pdbx_struct_conn_angle.ptnr2_label_alt_id 
_pdbx_struct_conn_angle.ptnr2_label_asym_id 
_pdbx_struct_conn_angle.ptnr2_label_comp_id 
_pdbx_struct_conn_angle.ptnr2_label_seq_id 
_pdbx_struct_conn_angle.ptnr2_auth_atom_id 
_pdbx_struct_conn_angle.ptnr2_auth_asym_id 
_pdbx_struct_conn_angle.ptnr2_auth_comp_id 
_pdbx_struct_conn_angle.ptnr2_auth_seq_id 
_pdbx_struct_conn_angle.ptnr2_PDB_ins_code 
_pdbx_struct_conn_angle.ptnr2_symmetry 
_pdbx_struct_conn_angle.ptnr3_label_atom_id 
_pdbx_struct_conn_angle.ptnr3_label_alt_id 
_pdbx_struct_conn_angle.ptnr3_label_asym_id 
_pdbx_struct_conn_angle.ptnr3_label_comp_id 
_pdbx_struct_conn_angle.ptnr3_label_seq_id 
_pdbx_struct_conn_angle.ptnr3_auth_atom_id 
_pdbx_struct_conn_angle.ptnr3_auth_asym_id 
_pdbx_struct_conn_angle.ptnr3_auth_comp_id 
_pdbx_struct_conn_angle.ptnr3_auth_seq_id 
_pdbx_struct_conn_angle.ptnr3_PDB_ins_code 
_pdbx_struct_conn_angle.ptnr3_symmetry 
_pdbx_struct_conn_angle.value 
_pdbx_struct_conn_angle.value_esd 
1  OP1 ? A A   12 ? A A   12  ? 1_555 MG ? B MG . ? A MG 101 ? 1_555 O ? D HOH . ? A HOH 203 ? 1_555 103.5 ? 
2  OP1 ? A A   12 ? A A   12  ? 1_555 MG ? B MG . ? A MG 101 ? 1_555 O ? D HOH . ? A HOH 204 ? 1_555 82.7  ? 
3  O   ? D HOH .  ? A HOH 203 ? 1_555 MG ? B MG . ? A MG 101 ? 1_555 O ? D HOH . ? A HOH 204 ? 1_555 173.6 ? 
4  OP1 ? A A   12 ? A A   12  ? 1_555 MG ? B MG . ? A MG 101 ? 1_555 O ? D HOH . ? A HOH 205 ? 1_555 92.7  ? 
5  O   ? D HOH .  ? A HOH 203 ? 1_555 MG ? B MG . ? A MG 101 ? 1_555 O ? D HOH . ? A HOH 205 ? 1_555 89.1  ? 
6  O   ? D HOH .  ? A HOH 204 ? 1_555 MG ? B MG . ? A MG 101 ? 1_555 O ? D HOH . ? A HOH 205 ? 1_555 89.2  ? 
7  OP1 ? A A   12 ? A A   12  ? 1_555 MG ? B MG . ? A MG 101 ? 1_555 O ? D HOH . ? A HOH 206 ? 1_555 87.8  ? 
8  O   ? D HOH .  ? A HOH 203 ? 1_555 MG ? B MG . ? A MG 101 ? 1_555 O ? D HOH . ? A HOH 206 ? 1_555 88.6  ? 
9  O   ? D HOH .  ? A HOH 204 ? 1_555 MG ? B MG . ? A MG 101 ? 1_555 O ? D HOH . ? A HOH 206 ? 1_555 93.0  ? 
10 O   ? D HOH .  ? A HOH 205 ? 1_555 MG ? B MG . ? A MG 101 ? 1_555 O ? D HOH . ? A HOH 206 ? 1_555 177.8 ? 
11 OP1 ? A A   12 ? A A   12  ? 1_555 MG ? B MG . ? A MG 101 ? 1_555 O ? D HOH . ? A HOH 207 ? 1_555 169.7 ? 
12 O   ? D HOH .  ? A HOH 203 ? 1_555 MG ? B MG . ? A MG 101 ? 1_555 O ? D HOH . ? A HOH 207 ? 1_555 85.9  ? 
13 O   ? D HOH .  ? A HOH 204 ? 1_555 MG ? B MG . ? A MG 101 ? 1_555 O ? D HOH . ? A HOH 207 ? 1_555 88.0  ? 
14 O   ? D HOH .  ? A HOH 205 ? 1_555 MG ? B MG . ? A MG 101 ? 1_555 O ? D HOH . ? A HOH 207 ? 1_555 91.5  ? 
15 O   ? D HOH .  ? A HOH 206 ? 1_555 MG ? B MG . ? A MG 101 ? 1_555 O ? D HOH . ? A HOH 207 ? 1_555 88.3  ? 
16 OP2 ? A A   12 ? A A   12  ? 1_555 MG ? C MG . ? A MG 201 ? 1_555 O ? D HOH . ? A HOH 208 ? 1_555 81.2  ? 
17 OP2 ? A A   12 ? A A   12  ? 1_555 MG ? C MG . ? A MG 201 ? 1_555 O ? D HOH . ? A HOH 209 ? 1_555 98.5  ? 
18 O   ? D HOH .  ? A HOH 208 ? 1_555 MG ? C MG . ? A MG 201 ? 1_555 O ? D HOH . ? A HOH 209 ? 1_555 175.9 ? 
19 OP2 ? A A   12 ? A A   12  ? 1_555 MG ? C MG . ? A MG 201 ? 1_555 O ? D HOH . ? A HOH 210 ? 1_555 95.2  ? 
20 O   ? D HOH .  ? A HOH 208 ? 1_555 MG ? C MG . ? A MG 201 ? 1_555 O ? D HOH . ? A HOH 210 ? 1_555 90.0  ? 
21 O   ? D HOH .  ? A HOH 209 ? 1_555 MG ? C MG . ? A MG 201 ? 1_555 O ? D HOH . ? A HOH 210 ? 1_555 94.1  ? 
22 OP2 ? A A   12 ? A A   12  ? 1_555 MG ? C MG . ? A MG 201 ? 1_555 O ? D HOH . ? A HOH 211 ? 1_555 88.1  ? 
23 O   ? D HOH .  ? A HOH 208 ? 1_555 MG ? C MG . ? A MG 201 ? 1_555 O ? D HOH . ? A HOH 211 ? 1_555 89.5  ? 
24 O   ? D HOH .  ? A HOH 209 ? 1_555 MG ? C MG . ? A MG 201 ? 1_555 O ? D HOH . ? A HOH 211 ? 1_555 86.5  ? 
25 O   ? D HOH .  ? A HOH 210 ? 1_555 MG ? C MG . ? A MG 201 ? 1_555 O ? D HOH . ? A HOH 211 ? 1_555 176.5 ? 
26 OP2 ? A A   12 ? A A   12  ? 1_555 MG ? C MG . ? A MG 201 ? 1_555 O ? D HOH . ? A HOH 212 ? 1_555 172.0 ? 
27 O   ? D HOH .  ? A HOH 208 ? 1_555 MG ? C MG . ? A MG 201 ? 1_555 O ? D HOH . ? A HOH 212 ? 1_555 91.0  ? 
28 O   ? D HOH .  ? A HOH 209 ? 1_555 MG ? C MG . ? A MG 201 ? 1_555 O ? D HOH . ? A HOH 212 ? 1_555 89.4  ? 
29 O   ? D HOH .  ? A HOH 210 ? 1_555 MG ? C MG . ? A MG 201 ? 1_555 O ? D HOH . ? A HOH 212 ? 1_555 83.7  ? 
30 O   ? D HOH .  ? A HOH 211 ? 1_555 MG ? C MG . ? A MG 201 ? 1_555 O ? D HOH . ? A HOH 212 ? 1_555 92.9  ? 
# 
loop_
_struct_site.id 
_struct_site.pdbx_evidence_code 
_struct_site.pdbx_auth_asym_id 
_struct_site.pdbx_auth_comp_id 
_struct_site.pdbx_auth_seq_id 
_struct_site.pdbx_auth_ins_code 
_struct_site.pdbx_num_residues 
_struct_site.details 
AC1 Software A MG 101 ? 6 'BINDING SITE FOR RESIDUE MG A 101' 
AC2 Software A MG 201 ? 6 'BINDING SITE FOR RESIDUE MG A 201' 
# 
loop_
_struct_site_gen.id 
_struct_site_gen.site_id 
_struct_site_gen.pdbx_num_res 
_struct_site_gen.label_comp_id 
_struct_site_gen.label_asym_id 
_struct_site_gen.label_seq_id 
_struct_site_gen.pdbx_auth_ins_code 
_struct_site_gen.auth_comp_id 
_struct_site_gen.auth_asym_id 
_struct_site_gen.auth_seq_id 
_struct_site_gen.label_atom_id 
_struct_site_gen.label_alt_id 
_struct_site_gen.symmetry 
_struct_site_gen.details 
1  AC1 6 A   A 12 ? A   A 12  . ? 1_555 ? 
2  AC1 6 HOH D .  ? HOH A 203 . ? 1_555 ? 
3  AC1 6 HOH D .  ? HOH A 204 . ? 1_555 ? 
4  AC1 6 HOH D .  ? HOH A 205 . ? 1_555 ? 
5  AC1 6 HOH D .  ? HOH A 206 . ? 1_555 ? 
6  AC1 6 HOH D .  ? HOH A 207 . ? 1_555 ? 
7  AC2 6 A   A 12 ? A   A 12  . ? 1_555 ? 
8  AC2 6 HOH D .  ? HOH A 208 . ? 1_555 ? 
9  AC2 6 HOH D .  ? HOH A 209 . ? 1_555 ? 
10 AC2 6 HOH D .  ? HOH A 210 . ? 1_555 ? 
11 AC2 6 HOH D .  ? HOH A 211 . ? 1_555 ? 
12 AC2 6 HOH D .  ? HOH A 212 . ? 1_555 ? 
# 
loop_
_pdbx_validate_rmsd_angle.id 
_pdbx_validate_rmsd_angle.PDB_model_num 
_pdbx_validate_rmsd_angle.auth_atom_id_1 
_pdbx_validate_rmsd_angle.auth_asym_id_1 
_pdbx_validate_rmsd_angle.auth_comp_id_1 
_pdbx_validate_rmsd_angle.auth_seq_id_1 
_pdbx_validate_rmsd_angle.PDB_ins_code_1 
_pdbx_validate_rmsd_angle.label_alt_id_1 
_pdbx_validate_rmsd_angle.auth_atom_id_2 
_pdbx_validate_rmsd_angle.auth_asym_id_2 
_pdbx_validate_rmsd_angle.auth_comp_id_2 
_pdbx_validate_rmsd_angle.auth_seq_id_2 
_pdbx_validate_rmsd_angle.PDB_ins_code_2 
_pdbx_validate_rmsd_angle.label_alt_id_2 
_pdbx_validate_rmsd_angle.auth_atom_id_3 
_pdbx_validate_rmsd_angle.auth_asym_id_3 
_pdbx_validate_rmsd_angle.auth_comp_id_3 
_pdbx_validate_rmsd_angle.auth_seq_id_3 
_pdbx_validate_rmsd_angle.PDB_ins_code_3 
_pdbx_validate_rmsd_angle.label_alt_id_3 
_pdbx_validate_rmsd_angle.angle_value 
_pdbx_validate_rmsd_angle.angle_target_value 
_pdbx_validate_rmsd_angle.angle_deviation 
_pdbx_validate_rmsd_angle.angle_standard_deviation 
_pdbx_validate_rmsd_angle.linker_flag 
1  1 "O3'" A GTP 1  ? ? P     A G 2  ? ? "O5'" A G 2  ? ? 91.12  104.00 -12.88 1.90 Y 
2  1 "O3'" A GTP 1  ? ? P     A G 2  ? ? OP2   A G 2  ? ? 126.11 110.50 15.61  1.10 Y 
3  1 "O4'" A G   19 ? ? "C1'" A G 19 ? ? N9    A G 19 ? ? 115.82 108.50 7.32   0.70 N 
4  1 "O4'" A G   21 ? ? "C1'" A G 21 ? ? N9    A G 21 ? ? 113.92 108.50 5.42   0.70 N 
5  1 "O4'" A G   22 ? ? "C1'" A G 22 ? ? N9    A G 22 ? ? 115.63 108.50 7.13   0.70 N 
6  1 "C1'" A U   25 ? ? "O4'" A U 25 ? ? "C4'" A U 25 ? ? 103.09 109.70 -6.61  0.70 N 
7  1 "O4'" A U   25 ? ? "C1'" A U 25 ? ? N1    A U 25 ? ? 114.82 108.50 6.32   0.70 N 
8  1 "O4'" A G   28 ? ? "C1'" A G 28 ? ? N9    A G 28 ? ? 115.03 108.50 6.53   0.70 N 
9  1 "C1'" A A   29 ? ? "O4'" A A 29 ? ? "C4'" A A 29 ? ? 102.99 109.70 -6.71  0.70 N 
10 1 "O4'" A A   29 ? ? "C1'" A A 29 ? ? N9    A A 29 ? ? 114.18 108.50 5.68   0.70 N 
11 1 "C3'" A A   29 ? ? "O3'" A A 29 ? ? P     A U 30 ? ? 127.64 119.70 7.94   1.20 Y 
12 1 "O5'" A A   33 ? ? "C5'" A A 33 ? ? "C4'" A A 33 ? ? 104.29 109.40 -5.11  0.80 N 
13 1 "O4'" A A   38 ? ? "C1'" A A 38 ? ? N9    A A 38 ? ? 113.47 108.50 4.97   0.70 N 
14 1 "O4'" A A   44 ? ? "C1'" A A 44 ? ? N9    A A 44 ? ? 112.90 108.50 4.40   0.70 N 
15 1 "O4'" A U   47 ? ? "C1'" A U 47 ? ? N1    A U 47 ? ? 114.97 108.50 6.47   0.70 N 
# 
_pdbx_struct_mod_residue.id               1 
_pdbx_struct_mod_residue.label_asym_id    A 
_pdbx_struct_mod_residue.label_comp_id    GTP 
_pdbx_struct_mod_residue.label_seq_id     1 
_pdbx_struct_mod_residue.auth_asym_id     A 
_pdbx_struct_mod_residue.auth_comp_id     GTP 
_pdbx_struct_mod_residue.auth_seq_id      1 
_pdbx_struct_mod_residue.PDB_ins_code     ? 
_pdbx_struct_mod_residue.parent_comp_id   G 
_pdbx_struct_mod_residue.details          "GUANOSINE-5'-TRIPHOSPHATE" 
# 
loop_
_chem_comp_atom.comp_id 
_chem_comp_atom.atom_id 
_chem_comp_atom.type_symbol 
_chem_comp_atom.pdbx_aromatic_flag 
_chem_comp_atom.pdbx_stereo_config 
_chem_comp_atom.pdbx_ordinal 
A   OP3    O  N N 1   
A   P      P  N N 2   
A   OP1    O  N N 3   
A   OP2    O  N N 4   
A   "O5'"  O  N N 5   
A   "C5'"  C  N N 6   
A   "C4'"  C  N R 7   
A   "O4'"  O  N N 8   
A   "C3'"  C  N S 9   
A   "O3'"  O  N N 10  
A   "C2'"  C  N R 11  
A   "O2'"  O  N N 12  
A   "C1'"  C  N R 13  
A   N9     N  Y N 14  
A   C8     C  Y N 15  
A   N7     N  Y N 16  
A   C5     C  Y N 17  
A   C6     C  Y N 18  
A   N6     N  N N 19  
A   N1     N  Y N 20  
A   C2     C  Y N 21  
A   N3     N  Y N 22  
A   C4     C  Y N 23  
A   HOP3   H  N N 24  
A   HOP2   H  N N 25  
A   "H5'"  H  N N 26  
A   "H5''" H  N N 27  
A   "H4'"  H  N N 28  
A   "H3'"  H  N N 29  
A   "HO3'" H  N N 30  
A   "H2'"  H  N N 31  
A   "HO2'" H  N N 32  
A   "H1'"  H  N N 33  
A   H8     H  N N 34  
A   H61    H  N N 35  
A   H62    H  N N 36  
A   H2     H  N N 37  
C   OP3    O  N N 38  
C   P      P  N N 39  
C   OP1    O  N N 40  
C   OP2    O  N N 41  
C   "O5'"  O  N N 42  
C   "C5'"  C  N N 43  
C   "C4'"  C  N R 44  
C   "O4'"  O  N N 45  
C   "C3'"  C  N S 46  
C   "O3'"  O  N N 47  
C   "C2'"  C  N R 48  
C   "O2'"  O  N N 49  
C   "C1'"  C  N R 50  
C   N1     N  N N 51  
C   C2     C  N N 52  
C   O2     O  N N 53  
C   N3     N  N N 54  
C   C4     C  N N 55  
C   N4     N  N N 56  
C   C5     C  N N 57  
C   C6     C  N N 58  
C   HOP3   H  N N 59  
C   HOP2   H  N N 60  
C   "H5'"  H  N N 61  
C   "H5''" H  N N 62  
C   "H4'"  H  N N 63  
C   "H3'"  H  N N 64  
C   "HO3'" H  N N 65  
C   "H2'"  H  N N 66  
C   "HO2'" H  N N 67  
C   "H1'"  H  N N 68  
C   H41    H  N N 69  
C   H42    H  N N 70  
C   H5     H  N N 71  
C   H6     H  N N 72  
G   OP3    O  N N 73  
G   P      P  N N 74  
G   OP1    O  N N 75  
G   OP2    O  N N 76  
G   "O5'"  O  N N 77  
G   "C5'"  C  N N 78  
G   "C4'"  C  N R 79  
G   "O4'"  O  N N 80  
G   "C3'"  C  N S 81  
G   "O3'"  O  N N 82  
G   "C2'"  C  N R 83  
G   "O2'"  O  N N 84  
G   "C1'"  C  N R 85  
G   N9     N  Y N 86  
G   C8     C  Y N 87  
G   N7     N  Y N 88  
G   C5     C  Y N 89  
G   C6     C  N N 90  
G   O6     O  N N 91  
G   N1     N  N N 92  
G   C2     C  N N 93  
G   N2     N  N N 94  
G   N3     N  N N 95  
G   C4     C  Y N 96  
G   HOP3   H  N N 97  
G   HOP2   H  N N 98  
G   "H5'"  H  N N 99  
G   "H5''" H  N N 100 
G   "H4'"  H  N N 101 
G   "H3'"  H  N N 102 
G   "HO3'" H  N N 103 
G   "H2'"  H  N N 104 
G   "HO2'" H  N N 105 
G   "H1'"  H  N N 106 
G   H8     H  N N 107 
G   H1     H  N N 108 
G   H21    H  N N 109 
G   H22    H  N N 110 
GTP PG     P  N N 111 
GTP O1G    O  N N 112 
GTP O2G    O  N N 113 
GTP O3G    O  N N 114 
GTP O3B    O  N N 115 
GTP PB     P  N N 116 
GTP O1B    O  N N 117 
GTP O2B    O  N N 118 
GTP O3A    O  N N 119 
GTP PA     P  N N 120 
GTP O1A    O  N N 121 
GTP O2A    O  N N 122 
GTP "O5'"  O  N N 123 
GTP "C5'"  C  N N 124 
GTP "C4'"  C  N R 125 
GTP "O4'"  O  N N 126 
GTP "C3'"  C  N S 127 
GTP "O3'"  O  N N 128 
GTP "C2'"  C  N R 129 
GTP "O2'"  O  N N 130 
GTP "C1'"  C  N R 131 
GTP N9     N  Y N 132 
GTP C8     C  Y N 133 
GTP N7     N  Y N 134 
GTP C5     C  Y N 135 
GTP C6     C  N N 136 
GTP O6     O  N N 137 
GTP N1     N  N N 138 
GTP C2     C  N N 139 
GTP N2     N  N N 140 
GTP N3     N  N N 141 
GTP C4     C  Y N 142 
GTP HOG2   H  N N 143 
GTP HOG3   H  N N 144 
GTP HOB2   H  N N 145 
GTP HOA2   H  N N 146 
GTP "H5'"  H  N N 147 
GTP "H5''" H  N N 148 
GTP "H4'"  H  N N 149 
GTP "H3'"  H  N N 150 
GTP "HO3'" H  N N 151 
GTP "H2'"  H  N N 152 
GTP "HO2'" H  N N 153 
GTP "H1'"  H  N N 154 
GTP H8     H  N N 155 
GTP HN1    H  N N 156 
GTP HN21   H  N N 157 
GTP HN22   H  N N 158 
HOH O      O  N N 159 
HOH H1     H  N N 160 
HOH H2     H  N N 161 
MG  MG     MG N N 162 
U   OP3    O  N N 163 
U   P      P  N N 164 
U   OP1    O  N N 165 
U   OP2    O  N N 166 
U   "O5'"  O  N N 167 
U   "C5'"  C  N N 168 
U   "C4'"  C  N R 169 
U   "O4'"  O  N N 170 
U   "C3'"  C  N S 171 
U   "O3'"  O  N N 172 
U   "C2'"  C  N R 173 
U   "O2'"  O  N N 174 
U   "C1'"  C  N R 175 
U   N1     N  N N 176 
U   C2     C  N N 177 
U   O2     O  N N 178 
U   N3     N  N N 179 
U   C4     C  N N 180 
U   O4     O  N N 181 
U   C5     C  N N 182 
U   C6     C  N N 183 
U   HOP3   H  N N 184 
U   HOP2   H  N N 185 
U   "H5'"  H  N N 186 
U   "H5''" H  N N 187 
U   "H4'"  H  N N 188 
U   "H3'"  H  N N 189 
U   "HO3'" H  N N 190 
U   "H2'"  H  N N 191 
U   "HO2'" H  N N 192 
U   "H1'"  H  N N 193 
U   H3     H  N N 194 
U   H5     H  N N 195 
U   H6     H  N N 196 
# 
loop_
_chem_comp_bond.comp_id 
_chem_comp_bond.atom_id_1 
_chem_comp_bond.atom_id_2 
_chem_comp_bond.value_order 
_chem_comp_bond.pdbx_aromatic_flag 
_chem_comp_bond.pdbx_stereo_config 
_chem_comp_bond.pdbx_ordinal 
A   OP3   P      sing N N 1   
A   OP3   HOP3   sing N N 2   
A   P     OP1    doub N N 3   
A   P     OP2    sing N N 4   
A   P     "O5'"  sing N N 5   
A   OP2   HOP2   sing N N 6   
A   "O5'" "C5'"  sing N N 7   
A   "C5'" "C4'"  sing N N 8   
A   "C5'" "H5'"  sing N N 9   
A   "C5'" "H5''" sing N N 10  
A   "C4'" "O4'"  sing N N 11  
A   "C4'" "C3'"  sing N N 12  
A   "C4'" "H4'"  sing N N 13  
A   "O4'" "C1'"  sing N N 14  
A   "C3'" "O3'"  sing N N 15  
A   "C3'" "C2'"  sing N N 16  
A   "C3'" "H3'"  sing N N 17  
A   "O3'" "HO3'" sing N N 18  
A   "C2'" "O2'"  sing N N 19  
A   "C2'" "C1'"  sing N N 20  
A   "C2'" "H2'"  sing N N 21  
A   "O2'" "HO2'" sing N N 22  
A   "C1'" N9     sing N N 23  
A   "C1'" "H1'"  sing N N 24  
A   N9    C8     sing Y N 25  
A   N9    C4     sing Y N 26  
A   C8    N7     doub Y N 27  
A   C8    H8     sing N N 28  
A   N7    C5     sing Y N 29  
A   C5    C6     sing Y N 30  
A   C5    C4     doub Y N 31  
A   C6    N6     sing N N 32  
A   C6    N1     doub Y N 33  
A   N6    H61    sing N N 34  
A   N6    H62    sing N N 35  
A   N1    C2     sing Y N 36  
A   C2    N3     doub Y N 37  
A   C2    H2     sing N N 38  
A   N3    C4     sing Y N 39  
C   OP3   P      sing N N 40  
C   OP3   HOP3   sing N N 41  
C   P     OP1    doub N N 42  
C   P     OP2    sing N N 43  
C   P     "O5'"  sing N N 44  
C   OP2   HOP2   sing N N 45  
C   "O5'" "C5'"  sing N N 46  
C   "C5'" "C4'"  sing N N 47  
C   "C5'" "H5'"  sing N N 48  
C   "C5'" "H5''" sing N N 49  
C   "C4'" "O4'"  sing N N 50  
C   "C4'" "C3'"  sing N N 51  
C   "C4'" "H4'"  sing N N 52  
C   "O4'" "C1'"  sing N N 53  
C   "C3'" "O3'"  sing N N 54  
C   "C3'" "C2'"  sing N N 55  
C   "C3'" "H3'"  sing N N 56  
C   "O3'" "HO3'" sing N N 57  
C   "C2'" "O2'"  sing N N 58  
C   "C2'" "C1'"  sing N N 59  
C   "C2'" "H2'"  sing N N 60  
C   "O2'" "HO2'" sing N N 61  
C   "C1'" N1     sing N N 62  
C   "C1'" "H1'"  sing N N 63  
C   N1    C2     sing N N 64  
C   N1    C6     sing N N 65  
C   C2    O2     doub N N 66  
C   C2    N3     sing N N 67  
C   N3    C4     doub N N 68  
C   C4    N4     sing N N 69  
C   C4    C5     sing N N 70  
C   N4    H41    sing N N 71  
C   N4    H42    sing N N 72  
C   C5    C6     doub N N 73  
C   C5    H5     sing N N 74  
C   C6    H6     sing N N 75  
G   OP3   P      sing N N 76  
G   OP3   HOP3   sing N N 77  
G   P     OP1    doub N N 78  
G   P     OP2    sing N N 79  
G   P     "O5'"  sing N N 80  
G   OP2   HOP2   sing N N 81  
G   "O5'" "C5'"  sing N N 82  
G   "C5'" "C4'"  sing N N 83  
G   "C5'" "H5'"  sing N N 84  
G   "C5'" "H5''" sing N N 85  
G   "C4'" "O4'"  sing N N 86  
G   "C4'" "C3'"  sing N N 87  
G   "C4'" "H4'"  sing N N 88  
G   "O4'" "C1'"  sing N N 89  
G   "C3'" "O3'"  sing N N 90  
G   "C3'" "C2'"  sing N N 91  
G   "C3'" "H3'"  sing N N 92  
G   "O3'" "HO3'" sing N N 93  
G   "C2'" "O2'"  sing N N 94  
G   "C2'" "C1'"  sing N N 95  
G   "C2'" "H2'"  sing N N 96  
G   "O2'" "HO2'" sing N N 97  
G   "C1'" N9     sing N N 98  
G   "C1'" "H1'"  sing N N 99  
G   N9    C8     sing Y N 100 
G   N9    C4     sing Y N 101 
G   C8    N7     doub Y N 102 
G   C8    H8     sing N N 103 
G   N7    C5     sing Y N 104 
G   C5    C6     sing N N 105 
G   C5    C4     doub Y N 106 
G   C6    O6     doub N N 107 
G   C6    N1     sing N N 108 
G   N1    C2     sing N N 109 
G   N1    H1     sing N N 110 
G   C2    N2     sing N N 111 
G   C2    N3     doub N N 112 
G   N2    H21    sing N N 113 
G   N2    H22    sing N N 114 
G   N3    C4     sing N N 115 
GTP PG    O1G    doub N N 116 
GTP PG    O2G    sing N N 117 
GTP PG    O3G    sing N N 118 
GTP PG    O3B    sing N N 119 
GTP O2G   HOG2   sing N N 120 
GTP O3G   HOG3   sing N N 121 
GTP O3B   PB     sing N N 122 
GTP PB    O1B    doub N N 123 
GTP PB    O2B    sing N N 124 
GTP PB    O3A    sing N N 125 
GTP O2B   HOB2   sing N N 126 
GTP O3A   PA     sing N N 127 
GTP PA    O1A    doub N N 128 
GTP PA    O2A    sing N N 129 
GTP PA    "O5'"  sing N N 130 
GTP O2A   HOA2   sing N N 131 
GTP "O5'" "C5'"  sing N N 132 
GTP "C5'" "C4'"  sing N N 133 
GTP "C5'" "H5'"  sing N N 134 
GTP "C5'" "H5''" sing N N 135 
GTP "C4'" "O4'"  sing N N 136 
GTP "C4'" "C3'"  sing N N 137 
GTP "C4'" "H4'"  sing N N 138 
GTP "O4'" "C1'"  sing N N 139 
GTP "C3'" "O3'"  sing N N 140 
GTP "C3'" "C2'"  sing N N 141 
GTP "C3'" "H3'"  sing N N 142 
GTP "O3'" "HO3'" sing N N 143 
GTP "C2'" "O2'"  sing N N 144 
GTP "C2'" "C1'"  sing N N 145 
GTP "C2'" "H2'"  sing N N 146 
GTP "O2'" "HO2'" sing N N 147 
GTP "C1'" N9     sing N N 148 
GTP "C1'" "H1'"  sing N N 149 
GTP N9    C8     sing Y N 150 
GTP N9    C4     sing Y N 151 
GTP C8    N7     doub Y N 152 
GTP C8    H8     sing N N 153 
GTP N7    C5     sing Y N 154 
GTP C5    C6     sing N N 155 
GTP C5    C4     doub Y N 156 
GTP C6    O6     doub N N 157 
GTP C6    N1     sing N N 158 
GTP N1    C2     sing N N 159 
GTP N1    HN1    sing N N 160 
GTP C2    N2     sing N N 161 
GTP C2    N3     doub N N 162 
GTP N2    HN21   sing N N 163 
GTP N2    HN22   sing N N 164 
GTP N3    C4     sing N N 165 
HOH O     H1     sing N N 166 
HOH O     H2     sing N N 167 
U   OP3   P      sing N N 168 
U   OP3   HOP3   sing N N 169 
U   P     OP1    doub N N 170 
U   P     OP2    sing N N 171 
U   P     "O5'"  sing N N 172 
U   OP2   HOP2   sing N N 173 
U   "O5'" "C5'"  sing N N 174 
U   "C5'" "C4'"  sing N N 175 
U   "C5'" "H5'"  sing N N 176 
U   "C5'" "H5''" sing N N 177 
U   "C4'" "O4'"  sing N N 178 
U   "C4'" "C3'"  sing N N 179 
U   "C4'" "H4'"  sing N N 180 
U   "O4'" "C1'"  sing N N 181 
U   "C3'" "O3'"  sing N N 182 
U   "C3'" "C2'"  sing N N 183 
U   "C3'" "H3'"  sing N N 184 
U   "O3'" "HO3'" sing N N 185 
U   "C2'" "O2'"  sing N N 186 
U   "C2'" "C1'"  sing N N 187 
U   "C2'" "H2'"  sing N N 188 
U   "O2'" "HO2'" sing N N 189 
U   "C1'" N1     sing N N 190 
U   "C1'" "H1'"  sing N N 191 
U   N1    C2     sing N N 192 
U   N1    C6     sing N N 193 
U   C2    O2     doub N N 194 
U   C2    N3     sing N N 195 
U   N3    C4     sing N N 196 
U   N3    H3     sing N N 197 
U   C4    O4     doub N N 198 
U   C4    C5     sing N N 199 
U   C5    C6     doub N N 200 
U   C5    H5     sing N N 201 
U   C6    H6     sing N N 202 
# 
loop_
_ndb_struct_conf_na.entry_id 
_ndb_struct_conf_na.feature 
1XJR 'double helix'         
1XJR 'a-form double helix'  
1XJR 'hairpin loop'         
1XJR 'bulge loop'           
1XJR 'mismatched base pair' 
1XJR 'quadruple helix'      
# 
loop_
_ndb_struct_na_base_pair.model_number 
_ndb_struct_na_base_pair.i_label_asym_id 
_ndb_struct_na_base_pair.i_label_comp_id 
_ndb_struct_na_base_pair.i_label_seq_id 
_ndb_struct_na_base_pair.i_symmetry 
_ndb_struct_na_base_pair.j_label_asym_id 
_ndb_struct_na_base_pair.j_label_comp_id 
_ndb_struct_na_base_pair.j_label_seq_id 
_ndb_struct_na_base_pair.j_symmetry 
_ndb_struct_na_base_pair.shear 
_ndb_struct_na_base_pair.stretch 
_ndb_struct_na_base_pair.stagger 
_ndb_struct_na_base_pair.buckle 
_ndb_struct_na_base_pair.propeller 
_ndb_struct_na_base_pair.opening 
_ndb_struct_na_base_pair.pair_number 
_ndb_struct_na_base_pair.pair_name 
_ndb_struct_na_base_pair.i_auth_asym_id 
_ndb_struct_na_base_pair.i_auth_seq_id 
_ndb_struct_na_base_pair.i_PDB_ins_code 
_ndb_struct_na_base_pair.j_auth_asym_id 
_ndb_struct_na_base_pair.j_auth_seq_id 
_ndb_struct_na_base_pair.j_PDB_ins_code 
_ndb_struct_na_base_pair.hbond_type_28 
_ndb_struct_na_base_pair.hbond_type_12 
1 A A 3  1_555 A U 47 1_555 -0.505 -0.201 0.058  -2.675  -10.687 2.422    1  A_A3:U47_A  A 3  ? A 47 ? 20 1 
1 A G 4  1_555 A U 46 1_555 -2.603 -0.584 0.210  1.158   -12.753 4.087    2  A_G4:U46_A  A 4  ? A 46 ? 28 ? 
1 A U 5  1_555 A A 45 1_555 -0.322 -0.153 0.209  4.678   -21.656 0.869    3  A_U5:A45_A  A 5  ? A 45 ? 20 1 
1 A U 6  1_555 A A 44 1_555 0.166  -0.153 0.053  3.622   -15.625 0.506    4  A_U6:A44_A  A 6  ? A 44 ? 20 1 
1 A C 7  1_555 A G 43 1_555 0.426  -0.221 -0.100 4.886   -14.700 0.083    5  A_C7:G43_A  A 7  ? A 43 ? 19 1 
1 A A 8  1_555 A U 42 1_555 0.017  -0.206 0.355  1.845   -14.870 1.165    6  A_A8:U42_A  A 8  ? A 42 ? 20 1 
1 A C 9  1_555 A G 41 1_555 0.417  -0.159 0.111  -3.970  -12.604 -0.585   7  A_C9:G41_A  A 9  ? A 41 ? 19 1 
1 A C 10 1_555 A A 40 1_555 5.078  -1.340 -0.244 -6.548  -7.942  -6.700   8  A_C10:A40_A A 10 ? A 40 ? ?  ? 
1 A G 13 1_555 A C 39 1_555 -0.081 -0.182 -0.124 6.613   2.163   -1.014   9  A_G13:C39_A A 13 ? A 39 ? 19 1 
1 A G 14 1_555 A U 37 1_555 -2.372 -0.719 0.402  13.990  -11.822 -3.479   10 A_G14:U37_A A 14 ? A 37 ? 28 ? 
1 A C 15 1_555 A G 36 1_555 -0.052 -0.229 0.075  11.982  -19.856 2.116    11 A_C15:G36_A A 15 ? A 36 ? 19 1 
1 A C 16 1_555 A G 35 1_555 0.348  -0.384 0.277  0.088   -13.513 -0.886   12 A_C16:G35_A A 16 ? A 35 ? 19 1 
1 A A 17 1_555 A G 34 1_555 0.017  1.269  -0.751 -23.752 -20.340 -4.317   13 A_A17:G34_A A 17 ? A 34 ? 8  1 
1 A C 18 1_555 A G 32 1_555 0.279  -0.036 -0.119 0.277   -15.591 0.789    14 A_C18:G32_A A 18 ? A 32 ? 19 1 
1 A G 19 1_555 A C 31 1_555 -0.072 -0.037 0.536  18.277  -5.094  -4.568   15 A_G19:C31_A A 19 ? A 31 ? 19 1 
1 A G 11 1_555 A A 33 1_555 -2.984 4.208  -1.746 -45.628 -16.586 -122.943 16 A_G11:A33_A A 11 ? A 33 ? ?  5 
1 A C 20 1_555 A G 28 1_555 0.155  -0.009 0.040  -25.095 5.886   -2.920   17 A_C20:G28_A A 20 ? A 28 ? 19 1 
1 A G 21 1_555 A C 27 1_555 -0.072 -0.098 0.003  11.984  1.440   -0.563   18 A_G21:C27_A A 21 ? A 27 ? 19 1 
1 A G 22 1_555 A A 26 1_555 6.956  -4.454 0.851  23.049  1.052   3.332    19 A_G22:A26_A A 22 ? A 26 ? 11 9 
# 
loop_
_ndb_struct_na_base_pair_step.model_number 
_ndb_struct_na_base_pair_step.i_label_asym_id_1 
_ndb_struct_na_base_pair_step.i_label_comp_id_1 
_ndb_struct_na_base_pair_step.i_label_seq_id_1 
_ndb_struct_na_base_pair_step.i_symmetry_1 
_ndb_struct_na_base_pair_step.j_label_asym_id_1 
_ndb_struct_na_base_pair_step.j_label_comp_id_1 
_ndb_struct_na_base_pair_step.j_label_seq_id_1 
_ndb_struct_na_base_pair_step.j_symmetry_1 
_ndb_struct_na_base_pair_step.i_label_asym_id_2 
_ndb_struct_na_base_pair_step.i_label_comp_id_2 
_ndb_struct_na_base_pair_step.i_label_seq_id_2 
_ndb_struct_na_base_pair_step.i_symmetry_2 
_ndb_struct_na_base_pair_step.j_label_asym_id_2 
_ndb_struct_na_base_pair_step.j_label_comp_id_2 
_ndb_struct_na_base_pair_step.j_label_seq_id_2 
_ndb_struct_na_base_pair_step.j_symmetry_2 
_ndb_struct_na_base_pair_step.shift 
_ndb_struct_na_base_pair_step.slide 
_ndb_struct_na_base_pair_step.rise 
_ndb_struct_na_base_pair_step.tilt 
_ndb_struct_na_base_pair_step.roll 
_ndb_struct_na_base_pair_step.twist 
_ndb_struct_na_base_pair_step.x_displacement 
_ndb_struct_na_base_pair_step.y_displacement 
_ndb_struct_na_base_pair_step.helical_rise 
_ndb_struct_na_base_pair_step.inclination 
_ndb_struct_na_base_pair_step.tip 
_ndb_struct_na_base_pair_step.helical_twist 
_ndb_struct_na_base_pair_step.step_number 
_ndb_struct_na_base_pair_step.step_name 
_ndb_struct_na_base_pair_step.i_auth_asym_id_1 
_ndb_struct_na_base_pair_step.i_auth_seq_id_1 
_ndb_struct_na_base_pair_step.i_PDB_ins_code_1 
_ndb_struct_na_base_pair_step.j_auth_asym_id_1 
_ndb_struct_na_base_pair_step.j_auth_seq_id_1 
_ndb_struct_na_base_pair_step.j_PDB_ins_code_1 
_ndb_struct_na_base_pair_step.i_auth_asym_id_2 
_ndb_struct_na_base_pair_step.i_auth_seq_id_2 
_ndb_struct_na_base_pair_step.i_PDB_ins_code_2 
_ndb_struct_na_base_pair_step.j_auth_asym_id_2 
_ndb_struct_na_base_pair_step.j_auth_seq_id_2 
_ndb_struct_na_base_pair_step.j_PDB_ins_code_2 
1 A A 3  1_555 A U 47 1_555 A G 4  1_555 A U 46 1_555 0.192  -1.900 2.866 -4.941  10.881 25.146 -5.931 -1.297 1.831 23.381 10.618  
27.800 1  AA_A3G4:U46U47_AA   A 3  ? A 47 ? A 4  ? A 46 ? 
1 A G 4  1_555 A U 46 1_555 A U 5  1_555 A A 45 1_555 -0.360 -1.373 3.157 -1.642  6.046  39.501 -2.659 0.350  2.936 8.878  2.412   
39.975 2  AA_G4U5:A45U46_AA   A 4  ? A 46 ? A 5  ? A 45 ? 
1 A U 5  1_555 A A 45 1_555 A U 6  1_555 A A 44 1_555 -0.182 -1.300 3.207 -2.246  5.046  36.465 -2.710 -0.003 3.012 8.007  3.564   
36.866 3  AA_U5U6:A44A45_AA   A 5  ? A 45 ? A 6  ? A 44 ? 
1 A U 6  1_555 A A 44 1_555 A C 7  1_555 A G 43 1_555 -0.260 -1.065 3.189 0.041   6.806  33.809 -2.796 0.444  2.925 11.558 -0.070  
34.467 4  AA_U6C7:G43A44_AA   A 6  ? A 44 ? A 7  ? A 43 ? 
1 A C 7  1_555 A G 43 1_555 A A 8  1_555 A U 42 1_555 0.276  -1.714 3.162 -1.180  9.895  27.543 -5.274 -0.772 2.401 19.972 2.381   
29.257 5  AA_C7A8:U42G43_AA   A 7  ? A 43 ? A 8  ? A 42 ? 
1 A A 8  1_555 A U 42 1_555 A C 9  1_555 A G 41 1_555 0.254  -1.835 3.350 4.195   4.962  34.732 -3.751 0.197  3.076 8.223  -6.953  
35.316 6  AA_A8C9:G41U42_AA   A 8  ? A 42 ? A 9  ? A 41 ? 
1 A C 9  1_555 A G 41 1_555 A C 10 1_555 A A 40 1_555 -0.180 -1.240 3.432 7.886   6.250  49.806 -1.897 0.778  3.203 7.335  -9.255  
50.748 7  AA_C9C10:A40G41_AA  A 9  ? A 41 ? A 10 ? A 40 ? 
1 A C 10 1_555 A A 40 1_555 A G 13 1_555 A C 39 1_555 -4.367 0.082  3.131 5.514   4.661  54.253 -0.162 5.050  2.707 5.086  -6.016  
54.695 8  AA_C10G13:C39A40_AA A 10 ? A 40 ? A 13 ? A 39 ? 
1 A G 13 1_555 A C 39 1_555 A G 14 1_555 A U 37 1_555 1.682  -2.313 2.997 -12.539 1.391  43.388 -3.120 -3.137 2.376 1.836  16.548  
45.099 9  AA_G13G14:U37C39_AA A 13 ? A 39 ? A 14 ? A 37 ? 
1 A G 14 1_555 A U 37 1_555 A C 15 1_555 A G 36 1_555 0.135  -1.140 3.284 -1.456  1.515  45.275 -1.614 -0.305 3.241 1.967  1.890   
45.321 10 AA_G14C15:G36U37_AA A 14 ? A 37 ? A 15 ? A 36 ? 
1 A C 15 1_555 A G 36 1_555 A C 16 1_555 A G 35 1_555 -0.685 -1.763 3.435 -5.237  6.490  34.848 -3.819 0.347  3.134 10.649 8.592   
35.802 11 AA_C15C16:G35G36_AA A 15 ? A 36 ? A 16 ? A 35 ? 
1 A C 16 1_555 A G 35 1_555 A A 17 1_555 A G 34 1_555 -0.062 -1.938 3.655 9.695   14.428 34.467 -4.747 1.307  2.566 22.654 -15.223 
38.483 12 AA_C16A17:G34G35_AA A 16 ? A 35 ? A 17 ? A 34 ? 
1 A A 17 1_555 A G 34 1_555 A C 18 1_555 A G 32 1_555 1.105  0.165  2.832 -6.271  8.650  37.778 -0.629 -2.282 2.598 13.043 9.456   
39.206 13 AA_A17C18:G32G34_AA A 17 ? A 34 ? A 18 ? A 32 ? 
1 A C 18 1_555 A G 32 1_555 A G 19 1_555 A C 31 1_555 0.125  0.019  2.959 -3.744  16.165 25.999 -2.842 -0.903 2.504 32.103 7.436   
30.766 14 AA_C18G19:C31G32_AA A 18 ? A 32 ? A 19 ? A 31 ? 
1 A C 20 1_555 A G 28 1_555 A G 21 1_555 A C 27 1_555 0.329  -0.678 2.424 0.959   11.230 23.693 -3.619 -0.544 1.921 25.578 -2.184  
26.202 15 AA_C20G21:C27G28_AA A 20 ? A 28 ? A 21 ? A 27 ? 
1 A G 21 1_555 A C 27 1_555 A G 22 1_555 A A 26 1_555 1.309  -0.619 3.242 0.345   11.527 59.174 -1.172 -1.289 3.092 11.553 -0.346  
60.187 16 AA_G21G22:A26C27_AA A 21 ? A 27 ? A 22 ? A 26 ? 
# 
_atom_sites.entry_id                    1XJR 
_atom_sites.fract_transf_matrix[1][1]   0.01016131 
_atom_sites.fract_transf_matrix[1][2]   -0.00247320 
_atom_sites.fract_transf_matrix[1][3]   0.00663978 
_atom_sites.fract_transf_matrix[2][1]   0.00609318 
_atom_sites.fract_transf_matrix[2][2]   0.00918517 
_atom_sites.fract_transf_matrix[2][3]   0.00565187 
_atom_sites.fract_transf_matrix[3][1]   -0.00440358 
_atom_sites.fract_transf_matrix[3][2]   -0.00099702 
_atom_sites.fract_transf_matrix[3][3]   0.00636773 
_atom_sites.fract_transf_vector[1]      0.728446 
_atom_sites.fract_transf_vector[2]      0.436604 
_atom_sites.fract_transf_vector[3]      0.363019 
# 
loop_
_atom_type.symbol 
C  
MG 
N  
O  
P  
# 
loop_
_atom_site.group_PDB 
_atom_site.id 
_atom_site.type_symbol 
_atom_site.label_atom_id 
_atom_site.label_alt_id 
_atom_site.label_comp_id 
_atom_site.label_asym_id 
_atom_site.label_entity_id 
_atom_site.label_seq_id 
_atom_site.pdbx_PDB_ins_code 
_atom_site.Cartn_x 
_atom_site.Cartn_y 
_atom_site.Cartn_z 
_atom_site.occupancy 
_atom_site.B_iso_or_equiv 
_atom_site.pdbx_formal_charge 
_atom_site.auth_seq_id 
_atom_site.auth_comp_id 
_atom_site.auth_asym_id 
_atom_site.auth_atom_id 
_atom_site.pdbx_PDB_model_num 
HETATM 1    P  PG    . GTP A 1 1  ? 19.077  -11.678 2.217   1.00 101.62 ? 1   GTP A PG    1 
HETATM 2    O  O1G   . GTP A 1 1  ? 19.677  -10.378 2.714   1.00 101.65 ? 1   GTP A O1G   1 
HETATM 3    O  O2G   . GTP A 1 1  ? 19.123  -11.607 0.701   1.00 102.06 ? 1   GTP A O2G   1 
HETATM 4    O  O3G   . GTP A 1 1  ? 17.631  -11.785 2.665   1.00 102.53 ? 1   GTP A O3G   1 
HETATM 5    O  O3B   . GTP A 1 1  ? 19.882  -12.974 2.815   1.00 100.71 ? 1   GTP A O3B   1 
HETATM 6    P  PB    . GTP A 1 1  ? 21.508  -13.172 2.858   1.00 99.89  ? 1   GTP A PB    1 
HETATM 7    O  O1B   . GTP A 1 1  ? 21.958  -14.611 2.664   1.00 99.20  ? 1   GTP A O1B   1 
HETATM 8    O  O2B   . GTP A 1 1  ? 22.200  -12.256 1.867   1.00 98.89  ? 1   GTP A O2B   1 
HETATM 9    O  O3A   . GTP A 1 1  ? 21.914  -12.837 4.377   1.00 96.49  ? 1   GTP A O3A   1 
HETATM 10   P  PA    . GTP A 1 1  ? 21.410  -13.826 5.537   1.00 93.61  ? 1   GTP A PA    1 
HETATM 11   O  O1A   . GTP A 1 1  ? 22.349  -15.011 5.648   1.00 92.76  ? 1   GTP A O1A   1 
HETATM 12   O  O2A   . GTP A 1 1  ? 19.969  -14.227 5.280   1.00 93.84  ? 1   GTP A O2A   1 
HETATM 13   O  "O5'" . GTP A 1 1  ? 21.498  -12.866 6.826   1.00 90.49  ? 1   GTP A "O5'" 1 
HETATM 14   C  "C5'" . GTP A 1 1  ? 20.994  -11.549 6.696   1.00 84.73  ? 1   GTP A "C5'" 1 
HETATM 15   C  "C4'" . GTP A 1 1  ? 21.809  -10.550 7.511   1.00 79.18  ? 1   GTP A "C4'" 1 
HETATM 16   O  "O4'" . GTP A 1 1  ? 23.138  -10.994 7.726   1.00 77.89  ? 1   GTP A "O4'" 1 
HETATM 17   C  "C3'" . GTP A 1 1  ? 21.942  -9.246  6.753   1.00 76.34  ? 1   GTP A "C3'" 1 
HETATM 18   O  "O3'" . GTP A 1 1  ? 20.906  -8.332  7.012   1.00 73.29  ? 1   GTP A "O3'" 1 
HETATM 19   C  "C2'" . GTP A 1 1  ? 23.270  -8.724  7.229   1.00 75.44  ? 1   GTP A "C2'" 1 
HETATM 20   O  "O2'" . GTP A 1 1  ? 23.127  -8.073  8.469   1.00 74.42  ? 1   GTP A "O2'" 1 
HETATM 21   C  "C1'" . GTP A 1 1  ? 24.091  -9.990  7.395   1.00 74.81  ? 1   GTP A "C1'" 1 
HETATM 22   N  N9    . GTP A 1 1  ? 24.852  -10.269 6.134   1.00 74.23  ? 1   GTP A N9    1 
HETATM 23   C  C8    . GTP A 1 1  ? 24.700  -11.330 5.270   1.00 73.69  ? 1   GTP A C8    1 
HETATM 24   N  N7    . GTP A 1 1  ? 25.585  -11.217 4.242   1.00 72.93  ? 1   GTP A N7    1 
HETATM 25   C  C5    . GTP A 1 1  ? 26.303  -10.085 4.420   1.00 73.22  ? 1   GTP A C5    1 
HETATM 26   C  C6    . GTP A 1 1  ? 27.323  -9.481  3.682   1.00 73.35  ? 1   GTP A C6    1 
HETATM 27   O  O6    . GTP A 1 1  ? 27.750  -9.983  2.638   1.00 73.29  ? 1   GTP A O6    1 
HETATM 28   N  N1    . GTP A 1 1  ? 27.865  -8.295  4.133   1.00 73.64  ? 1   GTP A N1    1 
HETATM 29   C  C2    . GTP A 1 1  ? 27.411  -7.713  5.301   1.00 73.30  ? 1   GTP A C2    1 
HETATM 30   N  N2    . GTP A 1 1  ? 27.930  -6.572  5.741   1.00 73.22  ? 1   GTP A N2    1 
HETATM 31   N  N3    . GTP A 1 1  ? 26.410  -8.320  6.021   1.00 73.20  ? 1   GTP A N3    1 
HETATM 32   C  C4    . GTP A 1 1  ? 25.856  -9.484  5.598   1.00 73.60  ? 1   GTP A C4    1 
ATOM   33   P  P     . G   A 1 2  ? 20.249  -7.710  5.702   1.00 70.03  ? 2   G   A P     1 
ATOM   34   O  OP1   . G   A 1 2  ? 19.127  -6.922  6.247   1.00 72.13  ? 2   G   A OP1   1 
ATOM   35   O  OP2   . G   A 1 2  ? 20.005  -8.421  4.425   1.00 69.06  ? 2   G   A OP2   1 
ATOM   36   O  "O5'" . G   A 1 2  ? 21.480  -6.702  5.524   1.00 69.19  ? 2   G   A "O5'" 1 
ATOM   37   C  "C5'" . G   A 1 2  ? 21.700  -5.535  6.293   1.00 67.92  ? 2   G   A "C5'" 1 
ATOM   38   C  "C4'" . G   A 1 2  ? 22.768  -4.690  5.624   1.00 68.19  ? 2   G   A "C4'" 1 
ATOM   39   O  "O4'" . G   A 1 2  ? 24.033  -5.404  5.527   1.00 67.30  ? 2   G   A "O4'" 1 
ATOM   40   C  "C3'" . G   A 1 2  ? 22.454  -4.291  4.188   1.00 68.71  ? 2   G   A "C3'" 1 
ATOM   41   O  "O3'" . G   A 1 2  ? 21.557  -3.202  4.169   1.00 68.84  ? 2   G   A "O3'" 1 
ATOM   42   C  "C2'" . G   A 1 2  ? 23.858  -3.960  3.679   1.00 68.64  ? 2   G   A "C2'" 1 
ATOM   43   O  "O2'" . G   A 1 2  ? 24.367  -2.714  4.123   1.00 68.60  ? 2   G   A "O2'" 1 
ATOM   44   C  "C1'" . G   A 1 2  ? 24.668  -5.107  4.293   1.00 68.08  ? 2   G   A "C1'" 1 
ATOM   45   N  N9    . G   A 1 2  ? 24.658  -6.286  3.417   1.00 68.28  ? 2   G   A N9    1 
ATOM   46   C  C8    . G   A 1 2  ? 23.916  -7.427  3.610   1.00 68.02  ? 2   G   A C8    1 
ATOM   47   N  N7    . G   A 1 2  ? 24.067  -8.319  2.674   1.00 68.18  ? 2   G   A N7    1 
ATOM   48   C  C5    . G   A 1 2  ? 24.965  -7.740  1.789   1.00 67.76  ? 2   G   A C5    1 
ATOM   49   C  C6    . G   A 1 2  ? 25.490  -8.269  0.585   1.00 67.66  ? 2   G   A C6    1 
ATOM   50   O  O6    . G   A 1 2  ? 25.234  -9.377  0.090   1.00 67.43  ? 2   G   A O6    1 
ATOM   51   N  N1    . G   A 1 2  ? 26.377  -7.382  -0.038  1.00 67.79  ? 2   G   A N1    1 
ATOM   52   C  C2    . G   A 1 2  ? 26.700  -6.136  0.474   1.00 68.14  ? 2   G   A C2    1 
ATOM   53   N  N2    . G   A 1 2  ? 27.568  -5.406  -0.246  1.00 68.03  ? 2   G   A N2    1 
ATOM   54   N  N3    . G   A 1 2  ? 26.215  -5.633  1.612   1.00 67.50  ? 2   G   A N3    1 
ATOM   55   C  C4    . G   A 1 2  ? 25.345  -6.485  2.222   1.00 68.07  ? 2   G   A C4    1 
ATOM   56   P  P     . A   A 1 3  ? 20.439  -3.130  3.041   1.00 71.20  ? 3   A   A P     1 
ATOM   57   O  OP1   . A   A 1 3  ? 19.636  -1.922  3.300   1.00 73.36  ? 3   A   A OP1   1 
ATOM   58   O  OP2   . A   A 1 3  ? 19.790  -4.449  2.863   1.00 70.90  ? 3   A   A OP2   1 
ATOM   59   O  "O5'" . A   A 1 3  ? 21.236  -2.837  1.691   1.00 72.87  ? 3   A   A "O5'" 1 
ATOM   60   C  "C5'" . A   A 1 3  ? 22.038  -1.657  1.541   1.00 71.65  ? 3   A   A "C5'" 1 
ATOM   61   C  "C4'" . A   A 1 3  ? 22.838  -1.760  0.266   1.00 70.17  ? 3   A   A "C4'" 1 
ATOM   62   O  "O4'" . A   A 1 3  ? 23.808  -2.833  0.385   1.00 68.80  ? 3   A   A "O4'" 1 
ATOM   63   C  "C3'" . A   A 1 3  ? 22.000  -2.168  -0.941  1.00 70.13  ? 3   A   A "C3'" 1 
ATOM   64   O  "O3'" . A   A 1 3  ? 21.300  -1.078  -1.482  1.00 69.72  ? 3   A   A "O3'" 1 
ATOM   65   C  "C2'" . A   A 1 3  ? 23.096  -2.658  -1.874  1.00 69.93  ? 3   A   A "C2'" 1 
ATOM   66   O  "O2'" . A   A 1 3  ? 23.817  -1.588  -2.472  1.00 69.33  ? 3   A   A "O2'" 1 
ATOM   67   C  "C1'" . A   A 1 3  ? 23.942  -3.470  -0.879  1.00 69.14  ? 3   A   A "C1'" 1 
ATOM   68   N  N9    . A   A 1 3  ? 23.488  -4.868  -0.808  1.00 69.42  ? 3   A   A N9    1 
ATOM   69   C  C8    . A   A 1 3  ? 22.762  -5.485  0.179   1.00 69.17  ? 3   A   A C8    1 
ATOM   70   N  N7    . A   A 1 3  ? 22.493  -6.754  -0.044  1.00 68.58  ? 3   A   A N7    1 
ATOM   71   C  C5    . A   A 1 3  ? 23.072  -6.988  -1.269  1.00 68.36  ? 3   A   A C5    1 
ATOM   72   C  C6    . A   A 1 3  ? 23.156  -8.137  -2.067  1.00 67.77  ? 3   A   A C6    1 
ATOM   73   N  N6    . A   A 1 3  ? 22.630  -9.296  -1.718  1.00 68.37  ? 3   A   A N6    1 
ATOM   74   N  N1    . A   A 1 3  ? 23.805  -8.057  -3.245  1.00 68.36  ? 3   A   A N1    1 
ATOM   75   C  C2    . A   A 1 3  ? 24.360  -6.888  -3.600  1.00 68.93  ? 3   A   A C2    1 
ATOM   76   N  N3    . A   A 1 3  ? 24.364  -5.733  -2.927  1.00 69.57  ? 3   A   A N3    1 
ATOM   77   C  C4    . A   A 1 3  ? 23.690  -5.847  -1.759  1.00 69.65  ? 3   A   A C4    1 
ATOM   78   P  P     . G   A 1 4  ? 19.921  -1.321  -2.252  1.00 70.34  ? 4   G   A P     1 
ATOM   79   O  OP1   . G   A 1 4  ? 19.338  0.035   -2.387  1.00 71.59  ? 4   G   A OP1   1 
ATOM   80   O  OP2   . G   A 1 4  ? 19.162  -2.416  -1.618  1.00 69.66  ? 4   G   A OP2   1 
ATOM   81   O  "O5'" . G   A 1 4  ? 20.310  -1.889  -3.696  1.00 70.03  ? 4   G   A "O5'" 1 
ATOM   82   C  "C5'" . G   A 1 4  ? 21.105  -1.124  -4.594  1.00 69.68  ? 4   G   A "C5'" 1 
ATOM   83   C  "C4'" . G   A 1 4  ? 21.474  -1.963  -5.803  1.00 69.62  ? 4   G   A "C4'" 1 
ATOM   84   O  "O4'" . G   A 1 4  ? 22.414  -3.009  -5.469  1.00 70.09  ? 4   G   A "O4'" 1 
ATOM   85   C  "C3'" . G   A 1 4  ? 20.359  -2.755  -6.460  1.00 69.50  ? 4   G   A "C3'" 1 
ATOM   86   O  "O3'" . G   A 1 4  ? 19.597  -1.832  -7.156  1.00 70.17  ? 4   G   A "O3'" 1 
ATOM   87   C  "C2'" . G   A 1 4  ? 21.235  -3.586  -7.383  1.00 69.78  ? 4   G   A "C2'" 1 
ATOM   88   O  "O2'" . G   A 1 4  ? 21.920  -2.805  -8.345  1.00 69.01  ? 4   G   A "O2'" 1 
ATOM   89   C  "C1'" . G   A 1 4  ? 22.250  -4.088  -6.365  1.00 70.05  ? 4   G   A "C1'" 1 
ATOM   90   N  N9    . G   A 1 4  ? 21.773  -5.272  -5.640  1.00 70.86  ? 4   G   A N9    1 
ATOM   91   C  C8    . G   A 1 4  ? 21.300  -5.334  -4.345  1.00 70.17  ? 4   G   A C8    1 
ATOM   92   N  N7    . G   A 1 4  ? 20.936  -6.531  -3.981  1.00 69.84  ? 4   G   A N7    1 
ATOM   93   C  C5    . G   A 1 4  ? 21.179  -7.318  -5.096  1.00 69.88  ? 4   G   A C5    1 
ATOM   94   C  C6    . G   A 1 4  ? 20.988  -8.703  -5.296  1.00 69.41  ? 4   G   A C6    1 
ATOM   95   O  O6    . G   A 1 4  ? 20.545  -9.533  -4.494  1.00 69.57  ? 4   G   A O6    1 
ATOM   96   N  N1    . G   A 1 4  ? 21.363  -9.102  -6.578  1.00 69.81  ? 4   G   A N1    1 
ATOM   97   C  C2    . G   A 1 4  ? 21.872  -8.268  -7.550  1.00 69.98  ? 4   G   A C2    1 
ATOM   98   N  N2    . G   A 1 4  ? 22.191  -8.822  -8.735  1.00 70.36  ? 4   G   A N2    1 
ATOM   99   N  N3    . G   A 1 4  ? 22.064  -6.971  -7.367  1.00 69.96  ? 4   G   A N3    1 
ATOM   100  C  C4    . G   A 1 4  ? 21.697  -6.562  -6.126  1.00 70.52  ? 4   G   A C4    1 
ATOM   101  P  P     . U   A 1 5  ? 18.092  -2.039  -7.629  1.00 70.94  ? 5   U   A P     1 
ATOM   102  O  OP1   . U   A 1 5  ? 17.844  -0.819  -8.427  1.00 72.03  ? 5   U   A OP1   1 
ATOM   103  O  OP2   . U   A 1 5  ? 17.224  -2.380  -6.482  1.00 68.45  ? 5   U   A OP2   1 
ATOM   104  O  "O5'" . U   A 1 5  ? 18.098  -3.270  -8.666  1.00 71.52  ? 5   U   A "O5'" 1 
ATOM   105  C  "C5'" . U   A 1 5  ? 18.658  -3.170  -9.976  1.00 70.48  ? 5   U   A "C5'" 1 
ATOM   106  C  "C4'" . U   A 1 5  ? 18.819  -4.553  -10.580 1.00 70.53  ? 5   U   A "C4'" 1 
ATOM   107  O  "O4'" . U   A 1 5  ? 19.521  -5.400  -9.647  1.00 69.24  ? 5   U   A "O4'" 1 
ATOM   108  C  "C3'" . U   A 1 5  ? 17.541  -5.341  -10.795 1.00 71.55  ? 5   U   A "C3'" 1 
ATOM   109  O  "O3'" . U   A 1 5  ? 16.829  -4.925  -11.945 1.00 72.42  ? 5   U   A "O3'" 1 
ATOM   110  C  "C2'" . U   A 1 5  ? 18.095  -6.755  -10.936 1.00 71.70  ? 5   U   A "C2'" 1 
ATOM   111  O  "O2'" . U   A 1 5  ? 18.845  -7.038  -12.110 1.00 73.38  ? 5   U   A "O2'" 1 
ATOM   112  C  "C1'" . U   A 1 5  ? 19.075  -6.732  -9.792  1.00 70.61  ? 5   U   A "C1'" 1 
ATOM   113  N  N1    . U   A 1 5  ? 18.577  -7.211  -8.482  1.00 70.73  ? 5   U   A N1    1 
ATOM   114  C  C2    . U   A 1 5  ? 18.411  -8.568  -8.279  1.00 70.44  ? 5   U   A C2    1 
ATOM   115  O  O2    . U   A 1 5  ? 18.610  -9.400  -9.144  1.00 71.83  ? 5   U   A O2    1 
ATOM   116  N  N3    . U   A 1 5  ? 17.991  -8.918  -7.019  1.00 70.86  ? 5   U   A N3    1 
ATOM   117  C  C4    . U   A 1 5  ? 17.737  -8.055  -5.955  1.00 71.27  ? 5   U   A C4    1 
ATOM   118  O  O4    . U   A 1 5  ? 17.372  -8.498  -4.874  1.00 71.05  ? 5   U   A O4    1 
ATOM   119  C  C5    . U   A 1 5  ? 17.939  -6.653  -6.237  1.00 71.55  ? 5   U   A C5    1 
ATOM   120  C  C6    . U   A 1 5  ? 18.347  -6.297  -7.467  1.00 71.56  ? 5   U   A C6    1 
ATOM   121  P  P     . U   A 1 6  ? 15.229  -4.975  -11.977 1.00 71.26  ? 6   U   A P     1 
ATOM   122  O  OP1   . U   A 1 6  ? 14.820  -4.203  -13.166 1.00 71.80  ? 6   U   A OP1   1 
ATOM   123  O  OP2   . U   A 1 6  ? 14.684  -4.631  -10.649 1.00 71.45  ? 6   U   A OP2   1 
ATOM   124  O  "O5'" . U   A 1 6  ? 14.897  -6.526  -12.188 1.00 73.31  ? 6   U   A "O5'" 1 
ATOM   125  C  "C5'" . U   A 1 6  ? 15.299  -7.235  -13.358 1.00 74.19  ? 6   U   A "C5'" 1 
ATOM   126  C  "C4'" . U   A 1 6  ? 15.084  -8.723  -13.147 1.00 75.14  ? 6   U   A "C4'" 1 
ATOM   127  O  "O4'" . U   A 1 6  ? 15.885  -9.185  -12.038 1.00 73.16  ? 6   U   A "O4'" 1 
ATOM   128  C  "C3'" . U   A 1 6  ? 13.684  -9.113  -12.690 1.00 76.24  ? 6   U   A "C3'" 1 
ATOM   129  O  "O3'" . U   A 1 6  ? 12.835  -9.142  -13.765 1.00 77.42  ? 6   U   A "O3'" 1 
ATOM   130  C  "C2'" . U   A 1 6  ? 13.928  -10.510 -12.107 1.00 76.52  ? 6   U   A "C2'" 1 
ATOM   131  O  "O2'" . U   A 1 6  ? 14.276  -11.557 -13.005 1.00 77.25  ? 6   U   A "O2'" 1 
ATOM   132  C  "C1'" . U   A 1 6  ? 15.175  -10.189 -11.320 1.00 73.38  ? 6   U   A "C1'" 1 
ATOM   133  N  N1    . U   A 1 6  ? 14.975  -9.763  -9.898  1.00 72.40  ? 6   U   A N1    1 
ATOM   134  C  C2    . U   A 1 6  ? 14.721  -10.726 -8.939  1.00 71.91  ? 6   U   A C2    1 
ATOM   135  O  O2    . U   A 1 6  ? 14.600  -11.908 -9.191  1.00 71.80  ? 6   U   A O2    1 
ATOM   136  N  N3    . U   A 1 6  ? 14.615  -10.253 -7.653  1.00 72.21  ? 6   U   A N3    1 
ATOM   137  C  C4    . U   A 1 6  ? 14.722  -8.934  -7.234  1.00 72.36  ? 6   U   A C4    1 
ATOM   138  O  O4    . U   A 1 6  ? 14.586  -8.648  -6.046  1.00 71.97  ? 6   U   A O4    1 
ATOM   139  C  C5    . U   A 1 6  ? 14.983  -7.989  -8.292  1.00 72.18  ? 6   U   A C5    1 
ATOM   140  C  C6    . U   A 1 6  ? 15.105  -8.430  -9.552  1.00 72.30  ? 6   U   A C6    1 
ATOM   141  P  P     . C   A 1 7  ? 11.353  -8.591  -13.665 1.00 80.37  ? 7   C   A P     1 
ATOM   142  O  OP1   . C   A 1 7  ? 10.982  -8.431  -15.086 1.00 81.40  ? 7   C   A OP1   1 
ATOM   143  O  OP2   . C   A 1 7  ? 11.188  -7.476  -12.709 1.00 79.21  ? 7   C   A OP2   1 
ATOM   144  O  "O5'" . C   A 1 7  ? 10.579  -9.855  -13.044 1.00 82.76  ? 7   C   A "O5'" 1 
ATOM   145  C  "C5'" . C   A 1 7  ? 10.653  -11.171 -13.690 1.00 83.04  ? 7   C   A "C5'" 1 
ATOM   146  C  "C4'" . C   A 1 7  ? 10.205  -12.304 -12.763 1.00 81.97  ? 7   C   A "C4'" 1 
ATOM   147  O  "O4'" . C   A 1 7  ? 11.211  -12.501 -11.730 1.00 79.99  ? 7   C   A "O4'" 1 
ATOM   148  C  "C3'" . C   A 1 7  ? 8.922   -12.076 -11.955 1.00 81.42  ? 7   C   A "C3'" 1 
ATOM   149  O  "O3'" . C   A 1 7  ? 7.735   -12.347 -12.675 1.00 81.21  ? 7   C   A "O3'" 1 
ATOM   150  C  "C2'" . C   A 1 7  ? 9.123   -13.043 -10.786 1.00 81.05  ? 7   C   A "C2'" 1 
ATOM   151  O  "O2'" . C   A 1 7  ? 8.913   -14.410 -11.092 1.00 82.81  ? 7   C   A "O2'" 1 
ATOM   152  C  "C1'" . C   A 1 7  ? 10.598  -12.826 -10.496 1.00 77.29  ? 7   C   A "C1'" 1 
ATOM   153  N  N1    . C   A 1 7  ? 10.844  -11.747 -9.508  1.00 75.45  ? 7   C   A N1    1 
ATOM   154  C  C2    . C   A 1 7  ? 10.774  -12.055 -8.142  1.00 75.74  ? 7   C   A C2    1 
ATOM   155  O  O2    . C   A 1 7  ? 10.505  -13.215 -7.799  1.00 76.32  ? 7   C   A O2    1 
ATOM   156  N  N3    . C   A 1 7  ? 11.012  -11.085 -7.218  1.00 74.43  ? 7   C   A N3    1 
ATOM   157  C  C4    . C   A 1 7  ? 11.298  -9.851  -7.616  1.00 74.77  ? 7   C   A C4    1 
ATOM   158  N  N4    . C   A 1 7  ? 11.530  -8.936  -6.674  1.00 75.18  ? 7   C   A N4    1 
ATOM   159  C  C5    . C   A 1 7  ? 11.370  -9.514  -8.999  1.00 74.77  ? 7   C   A C5    1 
ATOM   160  C  C6    . C   A 1 7  ? 11.144  -10.479 -9.903  1.00 74.23  ? 7   C   A C6    1 
ATOM   161  P  P     . A   A 1 8  ? 6.432   -11.432 -12.446 1.00 82.63  ? 8   A   A P     1 
ATOM   162  O  OP1   . A   A 1 8  ? 5.527   -11.812 -13.542 1.00 81.69  ? 8   A   A OP1   1 
ATOM   163  O  OP2   . A   A 1 8  ? 6.773   -10.015 -12.240 1.00 82.43  ? 8   A   A OP2   1 
ATOM   164  O  "O5'" . A   A 1 8  ? 5.889   -11.918 -11.010 1.00 82.27  ? 8   A   A "O5'" 1 
ATOM   165  C  "C5'" . A   A 1 8  ? 5.405   -13.256 -10.823 1.00 79.67  ? 8   A   A "C5'" 1 
ATOM   166  C  "C4'" . A   A 1 8  ? 5.273   -13.598 -9.352  1.00 77.65  ? 8   A   A "C4'" 1 
ATOM   167  O  "O4'" . A   A 1 8  ? 6.568   -13.475 -8.695  1.00 77.15  ? 8   A   A "O4'" 1 
ATOM   168  C  "C3'" . A   A 1 8  ? 4.347   -12.726 -8.505  1.00 76.19  ? 8   A   A "C3'" 1 
ATOM   169  O  "O3'" . A   A 1 8  ? 2.985   -13.081 -8.661  1.00 75.35  ? 8   A   A "O3'" 1 
ATOM   170  C  "C2'" . A   A 1 8  ? 4.847   -13.161 -7.134  1.00 75.97  ? 8   A   A "C2'" 1 
ATOM   171  O  "O2'" . A   A 1 8  ? 4.406   -14.462 -6.785  1.00 75.65  ? 8   A   A "O2'" 1 
ATOM   172  C  "C1'" . A   A 1 8  ? 6.363   -13.113 -7.341  1.00 74.84  ? 8   A   A "C1'" 1 
ATOM   173  N  N9    . A   A 1 8  ? 6.953   -11.788 -7.066  1.00 74.65  ? 8   A   A N9    1 
ATOM   174  C  C8    . A   A 1 8  ? 7.385   -10.818 -7.943  1.00 73.78  ? 8   A   A C8    1 
ATOM   175  N  N7    . A   A 1 8  ? 7.863   -9.734  -7.348  1.00 73.23  ? 8   A   A N7    1 
ATOM   176  C  C5    . A   A 1 8  ? 7.726   -10.003 -5.995  1.00 73.17  ? 8   A   A C5    1 
ATOM   177  C  C6    . A   A 1 8  ? 8.046   -9.291  -4.815  1.00 73.91  ? 8   A   A C6    1 
ATOM   178  N  N6    . A   A 1 8  ? 8.596   -8.075  -4.759  1.00 73.22  ? 8   A   A N6    1 
ATOM   179  N  N1    . A   A 1 8  ? 7.768   -9.882  -3.635  1.00 73.99  ? 8   A   A N1    1 
ATOM   180  C  C2    . A   A 1 8  ? 7.222   -11.093 -3.624  1.00 73.74  ? 8   A   A C2    1 
ATOM   181  N  N3    . A   A 1 8  ? 6.905   -11.864 -4.655  1.00 74.06  ? 8   A   A N3    1 
ATOM   182  C  C4    . A   A 1 8  ? 7.173   -11.258 -5.816  1.00 73.77  ? 8   A   A C4    1 
ATOM   183  P  P     . C   A 1 9  ? 1.785   -12.013 -8.656  1.00 76.10  ? 9   C   A P     1 
ATOM   184  O  OP1   . C   A 1 9  ? 0.615   -12.699 -9.260  1.00 75.01  ? 9   C   A OP1   1 
ATOM   185  O  OP2   . C   A 1 9  ? 2.226   -10.701 -9.183  1.00 75.02  ? 9   C   A OP2   1 
ATOM   186  O  "O5'" . C   A 1 9  ? 1.533   -11.768 -7.098  1.00 76.84  ? 9   C   A "O5'" 1 
ATOM   187  C  "C5'" . C   A 1 9  ? 1.477   -12.876 -6.182  1.00 77.23  ? 9   C   A "C5'" 1 
ATOM   188  C  "C4'" . C   A 1 9  ? 1.647   -12.396 -4.752  1.00 76.15  ? 9   C   A "C4'" 1 
ATOM   189  O  "O4'" . C   A 1 9  ? 3.024   -12.007 -4.570  1.00 75.89  ? 9   C   A "O4'" 1 
ATOM   190  C  "C3'" . C   A 1 9  ? 0.909   -11.114 -4.417  1.00 75.81  ? 9   C   A "C3'" 1 
ATOM   191  O  "O3'" . C   A 1 9  ? -0.427  -11.371 -4.179  1.00 72.69  ? 9   C   A "O3'" 1 
ATOM   192  C  "C2'" . C   A 1 9  ? 1.670   -10.675 -3.170  1.00 77.30  ? 9   C   A "C2'" 1 
ATOM   193  O  "O2'" . C   A 1 9  ? 1.331   -11.355 -1.982  1.00 78.79  ? 9   C   A "O2'" 1 
ATOM   194  C  "C1'" . C   A 1 9  ? 3.103   -11.035 -3.562  1.00 77.41  ? 9   C   A "C1'" 1 
ATOM   195  N  N1    . C   A 1 9  ? 3.844   -9.860  -4.077  1.00 78.44  ? 9   C   A N1    1 
ATOM   196  C  C2    . C   A 1 9  ? 4.389   -8.974  -3.135  1.00 79.31  ? 9   C   A C2    1 
ATOM   197  O  O2    . C   A 1 9  ? 4.232   -9.248  -1.937  1.00 79.80  ? 9   C   A O2    1 
ATOM   198  N  N3    . C   A 1 9  ? 5.071   -7.867  -3.557  1.00 78.60  ? 9   C   A N3    1 
ATOM   199  C  C4    . C   A 1 9  ? 5.206   -7.654  -4.872  1.00 78.43  ? 9   C   A C4    1 
ATOM   200  N  N4    . C   A 1 9  ? 5.884   -6.587  -5.251  1.00 77.42  ? 9   C   A N4    1 
ATOM   201  C  C5    . C   A 1 9  ? 4.647   -8.534  -5.858  1.00 79.72  ? 9   C   A C5    1 
ATOM   202  C  C6    . C   A 1 9  ? 3.973   -9.619  -5.422  1.00 79.18  ? 9   C   A C6    1 
ATOM   203  P  P     . C   A 1 10 ? -1.547  -10.265 -4.398  1.00 73.73  ? 10  C   A P     1 
ATOM   204  O  OP1   . C   A 1 10 ? -2.809  -10.986 -4.126  1.00 74.85  ? 10  C   A OP1   1 
ATOM   205  O  OP2   . C   A 1 10 ? -1.338  -9.537  -5.659  1.00 75.68  ? 10  C   A OP2   1 
ATOM   206  O  "O5'" . C   A 1 10 ? -1.305  -9.105  -3.336  1.00 74.47  ? 10  C   A "O5'" 1 
ATOM   207  C  "C5'" . C   A 1 10 ? -1.298  -9.383  -1.953  1.00 75.98  ? 10  C   A "C5'" 1 
ATOM   208  C  "C4'" . C   A 1 10 ? -0.665  -8.210  -1.245  1.00 76.53  ? 10  C   A "C4'" 1 
ATOM   209  O  "O4'" . C   A 1 10 ? 0.762   -8.123  -1.521  1.00 77.27  ? 10  C   A "O4'" 1 
ATOM   210  C  "C3'" . C   A 1 10 ? -1.229  -6.876  -1.705  1.00 75.01  ? 10  C   A "C3'" 1 
ATOM   211  O  "O3'" . C   A 1 10 ? -2.474  -6.690  -1.088  1.00 73.54  ? 10  C   A "O3'" 1 
ATOM   212  C  "C2'" . C   A 1 10 ? -0.126  -5.952  -1.202  1.00 74.62  ? 10  C   A "C2'" 1 
ATOM   213  O  "O2'" . C   A 1 10 ? -0.225  -5.729  0.166   1.00 74.15  ? 10  C   A "O2'" 1 
ATOM   214  C  "C1'" . C   A 1 10 ? 1.142   -6.752  -1.496  1.00 75.82  ? 10  C   A "C1'" 1 
ATOM   215  N  N1    . C   A 1 10 ? 1.687   -6.353  -2.833  1.00 76.41  ? 10  C   A N1    1 
ATOM   216  C  C2    . C   A 1 10 ? 2.648   -5.343  -2.918  1.00 76.62  ? 10  C   A C2    1 
ATOM   217  O  O2    . C   A 1 10 ? 3.033   -4.841  -1.862  1.00 75.23  ? 10  C   A O2    1 
ATOM   218  N  N3    . C   A 1 10 ? 3.124   -4.975  -4.159  1.00 77.79  ? 10  C   A N3    1 
ATOM   219  C  C4    . C   A 1 10 ? 2.653   -5.579  -5.265  1.00 75.87  ? 10  C   A C4    1 
ATOM   220  N  N4    . C   A 1 10 ? 3.111   -5.230  -6.464  1.00 74.51  ? 10  C   A N4    1 
ATOM   221  C  C5    . C   A 1 10 ? 1.669   -6.600  -5.184  1.00 76.32  ? 10  C   A C5    1 
ATOM   222  C  C6    . C   A 1 10 ? 1.217   -6.945  -3.977  1.00 76.30  ? 10  C   A C6    1 
ATOM   223  P  P     . G   A 1 11 ? -3.548  -5.595  -1.525  1.00 75.21  ? 11  G   A P     1 
ATOM   224  O  OP1   . G   A 1 11 ? -4.615  -6.203  -2.337  1.00 76.44  ? 11  G   A OP1   1 
ATOM   225  O  OP2   . G   A 1 11 ? -2.927  -4.312  -1.956  1.00 74.71  ? 11  G   A OP2   1 
ATOM   226  O  "O5'" . G   A 1 11 ? -4.135  -5.406  -0.055  1.00 78.02  ? 11  G   A "O5'" 1 
ATOM   227  C  "C5'" . G   A 1 11 ? -5.422  -4.840  0.200   1.00 78.18  ? 11  G   A "C5'" 1 
ATOM   228  C  "C4'" . G   A 1 11 ? -5.589  -4.732  1.706   1.00 78.08  ? 11  G   A "C4'" 1 
ATOM   229  O  "O4'" . G   A 1 11 ? -5.084  -5.913  2.406   1.00 78.83  ? 11  G   A "O4'" 1 
ATOM   230  C  "C3'" . G   A 1 11 ? -4.780  -3.621  2.349   1.00 76.25  ? 11  G   A "C3'" 1 
ATOM   231  O  "O3'" . G   A 1 11 ? -5.354  -2.372  2.031   1.00 73.27  ? 11  G   A "O3'" 1 
ATOM   232  C  "C2'" . G   A 1 11 ? -4.934  -4.047  3.807   1.00 76.66  ? 11  G   A "C2'" 1 
ATOM   233  O  "O2'" . G   A 1 11 ? -6.270  -3.892  4.235   1.00 77.78  ? 11  G   A "O2'" 1 
ATOM   234  C  "C1'" . G   A 1 11 ? -4.654  -5.544  3.715   1.00 77.63  ? 11  G   A "C1'" 1 
ATOM   235  N  N9    . G   A 1 11 ? -3.264  -5.982  3.875   1.00 77.64  ? 11  G   A N9    1 
ATOM   236  C  C8    . G   A 1 11 ? -2.433  -6.358  2.848   1.00 77.70  ? 11  G   A C8    1 
ATOM   237  N  N7    . G   A 1 11 ? -1.239  -6.711  3.247   1.00 78.03  ? 11  G   A N7    1 
ATOM   238  C  C5    . G   A 1 11 ? -1.265  -6.564  4.619   1.00 77.63  ? 11  G   A C5    1 
ATOM   239  C  C6    . G   A 1 11 ? -0.250  -6.805  5.582   1.00 78.59  ? 11  G   A C6    1 
ATOM   240  O  O6    . G   A 1 11 ? 0.904   -7.209  5.410   1.00 78.37  ? 11  G   A O6    1 
ATOM   241  N  N1    . G   A 1 11 ? -0.665  -6.532  6.882   1.00 78.54  ? 11  G   A N1    1 
ATOM   242  C  C2    . G   A 1 11 ? -1.921  -6.087  7.193   1.00 77.58  ? 11  G   A C2    1 
ATOM   243  N  N2    . G   A 1 11 ? -2.141  -5.886  8.490   1.00 77.39  ? 11  G   A N2    1 
ATOM   244  N  N3    . G   A 1 11 ? -2.882  -5.862  6.300   1.00 77.84  ? 11  G   A N3    1 
ATOM   245  C  C4    . G   A 1 11 ? -2.503  -6.119  5.026   1.00 77.34  ? 11  G   A C4    1 
ATOM   246  P  P     . A   A 1 12 ? -4.446  -1.073  2.118   1.00 74.19  ? 12  A   A P     1 
ATOM   247  O  OP1   . A   A 1 12 ? -5.193  0.222   1.910   1.00 73.85  ? 12  A   A OP1   1 
ATOM   248  O  OP2   . A   A 1 12 ? -3.245  -1.345  1.301   1.00 73.80  ? 12  A   A OP2   1 
ATOM   249  O  "O5'" . A   A 1 12 ? -4.020  -1.143  3.653   1.00 73.67  ? 12  A   A "O5'" 1 
ATOM   250  C  "C5'" . A   A 1 12 ? -4.684  -0.356  4.622   1.00 71.93  ? 12  A   A "C5'" 1 
ATOM   251  C  "C4'" . A   A 1 12 ? -3.989  -0.485  5.968   1.00 72.12  ? 12  A   A "C4'" 1 
ATOM   252  O  "O4'" . A   A 1 12 ? -3.654  -1.862  6.315   1.00 71.37  ? 12  A   A "O4'" 1 
ATOM   253  C  "C3'" . A   A 1 12 ? -2.659  0.228   6.033   1.00 70.71  ? 12  A   A "C3'" 1 
ATOM   254  O  "O3'" . A   A 1 12 ? -2.929  1.588   6.174   1.00 71.51  ? 12  A   A "O3'" 1 
ATOM   255  C  "C2'" . A   A 1 12 ? -2.065  -0.425  7.279   1.00 70.51  ? 12  A   A "C2'" 1 
ATOM   256  O  "O2'" . A   A 1 12 ? -2.621  0.041   8.494   1.00 69.52  ? 12  A   A "O2'" 1 
ATOM   257  C  "C1'" . A   A 1 12 ? -2.435  -1.889  7.028   1.00 70.94  ? 12  A   A "C1'" 1 
ATOM   258  N  N9    . A   A 1 12 ? -1.411  -2.495  6.195   1.00 70.94  ? 12  A   A N9    1 
ATOM   259  C  C8    . A   A 1 12 ? -1.404  -2.498  4.826   1.00 71.70  ? 12  A   A C8    1 
ATOM   260  N  N7    . A   A 1 12 ? -0.353  -3.063  4.286   1.00 72.34  ? 12  A   A N7    1 
ATOM   261  C  C5    . A   A 1 12 ? 0.407   -3.466  5.383   1.00 72.79  ? 12  A   A C5    1 
ATOM   262  C  C6    . A   A 1 12 ? 1.657   -4.136  5.480   1.00 71.45  ? 12  A   A C6    1 
ATOM   263  N  N6    . A   A 1 12 ? 2.379   -4.533  4.423   1.00 70.00  ? 12  A   A N6    1 
ATOM   264  N  N1    . A   A 1 12 ? 2.123   -4.382  6.725   1.00 71.27  ? 12  A   A N1    1 
ATOM   265  C  C2    . A   A 1 12 ? 1.410   -3.986  7.792   1.00 71.48  ? 12  A   A C2    1 
ATOM   266  N  N3    . A   A 1 12 ? 0.236   -3.348  7.826   1.00 71.96  ? 12  A   A N3    1 
ATOM   267  C  C4    . A   A 1 12 ? -0.231  -3.116  6.575   1.00 72.37  ? 12  A   A C4    1 
ATOM   268  P  P     . G   A 1 13 ? -2.565  2.620   5.017   1.00 71.30  ? 13  G   A P     1 
ATOM   269  O  OP1   . G   A 1 13 ? -3.402  3.812   5.216   1.00 71.55  ? 13  G   A OP1   1 
ATOM   270  O  OP2   . G   A 1 13 ? -2.544  1.899   3.742   1.00 69.97  ? 13  G   A OP2   1 
ATOM   271  O  "O5'" . G   A 1 13 ? -1.072  3.045   5.375   1.00 73.44  ? 13  G   A "O5'" 1 
ATOM   272  C  "C5'" . G   A 1 13 ? -0.717  3.438   6.709   1.00 73.76  ? 13  G   A "C5'" 1 
ATOM   273  C  "C4'" . G   A 1 13 ? 0.686   4.018   6.709   1.00 76.32  ? 13  G   A "C4'" 1 
ATOM   274  O  "O4'" . G   A 1 13 ? 1.703   2.966   6.685   1.00 76.85  ? 13  G   A "O4'" 1 
ATOM   275  C  "C3'" . G   A 1 13 ? 0.969   4.866   5.475   1.00 76.89  ? 13  G   A "C3'" 1 
ATOM   276  O  "O3'" . G   A 1 13 ? 0.675   6.210   5.741   1.00 76.55  ? 13  G   A "O3'" 1 
ATOM   277  C  "C2'" . G   A 1 13 ? 2.468   4.706   5.317   1.00 76.92  ? 13  G   A "C2'" 1 
ATOM   278  O  "O2'" . G   A 1 13 ? 3.074   5.703   6.109   1.00 78.15  ? 13  G   A "O2'" 1 
ATOM   279  C  "C1'" . G   A 1 13 ? 2.716   3.250   5.737   1.00 76.34  ? 13  G   A "C1'" 1 
ATOM   280  N  N9    . G   A 1 13 ? 2.461   2.399   4.582   1.00 76.42  ? 13  G   A N9    1 
ATOM   281  C  C8    . G   A 1 13 ? 1.478   1.446   4.449   1.00 76.21  ? 13  G   A C8    1 
ATOM   282  N  N7    . G   A 1 13 ? 1.459   0.866   3.282   1.00 75.17  ? 13  G   A N7    1 
ATOM   283  C  C5    . G   A 1 13 ? 2.489   1.473   2.584   1.00 74.96  ? 13  G   A C5    1 
ATOM   284  C  C6    . G   A 1 13 ? 2.943   1.273   1.260   1.00 76.15  ? 13  G   A C6    1 
ATOM   285  O  O6    . G   A 1 13 ? 2.531   0.480   0.406   1.00 76.82  ? 13  G   A O6    1 
ATOM   286  N  N1    . G   A 1 13 ? 4.003   2.101   0.915   1.00 76.88  ? 13  G   A N1    1 
ATOM   287  C  C2    . G   A 1 13 ? 4.561   3.019   1.771   1.00 76.82  ? 13  G   A C2    1 
ATOM   288  N  N2    . G   A 1 13 ? 5.578   3.735   1.271   1.00 76.28  ? 13  G   A N2    1 
ATOM   289  N  N3    . G   A 1 13 ? 4.139   3.224   3.016   1.00 76.46  ? 13  G   A N3    1 
ATOM   290  C  C4    . G   A 1 13 ? 3.103   2.425   3.359   1.00 75.63  ? 13  G   A C4    1 
ATOM   291  P  P     . G   A 1 14 ? 0.210   7.193   4.572   1.00 76.88  ? 14  G   A P     1 
ATOM   292  O  OP1   . G   A 1 14 ? 0.090   8.516   5.234   1.00 78.59  ? 14  G   A OP1   1 
ATOM   293  O  OP2   . G   A 1 14 ? -0.902  6.604   3.804   1.00 75.20  ? 14  G   A OP2   1 
ATOM   294  O  "O5'" . G   A 1 14 ? 1.457   7.258   3.578   1.00 78.76  ? 14  G   A "O5'" 1 
ATOM   295  C  "C5'" . G   A 1 14 ? 2.573   8.140   3.772   1.00 77.93  ? 14  G   A "C5'" 1 
ATOM   296  C  "C4'" . G   A 1 14 ? 3.475   8.114   2.547   1.00 78.66  ? 14  G   A "C4'" 1 
ATOM   297  O  "O4'" . G   A 1 14 ? 3.900   6.748   2.223   1.00 79.49  ? 14  G   A "O4'" 1 
ATOM   298  C  "C3'" . G   A 1 14 ? 2.846   8.632   1.259   1.00 78.23  ? 14  G   A "C3'" 1 
ATOM   299  O  "O3'" . G   A 1 14 ? 2.882   10.066  1.243   1.00 77.17  ? 14  G   A "O3'" 1 
ATOM   300  C  "C2'" . G   A 1 14 ? 3.747   7.944   0.218   1.00 79.34  ? 14  G   A "C2'" 1 
ATOM   301  O  "O2'" . G   A 1 14 ? 5.041   8.522   0.064   1.00 79.34  ? 14  G   A "O2'" 1 
ATOM   302  C  "C1'" . G   A 1 14 ? 3.918   6.545   0.819   1.00 78.22  ? 14  G   A "C1'" 1 
ATOM   303  N  N9    . G   A 1 14 ? 2.914   5.546   0.407   1.00 78.19  ? 14  G   A N9    1 
ATOM   304  C  C8    . G   A 1 14 ? 1.970   4.935   1.201   1.00 77.84  ? 14  G   A C8    1 
ATOM   305  N  N7    . G   A 1 14 ? 1.210   4.077   0.556   1.00 78.55  ? 14  G   A N7    1 
ATOM   306  C  C5    . G   A 1 14 ? 1.674   4.108   -0.754  1.00 78.01  ? 14  G   A C5    1 
ATOM   307  C  C6    . G   A 1 14 ? 1.227   3.404   -1.904  1.00 77.95  ? 14  G   A C6    1 
ATOM   308  O  O6    . G   A 1 14 ? 0.305   2.575   -1.989  1.00 77.77  ? 14  G   A O6    1 
ATOM   309  N  N1    . G   A 1 14 ? 1.964   3.735   -3.041  1.00 77.73  ? 14  G   A N1    1 
ATOM   310  C  C2    . G   A 1 14 ? 2.995   4.637   -3.069  1.00 77.58  ? 14  G   A C2    1 
ATOM   311  N  N2    . G   A 1 14 ? 3.593   4.832   -4.239  1.00 77.71  ? 14  G   A N2    1 
ATOM   312  N  N3    . G   A 1 14 ? 3.415   5.306   -2.008  1.00 78.53  ? 14  G   A N3    1 
ATOM   313  C  C4    . G   A 1 14 ? 2.716   5.006   -0.870  1.00 78.73  ? 14  G   A C4    1 
ATOM   314  P  P     . C   A 1 15 ? 1.757   10.970  0.511   1.00 77.86  ? 15  C   A P     1 
ATOM   315  O  OP1   . C   A 1 15 ? 2.154   12.391  0.661   1.00 77.73  ? 15  C   A OP1   1 
ATOM   316  O  OP2   . C   A 1 15 ? 0.383   10.527  0.821   1.00 74.31  ? 15  C   A OP2   1 
ATOM   317  O  "O5'" . C   A 1 15 ? 1.956   10.580  -1.020  1.00 79.35  ? 15  C   A "O5'" 1 
ATOM   318  C  "C5'" . C   A 1 15 ? 3.115   10.940  -1.770  1.00 77.96  ? 15  C   A "C5'" 1 
ATOM   319  C  "C4'" . C   A 1 15 ? 2.927   10.277  -3.108  1.00 77.40  ? 15  C   A "C4'" 1 
ATOM   320  O  "O4'" . C   A 1 15 ? 2.927   8.841   -2.911  1.00 76.53  ? 15  C   A "O4'" 1 
ATOM   321  C  "C3'" . C   A 1 15 ? 1.551   10.547  -3.706  1.00 77.61  ? 15  C   A "C3'" 1 
ATOM   322  O  "O3'" . C   A 1 15 ? 1.502   11.817  -4.355  1.00 76.59  ? 15  C   A "O3'" 1 
ATOM   323  C  "C2'" . C   A 1 15 ? 1.404   9.357   -4.655  1.00 77.83  ? 15  C   A "C2'" 1 
ATOM   324  O  "O2'" . C   A 1 15 ? 2.143   9.487   -5.855  1.00 78.19  ? 15  C   A "O2'" 1 
ATOM   325  C  "C1'" . C   A 1 15 ? 1.995   8.241   -3.808  1.00 77.30  ? 15  C   A "C1'" 1 
ATOM   326  N  N1    . C   A 1 15 ? 0.964   7.446   -3.056  1.00 78.18  ? 15  C   A N1    1 
ATOM   327  C  C2    . C   A 1 15 ? 0.209   6.443   -3.727  1.00 78.98  ? 15  C   A C2    1 
ATOM   328  O  O2    . C   A 1 15 ? 0.387   6.239   -4.933  1.00 77.65  ? 15  C   A O2    1 
ATOM   329  N  N3    . C   A 1 15 ? -0.711  5.705   -3.024  1.00 79.26  ? 15  C   A N3    1 
ATOM   330  C  C4    . C   A 1 15 ? -0.895  5.945   -1.709  1.00 78.05  ? 15  C   A C4    1 
ATOM   331  N  N4    . C   A 1 15 ? -1.800  5.208   -1.058  1.00 77.20  ? 15  C   A N4    1 
ATOM   332  C  C5    . C   A 1 15 ? -0.141  6.949   -1.017  1.00 77.19  ? 15  C   A C5    1 
ATOM   333  C  C6    . C   A 1 15 ? 0.762   7.665   -1.713  1.00 77.27  ? 15  C   A C6    1 
ATOM   334  P  P     . C   A 1 16 ? 0.111   12.471  -4.822  1.00 75.58  ? 16  C   A P     1 
ATOM   335  O  OP1   . C   A 1 16 ? 0.448   13.755  -5.478  1.00 75.41  ? 16  C   A OP1   1 
ATOM   336  O  OP2   . C   A 1 16 ? -0.850  12.432  -3.696  1.00 74.37  ? 16  C   A OP2   1 
ATOM   337  O  "O5'" . C   A 1 16 ? -0.433  11.441  -5.911  1.00 75.57  ? 16  C   A "O5'" 1 
ATOM   338  C  "C5'" . C   A 1 16 ? -0.331  11.637  -7.297  1.00 74.08  ? 16  C   A "C5'" 1 
ATOM   339  C  "C4'" . C   A 1 16 ? -1.162  10.578  -7.994  1.00 74.81  ? 16  C   A "C4'" 1 
ATOM   340  O  "O4'" . C   A 1 16 ? -1.025  9.306   -7.321  1.00 73.52  ? 16  C   A "O4'" 1 
ATOM   341  C  "C3'" . C   A 1 16 ? -2.668  10.815  -7.970  1.00 75.40  ? 16  C   A "C3'" 1 
ATOM   342  O  "O3'" . C   A 1 16 ? -3.000  11.718  -8.985  1.00 75.35  ? 16  C   A "O3'" 1 
ATOM   343  C  "C2'" . C   A 1 16 ? -3.206  9.410   -8.264  1.00 75.51  ? 16  C   A "C2'" 1 
ATOM   344  O  "O2'" . C   A 1 16 ? -3.159  8.987   -9.623  1.00 74.35  ? 16  C   A "O2'" 1 
ATOM   345  C  "C1'" . C   A 1 16 ? -2.232  8.573   -7.452  1.00 74.32  ? 16  C   A "C1'" 1 
ATOM   346  N  N1    . C   A 1 16 ? -2.744  8.183   -6.101  1.00 74.90  ? 16  C   A N1    1 
ATOM   347  C  C2    . C   A 1 16 ? -3.808  7.249   -5.998  1.00 74.45  ? 16  C   A C2    1 
ATOM   348  O  O2    . C   A 1 16 ? -4.312  6.789   -7.023  1.00 73.77  ? 16  C   A O2    1 
ATOM   349  N  N3    . C   A 1 16 ? -4.259  6.876   -4.768  1.00 73.70  ? 16  C   A N3    1 
ATOM   350  C  C4    . C   A 1 16 ? -3.680  7.404   -3.673  1.00 74.74  ? 16  C   A C4    1 
ATOM   351  N  N4    . C   A 1 16 ? -4.137  7.023   -2.469  1.00 74.87  ? 16  C   A N4    1 
ATOM   352  C  C5    . C   A 1 16 ? -2.599  8.350   -3.754  1.00 73.75  ? 16  C   A C5    1 
ATOM   353  C  C6    . C   A 1 16 ? -2.168  8.710   -4.971  1.00 74.03  ? 16  C   A C6    1 
ATOM   354  P  P     . A   A 1 17 ? -4.189  12.756  -8.818  1.00 76.56  ? 17  A   A P     1 
ATOM   355  O  OP1   . A   A 1 17 ? -4.110  13.635  -10.007 1.00 77.88  ? 17  A   A OP1   1 
ATOM   356  O  OP2   . A   A 1 17 ? -4.170  13.325  -7.446  1.00 77.33  ? 17  A   A OP2   1 
ATOM   357  O  "O5'" . A   A 1 17 ? -5.496  11.855  -8.964  1.00 76.81  ? 17  A   A "O5'" 1 
ATOM   358  C  "C5'" . A   A 1 17 ? -5.749  11.209  -10.208 1.00 75.89  ? 17  A   A "C5'" 1 
ATOM   359  C  "C4'" . A   A 1 17 ? -6.890  10.224  -10.068 1.00 75.39  ? 17  A   A "C4'" 1 
ATOM   360  O  "O4'" . A   A 1 17 ? -6.514  9.176   -9.141  1.00 74.63  ? 17  A   A "O4'" 1 
ATOM   361  C  "C3'" . A   A 1 17 ? -8.131  10.809  -9.423  1.00 74.81  ? 17  A   A "C3'" 1 
ATOM   362  O  "O3'" . A   A 1 17 ? -8.879  11.554  -10.343 1.00 74.74  ? 17  A   A "O3'" 1 
ATOM   363  C  "C2'" . A   A 1 17 ? -8.845  9.546   -8.967  1.00 74.76  ? 17  A   A "C2'" 1 
ATOM   364  O  "O2'" . A   A 1 17 ? -9.375  8.786   -10.033 1.00 73.99  ? 17  A   A "O2'" 1 
ATOM   365  C  "C1'" . A   A 1 17 ? -7.656  8.801   -8.386  1.00 73.37  ? 17  A   A "C1'" 1 
ATOM   366  N  N9    . A   A 1 17 ? -7.340  8.908   -6.947  1.00 73.27  ? 17  A   A N9    1 
ATOM   367  C  C8    . A   A 1 17 ? -6.353  9.631   -6.317  1.00 72.09  ? 17  A   A C8    1 
ATOM   368  N  N7    . A   A 1 17 ? -6.321  9.441   -5.008  1.00 72.20  ? 17  A   A N7    1 
ATOM   369  C  C5    . A   A 1 17 ? -7.349  8.528   -4.772  1.00 71.98  ? 17  A   A C5    1 
ATOM   370  C  C6    . A   A 1 17 ? -7.848  7.893   -3.606  1.00 71.91  ? 17  A   A C6    1 
ATOM   371  N  N6    . A   A 1 17 ? -7.384  8.073   -2.372  1.00 71.29  ? 17  A   A N6    1 
ATOM   372  N  N1    . A   A 1 17 ? -8.881  7.041   -3.752  1.00 72.49  ? 17  A   A N1    1 
ATOM   373  C  C2    . A   A 1 17 ? -9.386  6.821   -4.977  1.00 72.19  ? 17  A   A C2    1 
ATOM   374  N  N3    . A   A 1 17 ? -9.008  7.351   -6.139  1.00 71.61  ? 17  A   A N3    1 
ATOM   375  C  C4    . A   A 1 17 ? -7.980  8.196   -5.959  1.00 72.18  ? 17  A   A C4    1 
ATOM   376  P  P     . C   A 1 18 ? -9.757  12.747  -9.747  1.00 75.84  ? 18  C   A P     1 
ATOM   377  O  OP1   . C   A 1 18 ? -10.384 13.455  -10.886 1.00 75.25  ? 18  C   A OP1   1 
ATOM   378  O  OP2   . C   A 1 18 ? -8.928  13.495  -8.764  1.00 75.10  ? 18  C   A OP2   1 
ATOM   379  O  "O5'" . C   A 1 18 ? -10.897 11.949  -8.951  1.00 75.43  ? 18  C   A "O5'" 1 
ATOM   380  C  "C5'" . C   A 1 18 ? -11.806 11.042  -9.596  1.00 74.15  ? 18  C   A "C5'" 1 
ATOM   381  C  "C4'" . C   A 1 18 ? -12.704 10.462  -8.522  1.00 73.85  ? 18  C   A "C4'" 1 
ATOM   382  O  "O4'" . C   A 1 18 ? -11.915 9.670   -7.590  1.00 73.45  ? 18  C   A "O4'" 1 
ATOM   383  C  "C3'" . C   A 1 18 ? -13.343 11.503  -7.614  1.00 72.25  ? 18  C   A "C3'" 1 
ATOM   384  O  "O3'" . C   A 1 18 ? -14.476 11.998  -8.257  1.00 70.91  ? 18  C   A "O3'" 1 
ATOM   385  C  "C2'" . C   A 1 18 ? -13.667 10.672  -6.373  1.00 72.48  ? 18  C   A "C2'" 1 
ATOM   386  O  "O2'" . C   A 1 18 ? -14.788 9.830   -6.525  1.00 73.86  ? 18  C   A "O2'" 1 
ATOM   387  C  "C1'" . C   A 1 18 ? -12.449 9.770   -6.283  1.00 70.16  ? 18  C   A "C1'" 1 
ATOM   388  N  N1    . C   A 1 18 ? -11.367 10.225  -5.364  1.00 68.76  ? 18  C   A N1    1 
ATOM   389  C  C2    . C   A 1 18 ? -11.295 9.659   -4.072  1.00 69.32  ? 18  C   A C2    1 
ATOM   390  O  O2    . C   A 1 18 ? -12.126 8.803   -3.695  1.00 68.26  ? 18  C   A O2    1 
ATOM   391  N  N3    . C   A 1 18 ? -10.296 10.064  -3.244  1.00 68.16  ? 18  C   A N3    1 
ATOM   392  C  C4    . C   A 1 18 ? -9.405  10.956  -3.655  1.00 67.89  ? 18  C   A C4    1 
ATOM   393  N  N4    . C   A 1 18 ? -8.469  11.287  -2.773  1.00 67.45  ? 18  C   A N4    1 
ATOM   394  C  C5    . C   A 1 18 ? -9.452  11.543  -4.961  1.00 68.27  ? 18  C   A C5    1 
ATOM   395  C  C6    . C   A 1 18 ? -10.439 11.144  -5.778  1.00 68.07  ? 18  C   A C6    1 
ATOM   396  P  P     . G   A 1 19 ? -14.959 13.525  -8.135  1.00 70.28  ? 19  G   A P     1 
ATOM   397  O  OP1   . G   A 1 19 ? -15.817 13.779  -9.311  1.00 67.12  ? 19  G   A OP1   1 
ATOM   398  O  OP2   . G   A 1 19 ? -13.840 14.444  -7.807  1.00 68.35  ? 19  G   A OP2   1 
ATOM   399  O  "O5'" . G   A 1 19 ? -15.851 13.434  -6.812  1.00 70.48  ? 19  G   A "O5'" 1 
ATOM   400  C  "C5'" . G   A 1 19 ? -16.937 12.519  -6.645  1.00 71.77  ? 19  G   A "C5'" 1 
ATOM   401  C  "C4'" . G   A 1 19 ? -17.294 12.430  -5.157  1.00 72.35  ? 19  G   A "C4'" 1 
ATOM   402  O  "O4'" . G   A 1 19 ? -16.122 11.943  -4.426  1.00 72.52  ? 19  G   A "O4'" 1 
ATOM   403  C  "C3'" . G   A 1 19 ? -17.719 13.725  -4.456  1.00 70.38  ? 19  G   A "C3'" 1 
ATOM   404  O  "O3'" . G   A 1 19 ? -18.579 13.437  -3.356  1.00 70.33  ? 19  G   A "O3'" 1 
ATOM   405  C  "C2'" . G   A 1 19 ? -16.353 14.205  -3.966  1.00 70.07  ? 19  G   A "C2'" 1 
ATOM   406  O  "O2'" . G   A 1 19 ? -16.393 15.118  -2.899  1.00 68.99  ? 19  G   A "O2'" 1 
ATOM   407  C  "C1'" . G   A 1 19 ? -15.714 12.893  -3.480  1.00 69.55  ? 19  G   A "C1'" 1 
ATOM   408  N  N9    . G   A 1 19 ? -14.266 13.047  -3.314  1.00 68.71  ? 19  G   A N9    1 
ATOM   409  C  C8    . G   A 1 19 ? -13.369 13.627  -4.191  1.00 69.06  ? 19  G   A C8    1 
ATOM   410  N  N7    . G   A 1 19 ? -12.143 13.704  -3.743  1.00 68.22  ? 19  G   A N7    1 
ATOM   411  C  C5    . G   A 1 19 ? -12.237 13.136  -2.482  1.00 68.54  ? 19  G   A C5    1 
ATOM   412  C  C6    . G   A 1 19 ? -11.240 12.943  -1.500  1.00 69.39  ? 19  G   A C6    1 
ATOM   413  O  O6    . G   A 1 19 ? -10.044 13.234  -1.571  1.00 70.09  ? 19  G   A O6    1 
ATOM   414  N  N1    . G   A 1 19 ? -11.716 12.352  -0.336  1.00 68.78  ? 19  G   A N1    1 
ATOM   415  C  C2    . G   A 1 19 ? -13.022 11.996  -0.132  1.00 68.86  ? 19  G   A C2    1 
ATOM   416  N  N2    . G   A 1 19 ? -13.282 11.443  1.066   1.00 68.95  ? 19  G   A N2    1 
ATOM   417  N  N3    . G   A 1 19 ? -13.984 12.171  -1.044  1.00 68.51  ? 19  G   A N3    1 
ATOM   418  C  C4    . G   A 1 19 ? -13.527 12.742  -2.193  1.00 68.30  ? 19  G   A C4    1 
ATOM   419  P  P     . C   A 1 20 ? -20.160 13.185  -3.491  1.00 70.47  ? 20  C   A P     1 
ATOM   420  O  OP1   . C   A 1 20 ? -20.437 13.124  -4.944  1.00 69.44  ? 20  C   A OP1   1 
ATOM   421  O  OP2   . C   A 1 20 ? -20.860 14.105  -2.557  1.00 71.60  ? 20  C   A OP2   1 
ATOM   422  O  "O5'" . C   A 1 20 ? -20.452 11.756  -2.833  1.00 70.61  ? 20  C   A "O5'" 1 
ATOM   423  C  "C5'" . C   A 1 20 ? -19.641 10.608  -3.082  1.00 70.92  ? 20  C   A "C5'" 1 
ATOM   424  C  "C4'" . C   A 1 20 ? -18.348 10.556  -2.266  1.00 70.56  ? 20  C   A "C4'" 1 
ATOM   425  O  "O4'" . C   A 1 20 ? -18.313 11.473  -1.155  1.00 70.23  ? 20  C   A "O4'" 1 
ATOM   426  C  "C3'" . C   A 1 20 ? -18.078 9.275   -1.506  1.00 69.93  ? 20  C   A "C3'" 1 
ATOM   427  O  "O3'" . C   A 1 20 ? -17.775 8.278   -2.394  1.00 68.35  ? 20  C   A "O3'" 1 
ATOM   428  C  "C2'" . C   A 1 20 ? -16.849 9.692   -0.715  1.00 69.50  ? 20  C   A "C2'" 1 
ATOM   429  O  "O2'" . C   A 1 20 ? -15.696 9.807   -1.506  1.00 69.35  ? 20  C   A "O2'" 1 
ATOM   430  C  "C1'" . C   A 1 20 ? -17.291 11.070  -0.266  1.00 68.45  ? 20  C   A "C1'" 1 
ATOM   431  N  N1    . C   A 1 20 ? -17.849 11.094  1.102   1.00 68.18  ? 20  C   A N1    1 
ATOM   432  C  C2    . C   A 1 20 ? -16.990 10.997  2.210   1.00 69.97  ? 20  C   A C2    1 
ATOM   433  O  O2    . C   A 1 20 ? -15.764 10.876  2.022   1.00 70.40  ? 20  C   A O2    1 
ATOM   434  N  N3    . C   A 1 20 ? -17.530 11.026  3.468   1.00 69.27  ? 20  C   A N3    1 
ATOM   435  C  C4    . C   A 1 20 ? -18.848 11.152  3.627   1.00 68.30  ? 20  C   A C4    1 
ATOM   436  N  N4    . C   A 1 20 ? -19.320 11.189  4.869   1.00 69.27  ? 20  C   A N4    1 
ATOM   437  C  C5    . C   A 1 20 ? -19.735 11.247  2.521   1.00 68.54  ? 20  C   A C5    1 
ATOM   438  C  C6    . C   A 1 20 ? -19.198 11.205  1.293   1.00 68.72  ? 20  C   A C6    1 
ATOM   439  P  P     . G   A 1 21 ? -18.501 6.881   -2.229  1.00 68.81  ? 21  G   A P     1 
ATOM   440  O  OP1   . G   A 1 21 ? -18.348 6.233   -3.561  1.00 67.87  ? 21  G   A OP1   1 
ATOM   441  O  OP2   . G   A 1 21 ? -19.795 6.954   -1.511  1.00 64.54  ? 21  G   A OP2   1 
ATOM   442  O  "O5'" . G   A 1 21 ? -17.465 6.179   -1.240  1.00 71.24  ? 21  G   A "O5'" 1 
ATOM   443  C  "C5'" . G   A 1 21 ? -16.143 5.832   -1.716  1.00 70.61  ? 21  G   A "C5'" 1 
ATOM   444  C  "C4'" . G   A 1 21 ? -15.226 5.646   -0.522  1.00 71.60  ? 21  G   A "C4'" 1 
ATOM   445  O  "O4'" . G   A 1 21 ? -15.134 6.878   0.242   1.00 72.12  ? 21  G   A "O4'" 1 
ATOM   446  C  "C3'" . G   A 1 21 ? -15.764 4.674   0.516   1.00 71.34  ? 21  G   A "C3'" 1 
ATOM   447  O  "O3'" . G   A 1 21 ? -15.591 3.353   0.039   1.00 69.98  ? 21  G   A "O3'" 1 
ATOM   448  C  "C2'" . G   A 1 21 ? -14.897 5.062   1.712   1.00 70.93  ? 21  G   A "C2'" 1 
ATOM   449  O  "O2'" . G   A 1 21 ? -13.558 4.642   1.577   1.00 73.12  ? 21  G   A "O2'" 1 
ATOM   450  C  "C1'" . G   A 1 21 ? -14.939 6.584   1.621   1.00 71.28  ? 21  G   A "C1'" 1 
ATOM   451  N  N9    . G   A 1 21 ? -16.003 7.080   2.488   1.00 71.11  ? 21  G   A N9    1 
ATOM   452  C  C8    . G   A 1 21 ? -17.342 7.159   2.196   1.00 71.26  ? 21  G   A C8    1 
ATOM   453  N  N7    . G   A 1 21 ? -18.060 7.616   3.193   1.00 71.54  ? 21  G   A N7    1 
ATOM   454  C  C5    . G   A 1 21 ? -17.152 7.837   4.214   1.00 70.72  ? 21  G   A C5    1 
ATOM   455  C  C6    . G   A 1 21 ? -17.367 8.324   5.533   1.00 71.63  ? 21  G   A C6    1 
ATOM   456  O  O6    . G   A 1 21 ? -18.445 8.666   6.077   1.00 71.51  ? 21  G   A O6    1 
ATOM   457  N  N1    . G   A 1 21 ? -16.167 8.404   6.245   1.00 71.00  ? 21  G   A N1    1 
ATOM   458  C  C2    . G   A 1 21 ? -14.942 8.072   5.727   1.00 71.04  ? 21  G   A C2    1 
ATOM   459  N  N2    . G   A 1 21 ? -13.910 8.231   6.552   1.00 71.28  ? 21  G   A N2    1 
ATOM   460  N  N3    . G   A 1 21 ? -14.733 7.614   4.497   1.00 70.75  ? 21  G   A N3    1 
ATOM   461  C  C4    . G   A 1 21 ? -15.882 7.519   3.791   1.00 70.63  ? 21  G   A C4    1 
ATOM   462  P  P     . G   A 1 22 ? -16.603 2.146   0.365   1.00 71.71  ? 22  G   A P     1 
ATOM   463  O  OP1   . G   A 1 22 ? -15.756 0.939   0.136   1.00 69.95  ? 22  G   A OP1   1 
ATOM   464  O  OP2   . G   A 1 22 ? -17.885 2.309   -0.353  1.00 69.36  ? 22  G   A OP2   1 
ATOM   465  O  "O5'" . G   A 1 22 ? -16.890 2.236   1.935   1.00 71.26  ? 22  G   A "O5'" 1 
ATOM   466  C  "C5'" . G   A 1 22 ? -15.800 1.828   2.783   1.00 72.86  ? 22  G   A "C5'" 1 
ATOM   467  C  "C4'" . G   A 1 22 ? -16.135 1.968   4.240   1.00 73.29  ? 22  G   A "C4'" 1 
ATOM   468  O  "O4'" . G   A 1 22 ? -16.386 3.360   4.528   1.00 73.60  ? 22  G   A "O4'" 1 
ATOM   469  C  "C3'" . G   A 1 22 ? -17.407 1.241   4.606   1.00 74.81  ? 22  G   A "C3'" 1 
ATOM   470  O  "O3'" . G   A 1 22 ? -17.090 -0.083  4.945   1.00 76.66  ? 22  G   A "O3'" 1 
ATOM   471  C  "C2'" . G   A 1 22 ? -17.825 2.043   5.820   1.00 75.16  ? 22  G   A "C2'" 1 
ATOM   472  O  "O2'" . G   A 1 22 ? -17.067 1.630   6.943   1.00 76.32  ? 22  G   A "O2'" 1 
ATOM   473  C  "C1'" . G   A 1 22 ? -17.535 3.482   5.351   1.00 74.94  ? 22  G   A "C1'" 1 
ATOM   474  N  N9    . G   A 1 22 ? -18.740 4.026   4.689   1.00 74.41  ? 22  G   A N9    1 
ATOM   475  C  C8    . G   A 1 22 ? -19.166 3.885   3.379   1.00 75.22  ? 22  G   A C8    1 
ATOM   476  N  N7    . G   A 1 22 ? -20.324 4.431   3.096   1.00 74.88  ? 22  G   A N7    1 
ATOM   477  C  C5    . G   A 1 22 ? -20.695 4.970   4.317   1.00 75.02  ? 22  G   A C5    1 
ATOM   478  C  C6    . G   A 1 22 ? -21.865 5.687   4.669   1.00 75.57  ? 22  G   A C6    1 
ATOM   479  O  O6    . G   A 1 22 ? -22.798 5.983   3.919   1.00 75.74  ? 22  G   A O6    1 
ATOM   480  N  N1    . G   A 1 22 ? -21.891 6.072   6.017   1.00 74.86  ? 22  G   A N1    1 
ATOM   481  C  C2    . G   A 1 22 ? -20.887 5.784   6.915   1.00 74.90  ? 22  G   A C2    1 
ATOM   482  N  N2    . G   A 1 22 ? -21.048 6.217   8.170   1.00 74.59  ? 22  G   A N2    1 
ATOM   483  N  N3    . G   A 1 22 ? -19.787 5.099   6.599   1.00 75.64  ? 22  G   A N3    1 
ATOM   484  C  C4    . G   A 1 22 ? -19.750 4.725   5.294   1.00 74.53  ? 22  G   A C4    1 
ATOM   485  P  P     . A   A 1 23 ? -18.022 -1.336  4.558   1.00 78.90  ? 23  A   A P     1 
ATOM   486  O  OP1   . A   A 1 23 ? -17.380 -2.509  5.191   1.00 78.60  ? 23  A   A OP1   1 
ATOM   487  O  OP2   . A   A 1 23 ? -18.255 -1.359  3.103   1.00 78.66  ? 23  A   A OP2   1 
ATOM   488  O  "O5'" . A   A 1 23 ? -19.422 -1.030  5.261   1.00 79.60  ? 23  A   A "O5'" 1 
ATOM   489  C  "C5'" . A   A 1 23 ? -20.506 -1.947  5.116   1.00 82.00  ? 23  A   A "C5'" 1 
ATOM   490  C  "C4'" . A   A 1 23 ? -21.422 -1.926  6.332   1.00 82.97  ? 23  A   A "C4'" 1 
ATOM   491  O  "O4'" . A   A 1 23 ? -20.833 -2.676  7.428   1.00 84.05  ? 23  A   A "O4'" 1 
ATOM   492  C  "C3'" . A   A 1 23 ? -21.686 -0.549  6.920   1.00 83.17  ? 23  A   A "C3'" 1 
ATOM   493  O  "O3'" . A   A 1 23 ? -22.781 0.036   6.246   1.00 83.97  ? 23  A   A "O3'" 1 
ATOM   494  C  "C2'" . A   A 1 23 ? -21.994 -0.844  8.382   1.00 83.29  ? 23  A   A "C2'" 1 
ATOM   495  O  "O2'" . A   A 1 23 ? -23.345 -1.216  8.562   1.00 83.54  ? 23  A   A "O2'" 1 
ATOM   496  C  "C1'" . A   A 1 23 ? -21.090 -2.040  8.674   1.00 83.55  ? 23  A   A "C1'" 1 
ATOM   497  N  N9    . A   A 1 23 ? -19.810 -1.716  9.329   1.00 83.68  ? 23  A   A N9    1 
ATOM   498  C  C8    . A   A 1 23 ? -18.570 -1.663  8.744   1.00 83.02  ? 23  A   A C8    1 
ATOM   499  N  N7    . A   A 1 23 ? -17.603 -1.355  9.572   1.00 82.52  ? 23  A   A N7    1 
ATOM   500  C  C5    . A   A 1 23 ? -18.241 -1.188  10.789  1.00 82.92  ? 23  A   A C5    1 
ATOM   501  C  C6    . A   A 1 23 ? -17.768 -0.850  12.080  1.00 83.20  ? 23  A   A C6    1 
ATOM   502  N  N6    . A   A 1 23 ? -16.483 -0.613  12.358  1.00 83.22  ? 23  A   A N6    1 
ATOM   503  N  N1    . A   A 1 23 ? -18.673 -0.764  13.087  1.00 83.80  ? 23  A   A N1    1 
ATOM   504  C  C2    . A   A 1 23 ? -19.974 -1.002  12.827  1.00 83.71  ? 23  A   A C2    1 
ATOM   505  N  N3    . A   A 1 23 ? -20.531 -1.325  11.652  1.00 84.42  ? 23  A   A N3    1 
ATOM   506  C  C4    . A   A 1 23 ? -19.605 -1.405  10.661  1.00 83.66  ? 23  A   A C4    1 
ATOM   507  P  P     . G   A 1 24 ? -22.770 1.602   5.947   1.00 83.72  ? 24  G   A P     1 
ATOM   508  O  OP1   . G   A 1 24 ? -23.956 1.955   5.149   1.00 84.37  ? 24  G   A OP1   1 
ATOM   509  O  OP2   . G   A 1 24 ? -21.449 1.944   5.380   1.00 83.97  ? 24  G   A OP2   1 
ATOM   510  O  "O5'" . G   A 1 24 ? -22.899 2.183   7.440   1.00 85.21  ? 24  G   A "O5'" 1 
ATOM   511  C  "C5'" . G   A 1 24 ? -24.142 2.446   8.113   1.00 85.29  ? 24  G   A "C5'" 1 
ATOM   512  C  "C4'" . G   A 1 24 ? -23.887 2.808   9.572   1.00 87.25  ? 24  G   A "C4'" 1 
ATOM   513  O  "O4'" . G   A 1 24 ? -22.871 1.943   10.138  1.00 87.09  ? 24  G   A "O4'" 1 
ATOM   514  C  "C3'" . G   A 1 24 ? -23.358 4.211   9.843   1.00 89.68  ? 24  G   A "C3'" 1 
ATOM   515  O  "O3'" . G   A 1 24 ? -24.445 5.111   10.050  1.00 93.83  ? 24  G   A "O3'" 1 
ATOM   516  C  "C2'" . G   A 1 24 ? -22.543 4.069   11.135  1.00 88.97  ? 24  G   A "C2'" 1 
ATOM   517  O  "O2'" . G   A 1 24 ? -23.317 4.186   12.331  1.00 90.30  ? 24  G   A "O2'" 1 
ATOM   518  C  "C1'" . G   A 1 24 ? -22.000 2.654   11.007  1.00 86.60  ? 24  G   A "C1'" 1 
ATOM   519  N  N9    . G   A 1 24 ? -20.614 2.551   10.530  1.00 86.30  ? 24  G   A N9    1 
ATOM   520  C  C8    . G   A 1 24 ? -20.187 2.413   9.227   1.00 86.03  ? 24  G   A C8    1 
ATOM   521  N  N7    . G   A 1 24 ? -18.887 2.321   9.099   1.00 86.12  ? 24  G   A N7    1 
ATOM   522  C  C5    . G   A 1 24 ? -18.408 2.386   10.405  1.00 86.00  ? 24  G   A C5    1 
ATOM   523  C  C6    . G   A 1 24 ? -17.077 2.340   10.903  1.00 85.48  ? 24  G   A C6    1 
ATOM   524  O  O6    . G   A 1 24 ? -16.018 2.225   10.279  1.00 85.57  ? 24  G   A O6    1 
ATOM   525  N  N1    . G   A 1 24 ? -17.026 2.441   12.290  1.00 85.65  ? 24  G   A N1    1 
ATOM   526  C  C2    . G   A 1 24 ? -18.130 2.578   13.086  1.00 85.71  ? 24  G   A C2    1 
ATOM   527  N  N2    . G   A 1 24 ? -17.885 2.667   14.390  1.00 86.15  ? 24  G   A N2    1 
ATOM   528  N  N3    . G   A 1 24 ? -19.381 2.625   12.646  1.00 85.92  ? 24  G   A N3    1 
ATOM   529  C  C4    . G   A 1 24 ? -19.458 2.526   11.295  1.00 86.07  ? 24  G   A C4    1 
ATOM   530  P  P     . U   A 1 25 ? -24.868 6.200   8.960   1.00 95.37  ? 25  U   A P     1 
ATOM   531  O  OP1   . U   A 1 25 ? -25.814 5.523   8.046   1.00 95.98  ? 25  U   A OP1   1 
ATOM   532  O  OP2   . U   A 1 25 ? -23.664 6.854   8.392   1.00 95.64  ? 25  U   A OP2   1 
ATOM   533  O  "O5'" . U   A 1 25 ? -25.663 7.247   9.882   1.00 97.34  ? 25  U   A "O5'" 1 
ATOM   534  C  "C5'" . U   A 1 25 ? -24.988 8.305   10.573  1.00 99.81  ? 25  U   A "C5'" 1 
ATOM   535  C  "C4'" . U   A 1 25 ? -25.224 8.334   12.081  1.00 101.22 ? 25  U   A "C4'" 1 
ATOM   536  O  "O4'" . U   A 1 25 ? -26.305 7.471   12.536  1.00 102.74 ? 25  U   A "O4'" 1 
ATOM   537  C  "C3'" . U   A 1 25 ? -24.012 7.921   12.919  1.00 101.17 ? 25  U   A "C3'" 1 
ATOM   538  O  "O3'" . U   A 1 25 ? -23.449 9.093   13.503  1.00 98.34  ? 25  U   A "O3'" 1 
ATOM   539  C  "C2'" . U   A 1 25 ? -24.567 6.931   13.957  1.00 102.92 ? 25  U   A "C2'" 1 
ATOM   540  O  "O2'" . U   A 1 25 ? -24.066 7.073   15.280  1.00 103.67 ? 25  U   A "O2'" 1 
ATOM   541  C  "C1'" . U   A 1 25 ? -26.040 7.328   13.920  1.00 104.38 ? 25  U   A "C1'" 1 
ATOM   542  N  N1    . U   A 1 25 ? -27.008 6.424   14.665  1.00 105.05 ? 25  U   A N1    1 
ATOM   543  C  C2    . U   A 1 25 ? -28.076 7.041   15.284  1.00 105.24 ? 25  U   A C2    1 
ATOM   544  O  O2    . U   A 1 25 ? -28.255 8.244   15.232  1.00 105.45 ? 25  U   A O2    1 
ATOM   545  N  N3    . U   A 1 25 ? -28.930 6.195   15.961  1.00 106.03 ? 25  U   A N3    1 
ATOM   546  C  C4    . U   A 1 25 ? -28.820 4.813   16.085  1.00 105.96 ? 25  U   A C4    1 
ATOM   547  O  O4    . U   A 1 25 ? -29.672 4.194   16.732  1.00 105.26 ? 25  U   A O4    1 
ATOM   548  C  C5    . U   A 1 25 ? -27.668 4.232   15.413  1.00 105.63 ? 25  U   A C5    1 
ATOM   549  C  C6    . U   A 1 25 ? -26.825 5.042   14.748  1.00 105.52 ? 25  U   A C6    1 
ATOM   550  P  P     . A   A 1 26 ? -21.867 9.313   13.419  1.00 96.61  ? 26  A   A P     1 
ATOM   551  O  OP1   . A   A 1 26 ? -21.487 10.404  14.346  1.00 96.46  ? 26  A   A OP1   1 
ATOM   552  O  OP2   . A   A 1 26 ? -21.510 9.410   11.981  1.00 97.26  ? 26  A   A OP2   1 
ATOM   553  O  "O5'" . A   A 1 26 ? -21.283 7.920   13.964  1.00 93.37  ? 26  A   A "O5'" 1 
ATOM   554  C  "C5'" . A   A 1 26 ? -20.991 7.734   15.338  1.00 87.45  ? 26  A   A "C5'" 1 
ATOM   555  C  "C4'" . A   A 1 26 ? -19.594 7.191   15.485  1.00 83.09  ? 26  A   A "C4'" 1 
ATOM   556  O  "O4'" . A   A 1 26 ? -19.460 6.050   14.609  1.00 81.55  ? 26  A   A "O4'" 1 
ATOM   557  C  "C3'" . A   A 1 26 ? -18.508 8.131   15.008  1.00 81.22  ? 26  A   A "C3'" 1 
ATOM   558  O  "O3'" . A   A 1 26 ? -18.157 9.067   16.007  1.00 79.26  ? 26  A   A "O3'" 1 
ATOM   559  C  "C2'" . A   A 1 26 ? -17.376 7.150   14.737  1.00 81.09  ? 26  A   A "C2'" 1 
ATOM   560  O  "O2'" . A   A 1 26 ? -16.725 6.714   15.901  1.00 81.73  ? 26  A   A "O2'" 1 
ATOM   561  C  "C1'" . A   A 1 26 ? -18.123 5.974   14.147  1.00 80.17  ? 26  A   A "C1'" 1 
ATOM   562  N  N9    . A   A 1 26 ? -18.086 5.928   12.684  1.00 79.43  ? 26  A   A N9    1 
ATOM   563  C  C8    . A   A 1 26 ? -19.148 6.042   11.834  1.00 79.15  ? 26  A   A C8    1 
ATOM   564  N  N7    . A   A 1 26 ? -18.827 5.956   10.568  1.00 78.89  ? 26  A   A N7    1 
ATOM   565  C  C5    . A   A 1 26 ? -17.455 5.776   10.583  1.00 79.24  ? 26  A   A C5    1 
ATOM   566  C  C6    . A   A 1 26 ? -16.500 5.592   9.544   1.00 79.78  ? 26  A   A C6    1 
ATOM   567  N  N6    . A   A 1 26 ? -16.845 5.584   8.251   1.00 79.89  ? 26  A   A N6    1 
ATOM   568  N  N1    . A   A 1 26 ? -15.193 5.417   9.878   1.00 79.12  ? 26  A   A N1    1 
ATOM   569  C  C2    . A   A 1 26 ? -14.886 5.429   11.185  1.00 79.26  ? 26  A   A C2    1 
ATOM   570  N  N3    . A   A 1 26 ? -15.698 5.591   12.248  1.00 79.35  ? 26  A   A N3    1 
ATOM   571  C  C4    . A   A 1 26 ? -16.982 5.754   11.881  1.00 78.93  ? 26  A   A C4    1 
ATOM   572  P  P     . C   A 1 27 ? -17.528 10.485  15.601  1.00 78.44  ? 27  C   A P     1 
ATOM   573  O  OP1   . C   A 1 27 ? -17.071 11.159  16.840  1.00 78.07  ? 27  C   A OP1   1 
ATOM   574  O  OP2   . C   A 1 27 ? -18.484 11.175  14.693  1.00 77.90  ? 27  C   A OP2   1 
ATOM   575  O  "O5'" . C   A 1 27 ? -16.236 10.077  14.753  1.00 76.32  ? 27  C   A "O5'" 1 
ATOM   576  C  "C5'" . C   A 1 27 ? -14.976 9.861   15.363  1.00 74.67  ? 27  C   A "C5'" 1 
ATOM   577  C  "C4'" . C   A 1 27 ? -13.916 9.732   14.282  1.00 74.34  ? 27  C   A "C4'" 1 
ATOM   578  O  "O4'" . C   A 1 27 ? -14.230 8.633   13.388  1.00 74.30  ? 27  C   A "O4'" 1 
ATOM   579  C  "C3'" . C   A 1 27 ? -13.819 10.924  13.347  1.00 73.69  ? 27  C   A "C3'" 1 
ATOM   580  O  "O3'" . C   A 1 27 ? -12.963 11.876  13.899  1.00 73.14  ? 27  C   A "O3'" 1 
ATOM   581  C  "C2'" . C   A 1 27 ? -13.219 10.292  12.100  1.00 73.67  ? 27  C   A "C2'" 1 
ATOM   582  O  "O2'" . C   A 1 27 ? -11.851 9.984   12.228  1.00 74.50  ? 27  C   A "O2'" 1 
ATOM   583  C  "C1'" . C   A 1 27 ? -13.991 8.990   12.040  1.00 72.53  ? 27  C   A "C1'" 1 
ATOM   584  N  N1    . C   A 1 27 ? -15.264 9.052   11.219  1.00 71.89  ? 27  C   A N1    1 
ATOM   585  C  C2    . C   A 1 27 ? -15.174 8.875   9.826   1.00 72.32  ? 27  C   A C2    1 
ATOM   586  O  O2    . C   A 1 27 ? -14.064 8.681   9.294   1.00 72.50  ? 27  C   A O2    1 
ATOM   587  N  N3    . C   A 1 27 ? -16.314 8.918   9.089   1.00 71.95  ? 27  C   A N3    1 
ATOM   588  C  C4    . C   A 1 27 ? -17.487 9.136   9.680   1.00 71.24  ? 27  C   A C4    1 
ATOM   589  N  N4    . C   A 1 27 ? -18.563 9.169   8.907   1.00 71.35  ? 27  C   A N4    1 
ATOM   590  C  C5    . C   A 1 27 ? -17.603 9.323   11.081  1.00 71.66  ? 27  C   A C5    1 
ATOM   591  C  C6    . C   A 1 27 ? -16.480 9.272   11.801  1.00 71.44  ? 27  C   A C6    1 
ATOM   592  P  P     . G   A 1 28 ? -13.160 13.412  13.531  1.00 73.36  ? 28  G   A P     1 
ATOM   593  O  OP1   . G   A 1 28 ? -12.417 14.202  14.546  1.00 72.51  ? 28  G   A OP1   1 
ATOM   594  O  OP2   . G   A 1 28 ? -14.595 13.725  13.264  1.00 71.77  ? 28  G   A OP2   1 
ATOM   595  O  "O5'" . G   A 1 28 ? -12.366 13.409  12.144  1.00 72.24  ? 28  G   A "O5'" 1 
ATOM   596  C  "C5'" . G   A 1 28 ? -10.971 13.174  12.101  1.00 72.18  ? 28  G   A "C5'" 1 
ATOM   597  C  "C4'" . G   A 1 28 ? -10.511 13.245  10.658  1.00 72.75  ? 28  G   A "C4'" 1 
ATOM   598  O  "O4'" . G   A 1 28 ? -11.310 12.363  9.814   1.00 73.05  ? 28  G   A "O4'" 1 
ATOM   599  C  "C3'" . G   A 1 28 ? -10.644 14.623  10.019  1.00 72.82  ? 28  G   A "C3'" 1 
ATOM   600  O  "O3'" . G   A 1 28 ? -9.668  14.722  8.997   1.00 73.62  ? 28  G   A "O3'" 1 
ATOM   601  C  "C2'" . G   A 1 28 ? -12.054 14.561  9.435   1.00 71.85  ? 28  G   A "C2'" 1 
ATOM   602  O  "O2'" . G   A 1 28 ? -12.320 15.509  8.415   1.00 70.17  ? 28  G   A "O2'" 1 
ATOM   603  C  "C1'" . G   A 1 28 ? -12.077 13.125  8.895   1.00 71.03  ? 28  G   A "C1'" 1 
ATOM   604  N  N9    . G   A 1 28 ? -13.472 12.703  8.753   1.00 70.33  ? 28  G   A N9    1 
ATOM   605  C  C8    . G   A 1 28 ? -14.465 12.819  9.696   1.00 70.06  ? 28  G   A C8    1 
ATOM   606  N  N7    . G   A 1 28 ? -15.627 12.406  9.276   1.00 70.48  ? 28  G   A N7    1 
ATOM   607  C  C5    . G   A 1 28 ? -15.405 12.013  7.963   1.00 69.93  ? 28  G   A C5    1 
ATOM   608  C  C6    . G   A 1 28 ? -16.306 11.487  6.996   1.00 70.16  ? 28  G   A C6    1 
ATOM   609  O  O6    . G   A 1 28 ? -17.519 11.255  7.129   1.00 70.47  ? 28  G   A O6    1 
ATOM   610  N  N1    . G   A 1 28 ? -15.690 11.216  5.774   1.00 69.77  ? 28  G   A N1    1 
ATOM   611  C  C2    . G   A 1 28 ? -14.350 11.430  5.531   1.00 70.40  ? 28  G   A C2    1 
ATOM   612  N  N2    . G   A 1 28 ? -13.923 11.120  4.303   1.00 70.26  ? 28  G   A N2    1 
ATOM   613  N  N3    . G   A 1 28 ? -13.488 11.925  6.424   1.00 70.41  ? 28  G   A N3    1 
ATOM   614  C  C4    . G   A 1 28 ? -14.081 12.195  7.622   1.00 70.23  ? 28  G   A C4    1 
ATOM   615  P  P     . A   A 1 29 ? -9.028  16.120  8.596   1.00 73.09  ? 29  A   A P     1 
ATOM   616  O  OP1   . A   A 1 29 ? -7.585  16.059  8.936   1.00 72.59  ? 29  A   A OP1   1 
ATOM   617  O  OP2   . A   A 1 29 ? -9.838  17.210  9.189   1.00 71.53  ? 29  A   A OP2   1 
ATOM   618  O  "O5'" . A   A 1 29 ? -9.294  16.070  7.005   1.00 72.55  ? 29  A   A "O5'" 1 
ATOM   619  C  "C5'" . A   A 1 29 ? -8.272  15.629  6.134   1.00 75.74  ? 29  A   A "C5'" 1 
ATOM   620  C  "C4'" . A   A 1 29 ? -8.518  15.898  4.654   1.00 78.02  ? 29  A   A "C4'" 1 
ATOM   621  O  "O4'" . A   A 1 29 ? -9.709  15.243  4.158   1.00 77.83  ? 29  A   A "O4'" 1 
ATOM   622  C  "C3'" . A   A 1 29 ? -8.709  17.365  4.262   1.00 80.77  ? 29  A   A "C3'" 1 
ATOM   623  O  "O3'" . A   A 1 29 ? -7.449  18.143  4.079   1.00 84.46  ? 29  A   A "O3'" 1 
ATOM   624  C  "C2'" . A   A 1 29 ? -9.623  17.282  3.032   1.00 78.99  ? 29  A   A "C2'" 1 
ATOM   625  O  "O2'" . A   A 1 29 ? -9.052  17.748  1.832   1.00 79.45  ? 29  A   A "O2'" 1 
ATOM   626  C  "C1'" . A   A 1 29 ? -9.852  15.784  2.864   1.00 77.59  ? 29  A   A "C1'" 1 
ATOM   627  N  N9    . A   A 1 29 ? -11.164 15.546  2.255   1.00 77.22  ? 29  A   A N9    1 
ATOM   628  C  C8    . A   A 1 29 ? -12.279 15.054  2.859   1.00 76.63  ? 29  A   A C8    1 
ATOM   629  N  N7    . A   A 1 29 ? -13.310 14.976  2.054   1.00 77.08  ? 29  A   A N7    1 
ATOM   630  C  C5    . A   A 1 29 ? -12.855 15.458  0.841   1.00 76.39  ? 29  A   A C5    1 
ATOM   631  C  C6    . A   A 1 29 ? -13.476 15.632  -0.415  1.00 75.92  ? 29  A   A C6    1 
ATOM   632  N  N6    . A   A 1 29 ? -14.749 15.325  -0.661  1.00 75.73  ? 29  A   A N6    1 
ATOM   633  N  N1    . A   A 1 29 ? -12.734 16.138  -1.422  1.00 76.68  ? 29  A   A N1    1 
ATOM   634  C  C2    . A   A 1 29 ? -11.451 16.458  -1.185  1.00 77.01  ? 29  A   A C2    1 
ATOM   635  N  N3    . A   A 1 29 ? -10.761 16.341  -0.047  1.00 76.69  ? 29  A   A N3    1 
ATOM   636  C  C4    . A   A 1 29 ? -11.528 15.824  0.944   1.00 76.89  ? 29  A   A C4    1 
ATOM   637  P  P     . U   A 1 30 ? -6.016  17.594  3.586   1.00 85.09  ? 30  U   A P     1 
ATOM   638  O  OP1   . U   A 1 30 ? -5.121  18.738  3.806   1.00 85.38  ? 30  U   A OP1   1 
ATOM   639  O  OP2   . U   A 1 30 ? -6.158  16.966  2.250   1.00 84.74  ? 30  U   A OP2   1 
ATOM   640  O  "O5'" . U   A 1 30 ? -5.540  16.469  4.614   1.00 85.14  ? 30  U   A "O5'" 1 
ATOM   641  C  "C5'" . U   A 1 30 ? -4.366  15.678  4.332   1.00 84.76  ? 30  U   A "C5'" 1 
ATOM   642  C  "C4'" . U   A 1 30 ? -3.672  15.295  5.633   1.00 84.42  ? 30  U   A "C4'" 1 
ATOM   643  O  "O4'" . U   A 1 30 ? -3.017  16.461  6.220   1.00 84.83  ? 30  U   A "O4'" 1 
ATOM   644  C  "C3'" . U   A 1 30 ? -4.616  14.762  6.709   1.00 83.18  ? 30  U   A "C3'" 1 
ATOM   645  O  "O3'" . U   A 1 30 ? -4.111  13.568  7.272   1.00 80.64  ? 30  U   A "O3'" 1 
ATOM   646  C  "C2'" . U   A 1 30 ? -4.658  15.896  7.730   1.00 83.19  ? 30  U   A "C2'" 1 
ATOM   647  O  "O2'" . U   A 1 30 ? -4.906  15.431  9.039   1.00 82.18  ? 30  U   A "O2'" 1 
ATOM   648  C  "C1'" . U   A 1 30 ? -3.256  16.481  7.603   1.00 84.85  ? 30  U   A "C1'" 1 
ATOM   649  N  N1    . U   A 1 30 ? -3.164  17.882  8.092   1.00 86.25  ? 30  U   A N1    1 
ATOM   650  C  C2    . U   A 1 30 ? -2.432  18.169  9.240   1.00 87.03  ? 30  U   A C2    1 
ATOM   651  O  O2    . U   A 1 30 ? -1.823  17.335  9.888   1.00 87.08  ? 30  U   A O2    1 
ATOM   652  N  N3    . U   A 1 30 ? -2.431  19.499  9.615   1.00 87.29  ? 30  U   A N3    1 
ATOM   653  C  C4    . U   A 1 30 ? -3.076  20.555  8.977   1.00 86.82  ? 30  U   A C4    1 
ATOM   654  O  O4    . U   A 1 30 ? -2.980  21.698  9.427   1.00 86.17  ? 30  U   A O4    1 
ATOM   655  C  C5    . U   A 1 30 ? -3.822  20.175  7.796   1.00 87.17  ? 30  U   A C5    1 
ATOM   656  C  C6    . U   A 1 30 ? -3.837  18.886  7.408   1.00 86.85  ? 30  U   A C6    1 
ATOM   657  P  P     . C   A 1 31 ? -4.699  12.111  6.965   1.00 79.94  ? 31  C   A P     1 
ATOM   658  O  OP1   . C   A 1 31 ? -4.474  11.314  8.200   1.00 79.66  ? 31  C   A OP1   1 
ATOM   659  O  OP2   . C   A 1 31 ? -4.145  11.659  5.675   1.00 78.68  ? 31  C   A OP2   1 
ATOM   660  O  "O5'" . C   A 1 31 ? -6.280  12.287  6.771   1.00 79.36  ? 31  C   A "O5'" 1 
ATOM   661  C  "C5'" . C   A 1 31 ? -7.141  12.089  7.905   1.00 77.71  ? 31  C   A "C5'" 1 
ATOM   662  C  "C4'" . C   A 1 31 ? -8.540  11.656  7.512   1.00 75.65  ? 31  C   A "C4'" 1 
ATOM   663  O  "O4'" . C   A 1 31 ? -9.023  12.532  6.484   1.00 74.87  ? 31  C   A "O4'" 1 
ATOM   664  C  "C3'" . C   A 1 31 ? -8.651  10.301  6.847   1.00 74.96  ? 31  C   A "C3'" 1 
ATOM   665  O  "O3'" . C   A 1 31 ? -8.692  9.313   7.841   1.00 74.45  ? 31  C   A "O3'" 1 
ATOM   666  C  "C2'" . C   A 1 31 ? -9.990  10.418  6.127   1.00 74.67  ? 31  C   A "C2'" 1 
ATOM   667  O  "O2'" . C   A 1 31 ? -11.111 10.415  6.989   1.00 75.64  ? 31  C   A "O2'" 1 
ATOM   668  C  "C1'" . C   A 1 31 ? -9.872  11.831  5.612   1.00 73.05  ? 31  C   A "C1'" 1 
ATOM   669  N  N1    . C   A 1 31 ? -9.365  12.036  4.248   1.00 72.44  ? 31  C   A N1    1 
ATOM   670  C  C2    . C   A 1 31 ? -10.232 11.855  3.165   1.00 73.33  ? 31  C   A C2    1 
ATOM   671  O  O2    . C   A 1 31 ? -11.401 11.492  3.377   1.00 71.67  ? 31  C   A O2    1 
ATOM   672  N  N3    . C   A 1 31 ? -9.749  12.083  1.904   1.00 73.96  ? 31  C   A N3    1 
ATOM   673  C  C4    . C   A 1 31 ? -8.490  12.484  1.713   1.00 71.78  ? 31  C   A C4    1 
ATOM   674  N  N4    . C   A 1 31 ? -8.087  12.702  0.471   1.00 70.68  ? 31  C   A N4    1 
ATOM   675  C  C5    . C   A 1 31 ? -7.596  12.666  2.804   1.00 72.20  ? 31  C   A C5    1 
ATOM   676  C  C6    . C   A 1 31 ? -8.076  12.439  4.041   1.00 72.77  ? 31  C   A C6    1 
ATOM   677  P  P     . G   A 1 32 ? -7.871  7.975   7.629   1.00 72.52  ? 32  G   A P     1 
ATOM   678  O  OP1   . G   A 1 32 ? -7.782  7.332   8.969   1.00 74.55  ? 32  G   A OP1   1 
ATOM   679  O  OP2   . G   A 1 32 ? -6.688  8.262   6.806   1.00 71.31  ? 32  G   A OP2   1 
ATOM   680  O  "O5'" . G   A 1 32 ? -8.842  7.105   6.731   1.00 72.68  ? 32  G   A "O5'" 1 
ATOM   681  C  "C5'" . G   A 1 32 ? -9.985  6.506   7.311   1.00 72.26  ? 32  G   A "C5'" 1 
ATOM   682  C  "C4'" . G   A 1 32 ? -10.919 6.065   6.194   1.00 73.11  ? 32  G   A "C4'" 1 
ATOM   683  O  "O4'" . G   A 1 32 ? -11.378 7.216   5.418   1.00 73.28  ? 32  G   A "O4'" 1 
ATOM   684  C  "C3'" . G   A 1 32 ? -10.272 5.135   5.173   1.00 71.52  ? 32  G   A "C3'" 1 
ATOM   685  O  "O3'" . G   A 1 32 ? -10.343 3.804   5.638   1.00 69.91  ? 32  G   A "O3'" 1 
ATOM   686  C  "C2'" . G   A 1 32 ? -11.194 5.335   3.990   1.00 71.43  ? 32  G   A "C2'" 1 
ATOM   687  O  "O2'" . G   A 1 32 ? -12.376 4.589   4.195   1.00 72.24  ? 32  G   A "O2'" 1 
ATOM   688  C  "C1'" . G   A 1 32 ? -11.439 6.843   4.051   1.00 72.57  ? 32  G   A "C1'" 1 
ATOM   689  N  N9    . G   A 1 32 ? -10.442 7.582   3.270   1.00 72.80  ? 32  G   A N9    1 
ATOM   690  C  C8    . G   A 1 32 ? -9.163  7.942   3.623   1.00 72.42  ? 32  G   A C8    1 
ATOM   691  N  N7    . G   A 1 32 ? -8.528  8.585   2.674   1.00 72.68  ? 32  G   A N7    1 
ATOM   692  C  C5    . G   A 1 32 ? -9.427  8.649   1.626   1.00 72.32  ? 32  G   A C5    1 
ATOM   693  C  C6    . G   A 1 32 ? -9.314  9.215   0.337   1.00 72.64  ? 32  G   A C6    1 
ATOM   694  O  O6    . G   A 1 32 ? -8.345  9.811   -0.148  1.00 72.95  ? 32  G   A O6    1 
ATOM   695  N  N1    . G   A 1 32 ? -10.475 9.054   -0.432  1.00 73.02  ? 32  G   A N1    1 
ATOM   696  C  C2    . G   A 1 32 ? -11.617 8.428   0.011   1.00 72.44  ? 32  G   A C2    1 
ATOM   697  N  N2    . G   A 1 32 ? -12.650 8.357   -0.825  1.00 72.10  ? 32  G   A N2    1 
ATOM   698  N  N3    . G   A 1 32 ? -11.736 7.898   1.216   1.00 73.08  ? 32  G   A N3    1 
ATOM   699  C  C4    . G   A 1 32 ? -10.611 8.041   1.976   1.00 73.28  ? 32  G   A C4    1 
ATOM   700  P  P     . A   A 1 33 ? -9.177  3.149   6.517   1.00 67.93  ? 33  A   A P     1 
ATOM   701  O  OP1   . A   A 1 33 ? -9.674  3.212   7.919   1.00 69.31  ? 33  A   A OP1   1 
ATOM   702  O  OP2   . A   A 1 33 ? -7.851  3.627   6.078   1.00 67.72  ? 33  A   A OP2   1 
ATOM   703  O  "O5'" . A   A 1 33 ? -9.150  1.630   6.084   1.00 66.23  ? 33  A   A "O5'" 1 
ATOM   704  C  "C5'" . A   A 1 33 ? -8.947  1.301   4.747   1.00 65.74  ? 33  A   A "C5'" 1 
ATOM   705  C  "C4'" . A   A 1 33 ? -9.009  -0.203  4.721   1.00 68.11  ? 33  A   A "C4'" 1 
ATOM   706  O  "O4'" . A   A 1 33 ? -7.840  -0.705  5.405   1.00 69.43  ? 33  A   A "O4'" 1 
ATOM   707  C  "C3'" . A   A 1 33 ? -10.219 -0.802  5.439   1.00 66.82  ? 33  A   A "C3'" 1 
ATOM   708  O  "O3'" . A   A 1 33 ? -10.765 -1.741  4.533   1.00 66.91  ? 33  A   A "O3'" 1 
ATOM   709  C  "C2'" . A   A 1 33 ? -9.639  -1.446  6.689   1.00 66.47  ? 33  A   A "C2'" 1 
ATOM   710  O  "O2'" . A   A 1 33 ? -10.255 -2.658  7.073   1.00 66.50  ? 33  A   A "O2'" 1 
ATOM   711  C  "C1'" . A   A 1 33 ? -8.227  -1.765  6.235   1.00 68.93  ? 33  A   A "C1'" 1 
ATOM   712  N  N9    . A   A 1 33 ? -7.309  -1.823  7.355   1.00 69.93  ? 33  A   A N9    1 
ATOM   713  C  C8    . A   A 1 33 ? -7.107  -0.865  8.310   1.00 69.95  ? 33  A   A C8    1 
ATOM   714  N  N7    . A   A 1 33 ? -6.233  -1.213  9.228   1.00 70.68  ? 33  A   A N7    1 
ATOM   715  C  C5    . A   A 1 33 ? -5.826  -2.473  8.843   1.00 71.05  ? 33  A   A C5    1 
ATOM   716  C  C6    . A   A 1 33 ? -4.894  -3.382  9.387   1.00 70.37  ? 33  A   A C6    1 
ATOM   717  N  N6    . A   A 1 33 ? -4.184  -3.136  10.486  1.00 69.50  ? 33  A   A N6    1 
ATOM   718  N  N1    . A   A 1 33 ? -4.727  -4.559  8.742   1.00 70.00  ? 33  A   A N1    1 
ATOM   719  C  C2    . A   A 1 33 ? -5.440  -4.809  7.632   1.00 69.27  ? 33  A   A C2    1 
ATOM   720  N  N3    . A   A 1 33 ? -6.336  -4.033  7.029   1.00 69.07  ? 33  A   A N3    1 
ATOM   721  C  C4    . A   A 1 33 ? -6.485  -2.871  7.686   1.00 70.52  ? 33  A   A C4    1 
ATOM   722  P  P     . G   A 1 34 ? -12.344 -1.938  4.344   1.00 65.13  ? 34  G   A P     1 
ATOM   723  O  OP1   . G   A 1 34 ? -13.063 -1.478  5.545   1.00 63.60  ? 34  G   A OP1   1 
ATOM   724  O  OP2   . G   A 1 34 ? -12.509 -3.338  3.859   1.00 69.55  ? 34  G   A OP2   1 
ATOM   725  O  "O5'" . G   A 1 34 ? -12.652 -1.010  3.101   1.00 65.45  ? 34  G   A "O5'" 1 
ATOM   726  C  "C5'" . G   A 1 34 ? -11.861 -1.087  1.936   1.00 66.94  ? 34  G   A "C5'" 1 
ATOM   727  C  "C4'" . G   A 1 34 ? -12.578 -0.290  0.867   1.00 68.98  ? 34  G   A "C4'" 1 
ATOM   728  O  "O4'" . G   A 1 34 ? -12.703 1.108   1.245   1.00 70.20  ? 34  G   A "O4'" 1 
ATOM   729  C  "C3'" . G   A 1 34 ? -11.869 -0.221  -0.464  1.00 69.74  ? 34  G   A "C3'" 1 
ATOM   730  O  "O3'" . G   A 1 34 ? -12.085 -1.446  -1.155  1.00 69.69  ? 34  G   A "O3'" 1 
ATOM   731  C  "C2'" . G   A 1 34 ? -12.595 0.961   -1.093  1.00 68.52  ? 34  G   A "C2'" 1 
ATOM   732  O  "O2'" . G   A 1 34 ? -13.939 0.641   -1.400  1.00 66.02  ? 34  G   A "O2'" 1 
ATOM   733  C  "C1'" . G   A 1 34 ? -12.635 1.916   0.088   1.00 69.06  ? 34  G   A "C1'" 1 
ATOM   734  N  N9    . G   A 1 34 ? -11.508 2.820   0.201   1.00 68.39  ? 34  G   A N9    1 
ATOM   735  C  C8    . G   A 1 34 ? -10.495 2.761   1.118   1.00 68.81  ? 34  G   A C8    1 
ATOM   736  N  N7    . G   A 1 34 ? -9.611  3.705   0.994   1.00 67.63  ? 34  G   A N7    1 
ATOM   737  C  C5    . G   A 1 34 ? -10.075 4.445   -0.086  1.00 68.33  ? 34  G   A C5    1 
ATOM   738  C  C6    . G   A 1 34 ? -9.530  5.600   -0.702  1.00 69.78  ? 34  G   A C6    1 
ATOM   739  O  O6    . G   A 1 34 ? -8.497  6.226   -0.391  1.00 70.51  ? 34  G   A O6    1 
ATOM   740  N  N1    . G   A 1 34 ? -10.315 6.050   -1.767  1.00 69.88  ? 34  G   A N1    1 
ATOM   741  C  C2    . G   A 1 34 ? -11.486 5.453   -2.199  1.00 69.42  ? 34  G   A C2    1 
ATOM   742  N  N2    . G   A 1 34 ? -12.104 6.034   -3.249  1.00 68.26  ? 34  G   A N2    1 
ATOM   743  N  N3    . G   A 1 34 ? -12.003 4.367   -1.616  1.00 69.30  ? 34  G   A N3    1 
ATOM   744  C  C4    . G   A 1 34 ? -11.252 3.922   -0.575  1.00 68.67  ? 34  G   A C4    1 
ATOM   745  P  P     . G   A 1 35 ? -10.874 -2.041  -1.985  1.00 70.82  ? 35  G   A P     1 
ATOM   746  O  OP1   . G   A 1 35 ? -11.275 -3.375  -2.469  1.00 71.77  ? 35  G   A OP1   1 
ATOM   747  O  OP2   . G   A 1 35 ? -9.602  -1.859  -1.234  1.00 70.45  ? 35  G   A OP2   1 
ATOM   748  O  "O5'" . G   A 1 35 ? -10.816 -1.038  -3.220  1.00 73.37  ? 35  G   A "O5'" 1 
ATOM   749  C  "C5'" . G   A 1 35 ? -11.917 -0.855  -4.140  1.00 74.81  ? 35  G   A "C5'" 1 
ATOM   750  C  "C4'" . G   A 1 35 ? -11.445 0.027   -5.285  1.00 76.19  ? 35  G   A "C4'" 1 
ATOM   751  O  "O4'" . G   A 1 35 ? -11.316 1.405   -4.810  1.00 75.35  ? 35  G   A "O4'" 1 
ATOM   752  C  "C3'" . G   A 1 35 ? -10.035 -0.285  -5.780  1.00 77.51  ? 35  G   A "C3'" 1 
ATOM   753  O  "O3'" . G   A 1 35 ? -9.966  -1.399  -6.655  1.00 80.02  ? 35  G   A "O3'" 1 
ATOM   754  C  "C2'" . G   A 1 35 ? -9.694  1.022   -6.475  1.00 77.22  ? 35  G   A "C2'" 1 
ATOM   755  O  "O2'" . G   A 1 35 ? -10.358 1.146   -7.710  1.00 81.08  ? 35  G   A "O2'" 1 
ATOM   756  C  "C1'" . G   A 1 35 ? -10.271 2.054   -5.514  1.00 73.19  ? 35  G   A "C1'" 1 
ATOM   757  N  N9    . G   A 1 35 ? -9.284  2.564   -4.577  1.00 71.69  ? 35  G   A N9    1 
ATOM   758  C  C8    . G   A 1 35 ? -9.167  2.276   -3.242  1.00 71.86  ? 35  G   A C8    1 
ATOM   759  N  N7    . G   A 1 35 ? -8.173  2.892   -2.643  1.00 71.73  ? 35  G   A N7    1 
ATOM   760  C  C5    . G   A 1 35 ? -7.587  3.626   -3.659  1.00 71.89  ? 35  G   A C5    1 
ATOM   761  C  C6    . G   A 1 35 ? -6.478  4.506   -3.629  1.00 72.12  ? 35  G   A C6    1 
ATOM   762  O  O6    . G   A 1 35 ? -5.775  4.799   -2.650  1.00 72.00  ? 35  G   A O6    1 
ATOM   763  N  N1    . G   A 1 35 ? -6.216  5.068   -4.882  1.00 71.15  ? 35  G   A N1    1 
ATOM   764  C  C2    . G   A 1 35 ? -6.948  4.801   -6.005  1.00 70.73  ? 35  G   A C2    1 
ATOM   765  N  N2    . G   A 1 35 ? -6.597  5.417   -7.133  1.00 71.48  ? 35  G   A N2    1 
ATOM   766  N  N3    . G   A 1 35 ? -7.983  3.987   -6.037  1.00 71.32  ? 35  G   A N3    1 
ATOM   767  C  C4    . G   A 1 35 ? -8.257  3.434   -4.844  1.00 71.41  ? 35  G   A C4    1 
ATOM   768  P  P     . G   A 1 36 ? -8.616  -2.288  -6.724  1.00 84.84  ? 36  G   A P     1 
ATOM   769  O  OP1   . G   A 1 36 ? -8.905  -3.377  -7.692  1.00 84.70  ? 36  G   A OP1   1 
ATOM   770  O  OP2   . G   A 1 36 ? -8.076  -2.682  -5.395  1.00 82.10  ? 36  G   A OP2   1 
ATOM   771  O  "O5'" . G   A 1 36 ? -7.560  -1.213  -7.295  1.00 81.43  ? 36  G   A "O5'" 1 
ATOM   772  C  "C5'" . G   A 1 36 ? -7.365  -1.032  -8.668  1.00 77.88  ? 36  G   A "C5'" 1 
ATOM   773  C  "C4'" . G   A 1 36 ? -6.518  0.195   -8.890  1.00 75.57  ? 36  G   A "C4'" 1 
ATOM   774  O  "O4'" . G   A 1 36 ? -6.725  1.150   -7.832  1.00 73.97  ? 36  G   A "O4'" 1 
ATOM   775  C  "C3'" . G   A 1 36 ? -5.039  -0.063  -8.790  1.00 74.49  ? 36  G   A "C3'" 1 
ATOM   776  O  "O3'" . G   A 1 36 ? -4.578  -0.731  -9.941  1.00 73.26  ? 36  G   A "O3'" 1 
ATOM   777  C  "C2'" . G   A 1 36 ? -4.530  1.367   -8.682  1.00 74.98  ? 36  G   A "C2'" 1 
ATOM   778  O  "O2'" . G   A 1 36 ? -4.613  2.100   -9.886  1.00 76.17  ? 36  G   A "O2'" 1 
ATOM   779  C  "C1'" . G   A 1 36 ? -5.550  1.934   -7.712  1.00 75.43  ? 36  G   A "C1'" 1 
ATOM   780  N  N9    . G   A 1 36 ? -5.112  1.955   -6.319  1.00 75.51  ? 36  G   A N9    1 
ATOM   781  C  C8    . G   A 1 36 ? -5.640  1.217   -5.280  1.00 75.95  ? 36  G   A C8    1 
ATOM   782  N  N7    . G   A 1 36 ? -5.076  1.453   -4.125  1.00 76.13  ? 36  G   A N7    1 
ATOM   783  C  C5    . G   A 1 36 ? -4.102  2.410   -4.421  1.00 76.04  ? 36  G   A C5    1 
ATOM   784  C  C6    . G   A 1 36 ? -3.177  3.055   -3.562  1.00 76.21  ? 36  G   A C6    1 
ATOM   785  O  O6    . G   A 1 36 ? -3.029  2.875   -2.345  1.00 76.43  ? 36  G   A O6    1 
ATOM   786  N  N1    . G   A 1 36 ? -2.377  3.970   -4.233  1.00 75.99  ? 36  G   A N1    1 
ATOM   787  C  C2    . G   A 1 36 ? -2.458  4.224   -5.583  1.00 76.38  ? 36  G   A C2    1 
ATOM   788  N  N2    . G   A 1 36 ? -1.603  5.139   -6.076  1.00 75.82  ? 36  G   A N2    1 
ATOM   789  N  N3    . G   A 1 36 ? -3.328  3.630   -6.395  1.00 76.25  ? 36  G   A N3    1 
ATOM   790  C  C4    . G   A 1 36 ? -4.113  2.732   -5.757  1.00 75.15  ? 36  G   A C4    1 
ATOM   791  P  P     . U   A 1 37 ? -3.274  -1.658  -9.868  1.00 71.67  ? 37  U   A P     1 
ATOM   792  O  OP1   . U   A 1 37 ? -3.093  -2.249  -11.201 1.00 71.50  ? 37  U   A OP1   1 
ATOM   793  O  OP2   . U   A 1 37 ? -3.431  -2.578  -8.715  1.00 71.20  ? 37  U   A OP2   1 
ATOM   794  O  "O5'" . U   A 1 37 ? -2.096  -0.608  -9.577  1.00 72.10  ? 37  U   A "O5'" 1 
ATOM   795  C  "C5'" . U   A 1 37 ? -1.643  0.332   -10.555 1.00 72.57  ? 37  U   A "C5'" 1 
ATOM   796  C  "C4'" . U   A 1 37 ? -0.632  1.269   -9.908  1.00 74.58  ? 37  U   A "C4'" 1 
ATOM   797  O  "O4'" . U   A 1 37 ? -1.164  1.835   -8.681  1.00 75.03  ? 37  U   A "O4'" 1 
ATOM   798  C  "C3'" . U   A 1 37 ? 0.633   0.583   -9.451  1.00 74.60  ? 37  U   A "C3'" 1 
ATOM   799  O  "O3'" . U   A 1 37 ? 1.553   0.594   -10.502 1.00 74.96  ? 37  U   A "O3'" 1 
ATOM   800  C  "C2'" . U   A 1 37 ? 1.128   1.428   -8.284  1.00 75.88  ? 37  U   A "C2'" 1 
ATOM   801  O  "O2'" . U   A 1 37 ? 2.000   2.478   -8.647  1.00 76.56  ? 37  U   A "O2'" 1 
ATOM   802  C  "C1'" . U   A 1 37 ? -0.148  2.013   -7.715  1.00 76.23  ? 37  U   A "C1'" 1 
ATOM   803  N  N1    . U   A 1 37 ? -0.558  1.376   -6.415  1.00 77.67  ? 37  U   A N1    1 
ATOM   804  C  C2    . U   A 1 37 ? 0.018   1.808   -5.237  1.00 77.38  ? 37  U   A C2    1 
ATOM   805  O  O2    . U   A 1 37 ? 0.852   2.684   -5.167  1.00 78.21  ? 37  U   A O2    1 
ATOM   806  N  N3    . U   A 1 37 ? -0.425  1.173   -4.111  1.00 76.98  ? 37  U   A N3    1 
ATOM   807  C  C4    . U   A 1 37 ? -1.363  0.167   -4.040  1.00 76.91  ? 37  U   A C4    1 
ATOM   808  O  O4    . U   A 1 37 ? -1.652  -0.271  -2.938  1.00 78.26  ? 37  U   A O4    1 
ATOM   809  C  C5    . U   A 1 37 ? -1.915  -0.272  -5.292  1.00 76.84  ? 37  U   A C5    1 
ATOM   810  C  C6    . U   A 1 37 ? -1.494  0.341   -6.406  1.00 78.51  ? 37  U   A C6    1 
ATOM   811  P  P     . A   A 1 38 ? 2.488   -0.689  -10.807 1.00 73.42  ? 38  A   A P     1 
ATOM   812  O  OP1   . A   A 1 38 ? 3.292   -0.382  -12.019 1.00 72.79  ? 38  A   A OP1   1 
ATOM   813  O  OP2   . A   A 1 38 ? 1.667   -1.928  -10.779 1.00 69.97  ? 38  A   A OP2   1 
ATOM   814  O  "O5'" . A   A 1 38 ? 3.432   -0.671  -9.521  1.00 71.02  ? 38  A   A "O5'" 1 
ATOM   815  C  "C5'" . A   A 1 38 ? 4.354   0.359   -9.288  1.00 69.97  ? 38  A   A "C5'" 1 
ATOM   816  C  "C4'" . A   A 1 38 ? 4.895   0.123   -7.879  1.00 71.67  ? 38  A   A "C4'" 1 
ATOM   817  O  "O4'" . A   A 1 38 ? 3.791   -0.085  -6.939  1.00 71.09  ? 38  A   A "O4'" 1 
ATOM   818  C  "C3'" . A   A 1 38 ? 5.789   -1.100  -7.752  1.00 72.31  ? 38  A   A "C3'" 1 
ATOM   819  O  "O3'" . A   A 1 38 ? 6.768   -0.832  -6.778  1.00 74.87  ? 38  A   A "O3'" 1 
ATOM   820  C  "C2'" . A   A 1 38 ? 4.797   -2.176  -7.309  1.00 72.15  ? 38  A   A "C2'" 1 
ATOM   821  O  "O2'" . A   A 1 38 ? 5.373   -3.201  -6.528  1.00 72.17  ? 38  A   A "O2'" 1 
ATOM   822  C  "C1'" . A   A 1 38 ? 3.840   -1.381  -6.403  1.00 69.89  ? 38  A   A "C1'" 1 
ATOM   823  N  N9    . A   A 1 38 ? 2.515   -2.009  -6.264  1.00 69.23  ? 38  A   A N9    1 
ATOM   824  C  C8    . A   A 1 38 ? 1.731   -2.604  -7.228  1.00 67.61  ? 38  A   A C8    1 
ATOM   825  N  N7    . A   A 1 38 ? 0.614   -3.115  -6.755  1.00 66.53  ? 38  A   A N7    1 
ATOM   826  C  C5    . A   A 1 38 ? 0.674   -2.833  -5.396  1.00 67.22  ? 38  A   A C5    1 
ATOM   827  C  C6    . A   A 1 38 ? -0.187  -3.082  -4.304  1.00 67.73  ? 38  A   A C6    1 
ATOM   828  N  N6    . A   A 1 38 ? -1.354  -3.717  -4.382  1.00 67.47  ? 38  A   A N6    1 
ATOM   829  N  N1    . A   A 1 38 ? 0.201   -2.665  -3.083  1.00 67.46  ? 38  A   A N1    1 
ATOM   830  C  C2    . A   A 1 38 ? 1.366   -2.036  -2.925  1.00 66.65  ? 38  A   A C2    1 
ATOM   831  N  N3    . A   A 1 38 ? 2.251   -1.736  -3.860  1.00 67.79  ? 38  A   A N3    1 
ATOM   832  C  C4    . A   A 1 38 ? 1.840   -2.162  -5.079  1.00 68.08  ? 38  A   A C4    1 
ATOM   833  P  P     . C   A 1 39 ? 8.193   -0.208  -7.153  1.00 77.49  ? 39  C   A P     1 
ATOM   834  O  OP1   . C   A 1 39 ? 8.244   -0.024  -8.625  1.00 76.99  ? 39  C   A OP1   1 
ATOM   835  O  OP2   . C   A 1 39 ? 9.221   -0.956  -6.375  1.00 76.24  ? 39  C   A OP2   1 
ATOM   836  O  "O5'" . C   A 1 39 ? 8.094   1.267   -6.543  1.00 78.65  ? 39  C   A "O5'" 1 
ATOM   837  C  "C5'" . C   A 1 39 ? 9.285   2.021   -6.392  1.00 77.68  ? 39  C   A "C5'" 1 
ATOM   838  C  "C4'" . C   A 1 39 ? 9.147   3.069   -5.309  1.00 78.55  ? 39  C   A "C4'" 1 
ATOM   839  O  "O4'" . C   A 1 39 ? 7.823   3.690   -5.250  1.00 79.38  ? 39  C   A "O4'" 1 
ATOM   840  C  "C3'" . C   A 1 39 ? 9.345   2.506   -3.919  1.00 78.82  ? 39  C   A "C3'" 1 
ATOM   841  O  "O3'" . C   A 1 39 ? 10.725  2.339   -3.715  1.00 77.91  ? 39  C   A "O3'" 1 
ATOM   842  C  "C2'" . C   A 1 39 ? 8.714   3.619   -3.088  1.00 78.34  ? 39  C   A "C2'" 1 
ATOM   843  O  "O2'" . C   A 1 39 ? 9.503   4.785   -3.072  1.00 78.29  ? 39  C   A "O2'" 1 
ATOM   844  C  "C1'" . C   A 1 39 ? 7.439   3.900   -3.895  1.00 78.56  ? 39  C   A "C1'" 1 
ATOM   845  N  N1    . C   A 1 39 ? 6.299   2.991   -3.490  1.00 78.43  ? 39  C   A N1    1 
ATOM   846  C  C2    . C   A 1 39 ? 5.852   2.968   -2.143  1.00 79.47  ? 39  C   A C2    1 
ATOM   847  O  O2    . C   A 1 39 ? 6.369   3.711   -1.301  1.00 79.62  ? 39  C   A O2    1 
ATOM   848  N  N3    . C   A 1 39 ? 4.844   2.133   -1.768  1.00 79.05  ? 39  C   A N3    1 
ATOM   849  C  C4    . C   A 1 39 ? 4.287   1.338   -2.674  1.00 78.05  ? 39  C   A C4    1 
ATOM   850  N  N4    . C   A 1 39 ? 3.312   0.534   -2.245  1.00 78.73  ? 39  C   A N4    1 
ATOM   851  C  C5    . C   A 1 39 ? 4.716   1.335   -4.041  1.00 78.15  ? 39  C   A C5    1 
ATOM   852  C  C6    . C   A 1 39 ? 5.714   2.160   -4.407  1.00 77.32  ? 39  C   A C6    1 
ATOM   853  P  P     . A   A 1 40 ? 11.307  0.935   -3.255  1.00 77.99  ? 40  A   A P     1 
ATOM   854  O  OP1   . A   A 1 40 ? 12.783  1.022   -3.221  1.00 80.22  ? 40  A   A OP1   1 
ATOM   855  O  OP2   . A   A 1 40 ? 10.630  -0.139  -4.041  1.00 79.13  ? 40  A   A OP2   1 
ATOM   856  O  "O5'" . A   A 1 40 ? 10.885  0.859   -1.718  1.00 77.84  ? 40  A   A "O5'" 1 
ATOM   857  C  "C5'" . A   A 1 40 ? 11.342  1.839   -0.819  1.00 77.28  ? 40  A   A "C5'" 1 
ATOM   858  C  "C4'" . A   A 1 40 ? 10.518  1.771   0.443   1.00 78.25  ? 40  A   A "C4'" 1 
ATOM   859  O  "O4'" . A   A 1 40 ? 9.138   2.112   0.118   1.00 79.50  ? 40  A   A "O4'" 1 
ATOM   860  C  "C3'" . A   A 1 40 ? 10.432  0.387   1.064   1.00 77.51  ? 40  A   A "C3'" 1 
ATOM   861  O  "O3'" . A   A 1 40 ? 11.554  0.147   1.901   1.00 75.66  ? 40  A   A "O3'" 1 
ATOM   862  C  "C2'" . A   A 1 40 ? 9.132   0.524   1.851   1.00 78.12  ? 40  A   A "C2'" 1 
ATOM   863  O  "O2'" . A   A 1 40 ? 9.326   1.249   3.033   1.00 78.42  ? 40  A   A "O2'" 1 
ATOM   864  C  "C1'" . A   A 1 40 ? 8.242   1.323   0.889   1.00 78.43  ? 40  A   A "C1'" 1 
ATOM   865  N  N9    . A   A 1 40 ? 7.464   0.411   0.036   1.00 77.67  ? 40  A   A N9    1 
ATOM   866  C  C8    . A   A 1 40 ? 7.666   0.160   -1.292  1.00 77.09  ? 40  A   A C8    1 
ATOM   867  N  N7    . A   A 1 40 ? 6.846   -0.725  -1.791  1.00 76.16  ? 40  A   A N7    1 
ATOM   868  C  C5    . A   A 1 40 ? 6.065   -1.082  -0.712  1.00 76.26  ? 40  A   A C5    1 
ATOM   869  C  C6    . A   A 1 40 ? 5.006   -1.994  -0.588  1.00 77.45  ? 40  A   A C6    1 
ATOM   870  N  N6    . A   A 1 40 ? 4.583   -2.694  -1.644  1.00 77.75  ? 40  A   A N6    1 
ATOM   871  N  N1    . A   A 1 40 ? 4.407   -2.147  0.632   1.00 78.13  ? 40  A   A N1    1 
ATOM   872  C  C2    . A   A 1 40 ? 4.861   -1.414  1.666   1.00 77.31  ? 40  A   A C2    1 
ATOM   873  N  N3    . A   A 1 40 ? 5.864   -0.519  1.651   1.00 77.59  ? 40  A   A N3    1 
ATOM   874  C  C4    . A   A 1 40 ? 6.424   -0.399  0.425   1.00 76.34  ? 40  A   A C4    1 
ATOM   875  P  P     . G   A 1 41 ? 12.200  -1.310  2.086   1.00 74.24  ? 41  G   A P     1 
ATOM   876  O  OP1   . G   A 1 41 ? 13.344  -1.199  3.011   1.00 75.24  ? 41  G   A OP1   1 
ATOM   877  O  OP2   . G   A 1 41 ? 12.386  -1.919  0.757   1.00 74.15  ? 41  G   A OP2   1 
ATOM   878  O  "O5'" . G   A 1 41 ? 11.063  -2.194  2.788   1.00 75.62  ? 41  G   A "O5'" 1 
ATOM   879  C  "C5'" . G   A 1 41 ? 10.396  -1.915  4.024   1.00 75.32  ? 41  G   A "C5'" 1 
ATOM   880  C  "C4'" . G   A 1 41 ? 9.221   -2.875  4.209   1.00 75.17  ? 41  G   A "C4'" 1 
ATOM   881  O  "O4'" . G   A 1 41 ? 8.138   -2.538  3.292   1.00 75.97  ? 41  G   A "O4'" 1 
ATOM   882  C  "C3'" . G   A 1 41 ? 9.502   -4.329  3.862   1.00 74.31  ? 41  G   A "C3'" 1 
ATOM   883  O  "O3'" . G   A 1 41 ? 10.133  -4.990  4.940   1.00 75.16  ? 41  G   A "O3'" 1 
ATOM   884  C  "C2'" . G   A 1 41 ? 8.102   -4.866  3.598   1.00 73.41  ? 41  G   A "C2'" 1 
ATOM   885  O  "O2'" . G   A 1 41 ? 7.346   -5.009  4.777   1.00 72.73  ? 41  G   A "O2'" 1 
ATOM   886  C  "C1'" . G   A 1 41 ? 7.536   -3.719  2.785   1.00 72.98  ? 41  G   A "C1'" 1 
ATOM   887  N  N9    . G   A 1 41 ? 7.719   -3.843  1.325   1.00 72.48  ? 41  G   A N9    1 
ATOM   888  C  C8    . G   A 1 41 ? 8.521   -3.118  0.477   1.00 71.60  ? 41  G   A C8    1 
ATOM   889  N  N7    . G   A 1 41 ? 8.431   -3.479  -0.776  1.00 71.10  ? 41  G   A N7    1 
ATOM   890  C  C5    . G   A 1 41 ? 7.501   -4.502  -0.767  1.00 71.90  ? 41  G   A C5    1 
ATOM   891  C  C6    . G   A 1 41 ? 6.969   -5.293  -1.815  1.00 72.53  ? 41  G   A C6    1 
ATOM   892  O  O6    . G   A 1 41 ? 7.224   -5.228  -3.022  1.00 72.80  ? 41  G   A O6    1 
ATOM   893  N  N1    . G   A 1 41 ? 6.044   -6.241  -1.366  1.00 71.95  ? 41  G   A N1    1 
ATOM   894  C  C2    . G   A 1 41 ? 5.674   -6.374  -0.060  1.00 71.89  ? 41  G   A C2    1 
ATOM   895  N  N2    . G   A 1 41 ? 4.777   -7.307  0.238   1.00 72.90  ? 41  G   A N2    1 
ATOM   896  N  N3    . G   A 1 41 ? 6.141   -5.639  0.921   1.00 72.69  ? 41  G   A N3    1 
ATOM   897  C  C4    . G   A 1 41 ? 7.054   -4.728  0.508   1.00 72.31  ? 41  G   A C4    1 
ATOM   898  P  P     . U   A 1 42 ? 11.062  -6.269  4.681   1.00 74.17  ? 42  U   A P     1 
ATOM   899  O  OP1   . U   A 1 42 ? 11.658  -6.632  5.988   1.00 73.42  ? 42  U   A OP1   1 
ATOM   900  O  OP2   . U   A 1 42 ? 11.893  -5.996  3.485   1.00 71.75  ? 42  U   A OP2   1 
ATOM   901  O  "O5'" . U   A 1 42 ? 10.037  -7.420  4.241   1.00 74.15  ? 42  U   A "O5'" 1 
ATOM   902  C  "C5'" . U   A 1 42 ? 9.142   -7.985  5.168   1.00 75.01  ? 42  U   A "C5'" 1 
ATOM   903  C  "C4'" . U   A 1 42 ? 8.327   -9.035  4.442   1.00 76.01  ? 42  U   A "C4'" 1 
ATOM   904  O  "O4'" . U   A 1 42 ? 7.586   -8.403  3.375   1.00 75.23  ? 42  U   A "O4'" 1 
ATOM   905  C  "C3'" . U   A 1 42 ? 9.108   -10.097 3.681   1.00 75.71  ? 42  U   A "C3'" 1 
ATOM   906  O  "O3'" . U   A 1 42 ? 9.643   -11.051 4.579   1.00 76.94  ? 42  U   A "O3'" 1 
ATOM   907  C  "C2'" . U   A 1 42 ? 7.981   -10.643 2.802   1.00 74.45  ? 42  U   A "C2'" 1 
ATOM   908  O  "O2'" . U   A 1 42 ? 6.932   -11.291 3.503   1.00 72.02  ? 42  U   A "O2'" 1 
ATOM   909  C  "C1'" . U   A 1 42 ? 7.441   -9.313  2.305   1.00 73.74  ? 42  U   A "C1'" 1 
ATOM   910  N  N1    . U   A 1 42 ? 8.087   -8.756  1.074   1.00 73.73  ? 42  U   A N1    1 
ATOM   911  C  C2    . U   A 1 42 ? 7.823   -9.352  -0.140  1.00 74.14  ? 42  U   A C2    1 
ATOM   912  O  O2    . U   A 1 42 ? 7.111   -10.340 -0.264  1.00 74.18  ? 42  U   A O2    1 
ATOM   913  N  N3    . U   A 1 42 ? 8.459   -8.763  -1.214  1.00 73.35  ? 42  U   A N3    1 
ATOM   914  C  C4    . U   A 1 42 ? 9.291   -7.657  -1.215  1.00 72.74  ? 42  U   A C4    1 
ATOM   915  O  O4    . U   A 1 42 ? 9.763   -7.242  -2.275  1.00 73.37  ? 42  U   A O4    1 
ATOM   916  C  C5    . U   A 1 42 ? 9.512   -7.081  0.081   1.00 72.33  ? 42  U   A C5    1 
ATOM   917  C  C6    . U   A 1 42 ? 8.910   -7.641  1.143   1.00 73.87  ? 42  U   A C6    1 
ATOM   918  P  P     . G   A 1 43 ? 11.007  -11.847 4.300   1.00 78.64  ? 43  G   A P     1 
ATOM   919  O  OP1   . G   A 1 43 ? 11.278  -12.546 5.584   1.00 78.49  ? 43  G   A OP1   1 
ATOM   920  O  OP2   . G   A 1 43 ? 12.006  -10.966 3.641   1.00 75.83  ? 43  G   A OP2   1 
ATOM   921  O  "O5'" . G   A 1 43 ? 10.664  -12.951 3.200   1.00 79.12  ? 43  G   A "O5'" 1 
ATOM   922  C  "C5'" . G   A 1 43 ? 9.811   -14.049 3.467   1.00 79.23  ? 43  G   A "C5'" 1 
ATOM   923  C  "C4'" . G   A 1 43 ? 9.414   -14.651 2.136   1.00 79.29  ? 43  G   A "C4'" 1 
ATOM   924  O  "O4'" . G   A 1 43 ? 8.870   -13.588 1.331   1.00 79.93  ? 43  G   A "O4'" 1 
ATOM   925  C  "C3'" . G   A 1 43 ? 10.568  -15.096 1.256   1.00 79.08  ? 43  G   A "C3'" 1 
ATOM   926  O  "O3'" . G   A 1 43 ? 11.088  -16.327 1.682   1.00 77.64  ? 43  G   A "O3'" 1 
ATOM   927  C  "C2'" . G   A 1 43 ? 9.869   -15.168 -0.099  1.00 79.61  ? 43  G   A "C2'" 1 
ATOM   928  O  "O2'" . G   A 1 43 ? 8.916   -16.198 -0.250  1.00 78.92  ? 43  G   A "O2'" 1 
ATOM   929  C  "C1'" . G   A 1 43 ? 9.107   -13.855 -0.046  1.00 79.87  ? 43  G   A "C1'" 1 
ATOM   930  N  N9    . G   A 1 43 ? 9.767   -12.732 -0.732  1.00 79.72  ? 43  G   A N9    1 
ATOM   931  C  C8    . G   A 1 43 ? 10.342  -11.600 -0.197  1.00 79.96  ? 43  G   A C8    1 
ATOM   932  N  N7    . G   A 1 43 ? 10.840  -10.775 -1.084  1.00 79.22  ? 43  G   A N7    1 
ATOM   933  C  C5    . G   A 1 43 ? 10.583  -11.401 -2.296  1.00 79.25  ? 43  G   A C5    1 
ATOM   934  C  C6    . G   A 1 43 ? 10.885  -10.997 -3.625  1.00 79.87  ? 43  G   A C6    1 
ATOM   935  O  O6    . G   A 1 43 ? 11.465  -9.961  -4.017  1.00 79.68  ? 43  G   A O6    1 
ATOM   936  N  N1    . G   A 1 43 ? 10.430  -11.939 -4.559  1.00 80.03  ? 43  G   A N1    1 
ATOM   937  C  C2    . G   A 1 43 ? 9.780   -13.116 -4.248  1.00 79.96  ? 43  G   A C2    1 
ATOM   938  N  N2    . G   A 1 43 ? 9.419   -13.908 -5.269  1.00 80.15  ? 43  G   A N2    1 
ATOM   939  N  N3    . G   A 1 43 ? 9.492   -13.495 -3.011  1.00 79.46  ? 43  G   A N3    1 
ATOM   940  C  C4    . G   A 1 43 ? 9.919   -12.598 -2.092  1.00 79.15  ? 43  G   A C4    1 
ATOM   941  P  P     . A   A 1 44 ? 12.666  -16.587 1.758   1.00 77.62  ? 44  A   A P     1 
ATOM   942  O  OP1   . A   A 1 44 ? 12.792  -17.631 2.795   1.00 78.98  ? 44  A   A OP1   1 
ATOM   943  O  OP2   . A   A 1 44 ? 13.458  -15.348 1.867   1.00 76.17  ? 44  A   A OP2   1 
ATOM   944  O  "O5'" . A   A 1 44 ? 13.027  -17.229 0.340   1.00 78.05  ? 44  A   A "O5'" 1 
ATOM   945  C  "C5'" . A   A 1 44 ? 12.203  -18.248 -0.259  1.00 78.31  ? 44  A   A "C5'" 1 
ATOM   946  C  "C4'" . A   A 1 44 ? 12.230  -18.160 -1.782  1.00 77.28  ? 44  A   A "C4'" 1 
ATOM   947  O  "O4'" . A   A 1 44 ? 11.589  -16.927 -2.202  1.00 75.64  ? 44  A   A "O4'" 1 
ATOM   948  C  "C3'" . A   A 1 44 ? 13.629  -18.068 -2.396  1.00 77.12  ? 44  A   A "C3'" 1 
ATOM   949  O  "O3'" . A   A 1 44 ? 14.301  -19.308 -2.524  1.00 75.76  ? 44  A   A "O3'" 1 
ATOM   950  C  "C2'" . A   A 1 44 ? 13.366  -17.389 -3.739  1.00 77.78  ? 44  A   A "C2'" 1 
ATOM   951  O  "O2'" . A   A 1 44 ? 12.967  -18.243 -4.800  1.00 79.71  ? 44  A   A "O2'" 1 
ATOM   952  C  "C1'" . A   A 1 44 ? 12.239  -16.434 -3.364  1.00 75.44  ? 44  A   A "C1'" 1 
ATOM   953  N  N9    . A   A 1 44 ? 12.774  -15.087 -3.187  1.00 74.84  ? 44  A   A N9    1 
ATOM   954  C  C8    . A   A 1 44 ? 13.052  -14.392 -2.042  1.00 74.59  ? 44  A   A C8    1 
ATOM   955  N  N7    . A   A 1 44 ? 13.534  -13.176 -2.248  1.00 74.09  ? 44  A   A N7    1 
ATOM   956  C  C5    . A   A 1 44 ? 13.586  -13.072 -3.631  1.00 74.21  ? 44  A   A C5    1 
ATOM   957  C  C6    . A   A 1 44 ? 14.002  -12.048 -4.516  1.00 74.02  ? 44  A   A C6    1 
ATOM   958  N  N6    . A   A 1 44 ? 14.466  -10.860 -4.127  1.00 73.72  ? 44  A   A N6    1 
ATOM   959  N  N1    . A   A 1 44 ? 13.926  -12.292 -5.848  1.00 74.64  ? 44  A   A N1    1 
ATOM   960  C  C2    . A   A 1 44 ? 13.457  -13.477 -6.279  1.00 75.10  ? 44  A   A C2    1 
ATOM   961  N  N3    . A   A 1 44 ? 13.033  -14.517 -5.553  1.00 75.34  ? 44  A   A N3    1 
ATOM   962  C  C4    . A   A 1 44 ? 13.129  -14.248 -4.225  1.00 75.58  ? 44  A   A C4    1 
ATOM   963  P  P     . A   A 1 45 ? 15.913  -19.330 -2.498  1.00 76.70  ? 45  A   A P     1 
ATOM   964  O  OP1   . A   A 1 45 ? 16.316  -20.756 -2.409  1.00 76.66  ? 45  A   A OP1   1 
ATOM   965  O  OP2   . A   A 1 45 ? 16.480  -18.382 -1.507  1.00 74.79  ? 45  A   A OP2   1 
ATOM   966  O  "O5'" . A   A 1 45 ? 16.257  -18.742 -3.940  1.00 76.36  ? 45  A   A "O5'" 1 
ATOM   967  C  "C5'" . A   A 1 45 ? 16.552  -19.579 -5.046  1.00 75.85  ? 45  A   A "C5'" 1 
ATOM   968  C  "C4'" . A   A 1 45 ? 16.615  -18.749 -6.309  1.00 75.03  ? 45  A   A "C4'" 1 
ATOM   969  O  "O4'" . A   A 1 45 ? 15.681  -17.633 -6.227  1.00 74.71  ? 45  A   A "O4'" 1 
ATOM   970  C  "C3'" . A   A 1 45 ? 17.946  -18.066 -6.553  1.00 73.90  ? 45  A   A "C3'" 1 
ATOM   971  O  "O3'" . A   A 1 45 ? 18.863  -18.998 -7.065  1.00 74.76  ? 45  A   A "O3'" 1 
ATOM   972  C  "C2'" . A   A 1 45 ? 17.480  -17.057 -7.592  1.00 73.04  ? 45  A   A "C2'" 1 
ATOM   973  O  "O2'" . A   A 1 45 ? 17.144  -17.685 -8.807  1.00 71.63  ? 45  A   A "O2'" 1 
ATOM   974  C  "C1'" . A   A 1 45 ? 16.225  -16.505 -6.904  1.00 71.90  ? 45  A   A "C1'" 1 
ATOM   975  N  N9    . A   A 1 45 ? 16.534  -15.422 -5.956  1.00 71.02  ? 45  A   A N9    1 
ATOM   976  C  C8    . A   A 1 45 ? 16.580  -15.480 -4.592  1.00 70.67  ? 45  A   A C8    1 
ATOM   977  N  N7    . A   A 1 45 ? 16.901  -14.357 -3.998  1.00 70.30  ? 45  A   A N7    1 
ATOM   978  C  C5    . A   A 1 45 ? 17.091  -13.488 -5.049  1.00 69.81  ? 45  A   A C5    1 
ATOM   979  C  C6    . A   A 1 45 ? 17.450  -12.123 -5.094  1.00 69.71  ? 45  A   A C6    1 
ATOM   980  N  N6    . A   A 1 45 ? 17.696  -11.370 -4.025  1.00 69.62  ? 45  A   A N6    1 
ATOM   981  N  N1    . A   A 1 45 ? 17.546  -11.547 -6.302  1.00 70.66  ? 45  A   A N1    1 
ATOM   982  C  C2    . A   A 1 45 ? 17.288  -12.293 -7.394  1.00 71.33  ? 45  A   A C2    1 
ATOM   983  N  N3    . A   A 1 45 ? 16.936  -13.580 -7.485  1.00 71.09  ? 45  A   A N3    1 
ATOM   984  C  C4    . A   A 1 45 ? 16.863  -14.125 -6.258  1.00 70.70  ? 45  A   A C4    1 
ATOM   985  P  P     . U   A 1 46 ? 20.370  -19.121 -6.510  1.00 76.78  ? 46  U   A P     1 
ATOM   986  O  OP1   . U   A 1 46 ? 20.956  -20.358 -7.088  1.00 76.35  ? 46  U   A OP1   1 
ATOM   987  O  OP2   . U   A 1 46 ? 20.430  -18.896 -5.046  1.00 75.69  ? 46  U   A OP2   1 
ATOM   988  O  "O5'" . U   A 1 46 ? 21.042  -17.861 -7.223  1.00 76.48  ? 46  U   A "O5'" 1 
ATOM   989  C  "C5'" . U   A 1 46 ? 20.969  -17.748 -8.647  1.00 75.74  ? 46  U   A "C5'" 1 
ATOM   990  C  "C4'" . U   A 1 46 ? 21.201  -16.317 -9.081  1.00 74.78  ? 46  U   A "C4'" 1 
ATOM   991  O  "O4'" . U   A 1 46 ? 20.179  -15.456 -8.522  1.00 74.07  ? 46  U   A "O4'" 1 
ATOM   992  C  "C3'" . U   A 1 46 ? 22.500  -15.701 -8.581  1.00 73.51  ? 46  U   A "C3'" 1 
ATOM   993  O  "O3'" . U   A 1 46 ? 23.588  -16.196 -9.340  1.00 72.78  ? 46  U   A "O3'" 1 
ATOM   994  C  "C2'" . U   A 1 46 ? 22.171  -14.222 -8.779  1.00 73.16  ? 46  U   A "C2'" 1 
ATOM   995  O  "O2'" . U   A 1 46 ? 22.140  -13.810 -10.131 1.00 72.72  ? 46  U   A "O2'" 1 
ATOM   996  C  "C1'" . U   A 1 46 ? 20.741  -14.190 -8.229  1.00 72.64  ? 46  U   A "C1'" 1 
ATOM   997  N  N1    . U   A 1 46 ? 20.591  -13.900 -6.743  1.00 72.42  ? 46  U   A N1    1 
ATOM   998  C  C2    . U   A 1 46 ? 20.686  -12.582 -6.295  1.00 71.67  ? 46  U   A C2    1 
ATOM   999  O  O2    . U   A 1 46 ? 20.895  -11.621 -7.022  1.00 71.28  ? 46  U   A O2    1 
ATOM   1000 N  N3    . U   A 1 46 ? 20.533  -12.424 -4.939  1.00 69.90  ? 46  U   A N3    1 
ATOM   1001 C  C4    . U   A 1 46 ? 20.294  -13.417 -4.010  1.00 70.41  ? 46  U   A C4    1 
ATOM   1002 O  O4    . U   A 1 46 ? 20.178  -13.096 -2.835  1.00 71.94  ? 46  U   A O4    1 
ATOM   1003 C  C5    . U   A 1 46 ? 20.208  -14.759 -4.528  1.00 70.15  ? 46  U   A C5    1 
ATOM   1004 C  C6    . U   A 1 46 ? 20.356  -14.940 -5.847  1.00 71.58  ? 46  U   A C6    1 
ATOM   1005 P  P     . U   A 1 47 ? 25.092  -16.068 -8.818  1.00 74.54  ? 47  U   A P     1 
ATOM   1006 O  OP1   . U   A 1 47 ? 25.981  -16.759 -9.785  1.00 74.58  ? 47  U   A OP1   1 
ATOM   1007 O  OP2   . U   A 1 47 ? 25.178  -16.388 -7.372  1.00 72.97  ? 47  U   A OP2   1 
ATOM   1008 O  "O5'" . U   A 1 47 ? 25.280  -14.484 -8.974  1.00 75.77  ? 47  U   A "O5'" 1 
ATOM   1009 C  "C5'" . U   A 1 47 ? 26.040  -13.854 -10.032 1.00 74.69  ? 47  U   A "C5'" 1 
ATOM   1010 C  "C4'" . U   A 1 47 ? 26.303  -12.388 -9.685  1.00 72.54  ? 47  U   A "C4'" 1 
ATOM   1011 O  "O4'" . U   A 1 47 ? 25.065  -11.795 -9.164  1.00 70.71  ? 47  U   A "O4'" 1 
ATOM   1012 C  "C3'" . U   A 1 47 ? 27.337  -12.117 -8.578  1.00 71.49  ? 47  U   A "C3'" 1 
ATOM   1013 O  "O3'" . U   A 1 47 ? 28.779  -12.287 -8.903  1.00 70.49  ? 47  U   A "O3'" 1 
ATOM   1014 C  "C2'" . U   A 1 47 ? 26.888  -10.703 -8.170  1.00 70.32  ? 47  U   A "C2'" 1 
ATOM   1015 O  "O2'" . U   A 1 47 ? 27.109  -9.682  -9.124  1.00 70.24  ? 47  U   A "O2'" 1 
ATOM   1016 C  "C1'" . U   A 1 47 ? 25.374  -10.863 -8.132  1.00 68.35  ? 47  U   A "C1'" 1 
ATOM   1017 N  N1    . U   A 1 47 ? 24.782  -11.200 -6.757  1.00 67.50  ? 47  U   A N1    1 
ATOM   1018 C  C2    . U   A 1 47 ? 24.528  -10.150 -5.869  1.00 67.66  ? 47  U   A C2    1 
ATOM   1019 O  O2    . U   A 1 47 ? 24.756  -8.973  -6.117  1.00 68.08  ? 47  U   A O2    1 
ATOM   1020 N  N3    . U   A 1 47 ? 23.982  -10.493 -4.650  1.00 65.81  ? 47  U   A N3    1 
ATOM   1021 C  C4    . U   A 1 47 ? 23.667  -11.758 -4.225  1.00 65.76  ? 47  U   A C4    1 
ATOM   1022 O  O4    . U   A 1 47 ? 23.195  -11.887 -3.107  1.00 65.35  ? 47  U   A O4    1 
ATOM   1023 C  C5    . U   A 1 47 ? 23.949  -12.810 -5.184  1.00 66.24  ? 47  U   A C5    1 
ATOM   1024 C  C6    . U   A 1 47 ? 24.484  -12.503 -6.381  1.00 66.60  ? 47  U   A C6    1 
HETATM 1025 MG MG    . MG  B 2 .  ? -5.772  2.109   0.928   1.00 70.99  ? 101 MG  A MG    1 
HETATM 1026 MG MG    . MG  C 2 .  ? -1.339  -1.394  0.799   1.00 67.09  ? 201 MG  A MG    1 
HETATM 1027 O  O     . HOH D 3 .  ? -5.619  -0.069  -2.158  1.00 68.94  ? 202 HOH A O     1 
HETATM 1028 O  O     . HOH D 3 .  ? -7.258  2.883   2.195   1.00 73.93  ? 203 HOH A O     1 
HETATM 1029 O  O     . HOH D 3 .  ? -4.343  1.491   -0.504  1.00 72.75  ? 204 HOH A O     1 
HETATM 1030 O  O     . HOH D 3 .  ? -7.274  1.174   -0.209  1.00 69.61  ? 205 HOH A O     1 
HETATM 1031 O  O     . HOH D 3 .  ? -4.353  3.058   2.095   1.00 69.78  ? 206 HOH A O     1 
HETATM 1032 O  O     . HOH D 3 .  ? -5.980  3.888   -0.157  1.00 71.43  ? 207 HOH A O     1 
HETATM 1033 O  O     . HOH D 3 .  ? -1.158  -0.454  2.650   1.00 69.46  ? 208 HOH A O     1 
HETATM 1034 O  O     . HOH D 3 .  ? -1.517  -2.471  -0.995  1.00 69.42  ? 209 HOH A O     1 
HETATM 1035 O  O     . HOH D 3 .  ? -1.346  0.455   -0.139  1.00 68.29  ? 210 HOH A O     1 
HETATM 1036 O  O     . HOH D 3 .  ? -1.206  -3.249  1.749   1.00 67.87  ? 211 HOH A O     1 
HETATM 1037 O  O     . HOH D 3 .  ? 0.708   -1.280  0.501   1.00 68.19  ? 212 HOH A O     1 
# 
